data_2J1G
#
_entry.id   2J1G
#
_cell.length_a   99.040
_cell.length_b   99.040
_cell.length_c   142.000
_cell.angle_alpha   90.00
_cell.angle_beta   90.00
_cell.angle_gamma   120.00
#
_symmetry.space_group_name_H-M   'P 32'
#
loop_
_entity.id
_entity.type
_entity.pdbx_description
1 polymer FICOLIN-2
2 branched alpha-D-mannopyranose-(1-6)-beta-D-mannopyranose-(1-4)-2-acetamido-2-deoxy-beta-D-glucopyranose-(1-4)-[alpha-L-fucopyranose-(1-6)]2-acetamido-2-deoxy-beta-D-glucopyranose
3 branched 2-acetamido-2-deoxy-beta-D-glucopyranose-(1-4)-2-acetamido-2-deoxy-beta-D-glucopyranose
4 non-polymer 'O-ACETALDEHYDYL-HEXAETHYLENE GLYCOL'
5 non-polymer 'ACETATE ION'
6 non-polymer 'CALCIUM ION'
7 non-polymer N-ACETYL-L-CYSTEINE
8 water water
#
_entity_poly.entity_id   1
_entity_poly.type   'polypeptide(L)'
_entity_poly.pdbx_seq_one_letter_code
;NPCLTGPRTCKDLLDRGHFLSGWHTIYLPDCRPLTVLCDMDTDGGGWTVFQRRVDGSVDFYRDWATYKQGFGSRLGEFWL
GNDNIHALTAQGTSELRTDLVDFEDNYQFAKYRSFKVADEAEKYNLVLGAFVEGSAGDSLTFHNNQSFSTKDQDNDLNTG
NCAVMFQGAWWYKNCHTSNLNGRYLRGTHGSFANGINWKSGKGYNYSYKVSEMKVRPA
;
_entity_poly.pdbx_strand_id   A,B,C,D,E,F
#
loop_
_chem_comp.id
_chem_comp.type
_chem_comp.name
_chem_comp.formula
ACT non-polymer 'ACETATE ION' 'C2 H3 O2 -1'
BMA D-saccharide, beta linking beta-D-mannopyranose 'C6 H12 O6'
CA non-polymer 'CALCIUM ION' 'Ca 2'
FUC L-saccharide, alpha linking alpha-L-fucopyranose 'C6 H12 O5'
MAN D-saccharide, alpha linking alpha-D-mannopyranose 'C6 H12 O6'
NAG D-saccharide, beta linking 2-acetamido-2-deoxy-beta-D-glucopyranose 'C8 H15 N O6'
P4C non-polymer 'O-ACETALDEHYDYL-HEXAETHYLENE GLYCOL' 'C14 H28 O8'
SC2 peptide-like N-ACETYL-L-CYSTEINE 'C5 H9 N O3 S'
#
# COMPACT_ATOMS: atom_id res chain seq x y z
N GLY A 6 -38.65 -1.15 -4.60
CA GLY A 6 -37.60 -0.71 -5.57
C GLY A 6 -37.12 -1.86 -6.44
N PRO A 7 -36.44 -1.54 -7.56
CA PRO A 7 -36.02 -2.54 -8.52
C PRO A 7 -34.92 -3.44 -7.98
N ARG A 8 -35.01 -4.74 -8.27
CA ARG A 8 -34.04 -5.70 -7.76
C ARG A 8 -33.07 -6.15 -8.84
N THR A 9 -33.42 -5.92 -10.10
CA THR A 9 -32.60 -6.34 -11.22
C THR A 9 -32.72 -5.31 -12.34
N CYS A 10 -31.89 -5.43 -13.36
CA CYS A 10 -32.01 -4.58 -14.53
C CYS A 10 -33.27 -4.92 -15.33
N LYS A 11 -33.69 -6.19 -15.27
CA LYS A 11 -34.95 -6.60 -15.89
C LYS A 11 -36.15 -5.87 -15.28
N ASP A 12 -36.11 -5.66 -13.97
CA ASP A 12 -37.12 -4.86 -13.27
C ASP A 12 -37.15 -3.42 -13.77
N LEU A 13 -35.97 -2.81 -13.90
CA LEU A 13 -35.85 -1.44 -14.41
C LEU A 13 -36.42 -1.33 -15.84
N LEU A 14 -36.09 -2.29 -16.69
CA LEU A 14 -36.65 -2.31 -18.04
C LEU A 14 -38.19 -2.36 -18.00
N ASP A 15 -38.73 -3.27 -17.19
CA ASP A 15 -40.17 -3.41 -17.02
C ASP A 15 -40.82 -2.10 -16.57
N ARG A 16 -40.06 -1.28 -15.85
CA ARG A 16 -40.56 0.00 -15.33
C ARG A 16 -40.43 1.19 -16.30
N GLY A 17 -39.89 0.95 -17.48
CA GLY A 17 -39.79 2.01 -18.50
C GLY A 17 -38.42 2.67 -18.64
N HIS A 18 -37.37 2.00 -18.19
CA HIS A 18 -36.01 2.50 -18.40
C HIS A 18 -35.43 1.82 -19.63
N PHE A 19 -35.45 2.50 -20.77
CA PHE A 19 -35.17 1.86 -22.06
C PHE A 19 -33.74 2.03 -22.59
N LEU A 20 -32.96 2.89 -21.95
CA LEU A 20 -31.58 3.14 -22.35
C LEU A 20 -30.59 2.43 -21.43
N SER A 21 -29.56 1.82 -22.02
CA SER A 21 -28.50 1.21 -21.25
C SER A 21 -27.76 2.26 -20.46
N GLY A 22 -27.25 1.89 -19.29
CA GLY A 22 -26.46 2.80 -18.50
C GLY A 22 -26.53 2.35 -17.07
N TRP A 23 -25.98 3.18 -16.19
CA TRP A 23 -25.84 2.85 -14.77
C TRP A 23 -27.09 3.22 -13.98
N HIS A 24 -27.61 2.26 -13.23
CA HIS A 24 -28.83 2.44 -12.45
C HIS A 24 -28.59 1.84 -11.07
N THR A 25 -29.28 2.34 -10.06
CA THR A 25 -29.19 1.68 -8.76
C THR A 25 -30.31 0.67 -8.55
N ILE A 26 -29.91 -0.52 -8.09
CA ILE A 26 -30.83 -1.59 -7.76
C ILE A 26 -30.63 -1.98 -6.31
N TYR A 27 -31.53 -2.79 -5.78
CA TYR A 27 -31.47 -3.20 -4.39
C TYR A 27 -31.25 -4.70 -4.29
N LEU A 28 -30.09 -5.08 -3.77
CA LEU A 28 -29.75 -6.48 -3.58
C LEU A 28 -30.69 -7.16 -2.58
N PRO A 29 -30.78 -8.50 -2.64
CA PRO A 29 -31.64 -9.32 -1.79
C PRO A 29 -31.68 -8.89 -0.32
N ASP A 30 -30.62 -8.23 0.16
CA ASP A 30 -30.59 -7.77 1.55
C ASP A 30 -30.81 -6.27 1.69
N CYS A 31 -31.31 -5.64 0.62
CA CYS A 31 -31.68 -4.23 0.64
C CYS A 31 -30.52 -3.26 0.51
N ARG A 32 -29.32 -3.79 0.29
CA ARG A 32 -28.17 -2.93 0.05
C ARG A 32 -28.22 -2.42 -1.40
N PRO A 33 -28.29 -1.08 -1.57
CA PRO A 33 -28.22 -0.47 -2.89
C PRO A 33 -26.89 -0.68 -3.62
N LEU A 34 -26.97 -0.89 -4.93
CA LEU A 34 -25.80 -1.08 -5.76
C LEU A 34 -26.09 -0.43 -7.10
N THR A 35 -25.15 0.37 -7.59
CA THR A 35 -25.29 0.98 -8.91
C THR A 35 -24.67 0.03 -9.92
N VAL A 36 -25.48 -0.42 -10.87
CA VAL A 36 -25.03 -1.43 -11.83
C VAL A 36 -25.25 -0.95 -13.25
N LEU A 37 -24.51 -1.53 -14.18
CA LEU A 37 -24.71 -1.27 -15.59
C LEU A 37 -25.78 -2.20 -16.16
N CYS A 38 -26.84 -1.61 -16.69
CA CYS A 38 -27.89 -2.37 -17.34
C CYS A 38 -27.75 -2.30 -18.85
N ASP A 39 -27.82 -3.46 -19.51
CA ASP A 39 -27.90 -3.52 -20.97
C ASP A 39 -29.37 -3.70 -21.34
N MET A 40 -29.96 -2.65 -21.88
CA MET A 40 -31.38 -2.67 -22.23
C MET A 40 -31.59 -2.91 -23.71
N ASP A 41 -30.52 -3.03 -24.48
CA ASP A 41 -30.67 -3.10 -25.92
C ASP A 41 -30.30 -4.44 -26.55
N THR A 42 -29.57 -5.25 -25.80
CA THR A 42 -29.10 -6.55 -26.28
C THR A 42 -30.09 -7.67 -26.00
N ASP A 43 -30.51 -8.36 -27.05
CA ASP A 43 -31.23 -9.63 -26.92
C ASP A 43 -32.42 -9.56 -25.95
N GLY A 44 -33.29 -8.58 -26.16
CA GLY A 44 -34.45 -8.40 -25.30
C GLY A 44 -34.21 -7.36 -24.22
N GLY A 45 -32.95 -7.22 -23.80
CA GLY A 45 -32.59 -6.25 -22.76
C GLY A 45 -32.83 -6.76 -21.36
N GLY A 46 -32.46 -5.96 -20.36
CA GLY A 46 -32.63 -6.30 -18.95
C GLY A 46 -31.48 -7.11 -18.36
N TRP A 47 -30.30 -6.98 -18.97
CA TRP A 47 -29.12 -7.68 -18.50
C TRP A 47 -28.35 -6.83 -17.49
N THR A 48 -27.84 -7.46 -16.44
CA THR A 48 -26.94 -6.78 -15.51
C THR A 48 -25.51 -7.16 -15.85
N VAL A 49 -24.70 -6.17 -16.20
CA VAL A 49 -23.34 -6.42 -16.68
C VAL A 49 -22.39 -6.44 -15.49
N PHE A 50 -21.61 -7.51 -15.36
CA PHE A 50 -20.72 -7.64 -14.21
C PHE A 50 -19.25 -7.60 -14.59
N GLN A 51 -18.96 -7.76 -15.88
CA GLN A 51 -17.61 -7.56 -16.41
C GLN A 51 -17.70 -6.78 -17.71
N ARG A 52 -16.78 -5.83 -17.91
CA ARG A 52 -16.71 -5.11 -19.17
C ARG A 52 -15.26 -4.72 -19.49
N ARG A 53 -14.81 -5.03 -20.72
CA ARG A 53 -13.55 -4.52 -21.27
C ARG A 53 -13.88 -3.71 -22.52
N VAL A 54 -13.20 -2.58 -22.72
CA VAL A 54 -13.50 -1.75 -23.88
C VAL A 54 -12.33 -0.93 -24.43
N ASP A 55 -11.37 -0.56 -23.59
CA ASP A 55 -10.28 0.29 -24.05
C ASP A 55 -8.94 0.07 -23.38
N GLY A 56 -8.87 -0.90 -22.46
CA GLY A 56 -7.63 -1.20 -21.77
C GLY A 56 -7.18 -0.11 -20.81
N SER A 57 -8.14 0.68 -20.33
CA SER A 57 -7.83 1.76 -19.41
C SER A 57 -7.65 1.27 -17.98
N VAL A 58 -8.19 0.08 -17.69
CA VAL A 58 -8.18 -0.48 -16.34
C VAL A 58 -7.32 -1.73 -16.21
N ASP A 59 -6.52 -1.79 -15.14
CA ASP A 59 -5.66 -2.94 -14.87
C ASP A 59 -6.45 -4.09 -14.26
N PHE A 60 -6.52 -5.23 -14.95
CA PHE A 60 -7.27 -6.39 -14.45
C PHE A 60 -6.41 -7.47 -13.81
N TYR A 61 -5.12 -7.19 -13.64
CA TYR A 61 -4.21 -8.13 -12.99
C TYR A 61 -4.15 -7.81 -11.50
N ARG A 62 -5.24 -8.12 -10.80
CA ARG A 62 -5.43 -7.71 -9.41
C ARG A 62 -5.45 -8.88 -8.44
N ASP A 63 -5.34 -8.56 -7.16
CA ASP A 63 -5.31 -9.57 -6.10
C ASP A 63 -6.70 -9.98 -5.63
N TRP A 64 -6.75 -10.86 -4.64
CA TRP A 64 -7.99 -11.43 -4.15
C TRP A 64 -8.95 -10.36 -3.63
N ALA A 65 -8.49 -9.54 -2.70
CA ALA A 65 -9.34 -8.50 -2.09
C ALA A 65 -9.97 -7.55 -3.13
N THR A 66 -9.23 -7.26 -4.20
CA THR A 66 -9.71 -6.37 -5.24
C THR A 66 -10.83 -7.00 -6.07
N TYR A 67 -10.66 -8.27 -6.45
CA TYR A 67 -11.73 -8.97 -7.16
C TYR A 67 -12.92 -9.23 -6.25
N LYS A 68 -12.66 -9.38 -4.96
CA LYS A 68 -13.71 -9.56 -3.96
C LYS A 68 -14.67 -8.36 -3.94
N GLN A 69 -14.10 -7.17 -3.83
CA GLN A 69 -14.92 -5.95 -3.67
C GLN A 69 -15.30 -5.27 -4.99
N GLY A 70 -14.58 -5.58 -6.06
CA GLY A 70 -14.85 -4.95 -7.35
C GLY A 70 -13.93 -3.79 -7.63
N PHE A 71 -13.67 -3.52 -8.90
CA PHE A 71 -12.75 -2.47 -9.29
C PHE A 71 -13.06 -2.00 -10.70
N GLY A 72 -12.46 -0.88 -11.08
CA GLY A 72 -12.67 -0.35 -12.42
C GLY A 72 -13.42 0.95 -12.38
N SER A 73 -14.16 1.24 -13.45
CA SER A 73 -14.80 2.52 -13.60
C SER A 73 -16.12 2.39 -14.33
N ARG A 74 -17.09 3.19 -13.94
CA ARG A 74 -18.35 3.31 -14.68
C ARG A 74 -18.13 3.91 -16.07
N LEU A 75 -17.03 4.64 -16.23
CA LEU A 75 -16.71 5.27 -17.52
C LEU A 75 -16.27 4.26 -18.57
N GLY A 76 -15.93 3.05 -18.14
CA GLY A 76 -15.49 2.05 -19.09
C GLY A 76 -15.43 0.64 -18.57
N GLU A 77 -14.26 0.23 -18.09
CA GLU A 77 -14.03 -1.17 -17.74
C GLU A 77 -14.17 -1.41 -16.25
N PHE A 78 -14.75 -2.54 -15.88
CA PHE A 78 -14.92 -2.88 -14.49
C PHE A 78 -15.12 -4.39 -14.27
N TRP A 79 -15.00 -4.78 -13.00
CA TRP A 79 -15.42 -6.07 -12.50
C TRP A 79 -16.30 -5.73 -11.30
N LEU A 80 -17.58 -6.08 -11.35
CA LEU A 80 -18.55 -5.66 -10.33
C LEU A 80 -18.16 -6.09 -8.93
N GLY A 81 -17.43 -7.21 -8.84
CA GLY A 81 -16.97 -7.72 -7.56
C GLY A 81 -17.56 -9.08 -7.23
N ASN A 82 -16.70 -9.98 -6.74
CA ASN A 82 -17.13 -11.34 -6.40
C ASN A 82 -18.23 -11.41 -5.34
N ASP A 83 -18.20 -10.51 -4.36
CA ASP A 83 -19.26 -10.47 -3.35
C ASP A 83 -20.58 -10.05 -3.98
N ASN A 84 -20.52 -9.08 -4.88
CA ASN A 84 -21.72 -8.56 -5.54
C ASN A 84 -22.31 -9.57 -6.53
N ILE A 85 -21.42 -10.27 -7.24
CA ILE A 85 -21.83 -11.22 -8.27
C ILE A 85 -22.49 -12.42 -7.63
N HIS A 86 -22.00 -12.82 -6.45
CA HIS A 86 -22.64 -13.87 -5.67
C HIS A 86 -24.04 -13.44 -5.24
N ALA A 87 -24.13 -12.25 -4.68
CA ALA A 87 -25.41 -11.75 -4.17
C ALA A 87 -26.47 -11.65 -5.27
N LEU A 88 -26.04 -11.31 -6.49
CA LEU A 88 -26.97 -11.15 -7.61
C LEU A 88 -27.67 -12.44 -8.06
N GLU A 95 -29.64 -16.82 -16.14
CA GLU A 95 -28.86 -17.08 -17.40
C GLU A 95 -27.65 -16.12 -17.56
N LEU A 96 -26.63 -16.58 -18.29
N LEU A 96 -26.63 -16.58 -18.31
CA LEU A 96 -25.43 -15.78 -18.56
CA LEU A 96 -25.42 -15.78 -18.55
C LEU A 96 -25.21 -15.60 -20.06
C LEU A 96 -25.22 -15.59 -20.06
N ARG A 97 -24.84 -14.37 -20.45
CA ARG A 97 -24.51 -14.07 -21.84
C ARG A 97 -23.16 -13.36 -21.92
N THR A 98 -22.34 -13.77 -22.88
CA THR A 98 -21.05 -13.15 -23.12
C THR A 98 -21.06 -12.51 -24.50
N ASP A 99 -20.66 -11.24 -24.57
CA ASP A 99 -20.70 -10.51 -25.83
C ASP A 99 -19.31 -10.03 -26.24
N LEU A 100 -18.95 -10.26 -27.52
CA LEU A 100 -17.58 -9.96 -27.98
C LEU A 100 -17.50 -9.19 -29.32
N VAL A 101 -16.61 -8.19 -29.37
CA VAL A 101 -16.42 -7.41 -30.60
C VAL A 101 -14.93 -7.25 -30.95
N ASP A 102 -14.57 -7.49 -32.21
N ASP A 102 -14.58 -7.47 -32.21
CA ASP A 102 -13.18 -7.32 -32.65
CA ASP A 102 -13.21 -7.31 -32.68
C ASP A 102 -12.93 -5.92 -33.20
C ASP A 102 -12.88 -5.85 -32.98
N PHE A 103 -11.67 -5.60 -33.47
CA PHE A 103 -11.27 -4.25 -33.88
C PHE A 103 -11.75 -3.89 -35.30
N GLU A 104 -12.39 -4.84 -35.96
CA GLU A 104 -13.05 -4.57 -37.24
C GLU A 104 -14.55 -4.43 -37.05
N ASP A 105 -14.97 -4.36 -35.79
CA ASP A 105 -16.37 -4.15 -35.41
C ASP A 105 -17.26 -5.33 -35.78
N ASN A 106 -16.71 -6.54 -35.76
CA ASN A 106 -17.49 -7.75 -35.97
C ASN A 106 -18.01 -8.31 -34.64
N TYR A 107 -19.32 -8.47 -34.55
CA TYR A 107 -19.97 -8.88 -33.29
C TYR A 107 -20.19 -10.39 -33.20
N GLN A 108 -19.83 -10.95 -32.05
CA GLN A 108 -20.10 -12.35 -31.73
C GLN A 108 -20.63 -12.47 -30.31
N PHE A 109 -21.23 -13.62 -29.99
CA PHE A 109 -21.82 -13.82 -28.66
C PHE A 109 -21.90 -15.29 -28.27
N ALA A 110 -22.05 -15.53 -26.97
CA ALA A 110 -22.36 -16.86 -26.45
C ALA A 110 -23.56 -16.74 -25.52
N LYS A 111 -24.04 -17.87 -25.00
CA LYS A 111 -25.17 -17.86 -24.06
C LYS A 111 -25.32 -19.16 -23.27
N TYR A 112 -25.53 -19.01 -21.96
N TYR A 112 -25.50 -19.01 -21.96
CA TYR A 112 -25.68 -20.16 -21.07
CA TYR A 112 -25.70 -20.15 -21.07
C TYR A 112 -26.99 -20.11 -20.28
C TYR A 112 -27.07 -20.11 -20.40
N ARG A 113 -27.57 -21.29 -20.03
CA ARG A 113 -28.87 -21.40 -19.39
C ARG A 113 -28.87 -20.97 -17.92
N SER A 114 -27.80 -21.33 -17.21
CA SER A 114 -27.68 -20.96 -15.80
C SER A 114 -26.27 -20.47 -15.47
N PHE A 115 -26.18 -19.65 -14.42
CA PHE A 115 -24.90 -19.13 -13.95
C PHE A 115 -24.99 -18.64 -12.51
N LYS A 116 -23.99 -18.98 -11.70
CA LYS A 116 -23.92 -18.56 -10.31
C LYS A 116 -22.50 -18.73 -9.79
N VAL A 117 -22.14 -17.89 -8.81
CA VAL A 117 -20.88 -18.08 -8.08
C VAL A 117 -21.18 -18.17 -6.60
N ALA A 118 -20.49 -19.07 -5.91
CA ALA A 118 -20.69 -19.25 -4.47
C ALA A 118 -19.95 -18.18 -3.68
N ASP A 119 -20.13 -18.17 -2.36
CA ASP A 119 -19.52 -17.14 -1.52
C ASP A 119 -18.01 -17.34 -1.35
N GLU A 120 -17.38 -16.45 -0.58
CA GLU A 120 -15.93 -16.47 -0.43
C GLU A 120 -15.45 -17.70 0.35
N ALA A 121 -16.32 -18.24 1.21
CA ALA A 121 -16.01 -19.48 1.90
C ALA A 121 -15.81 -20.57 0.86
N GLU A 122 -16.68 -20.59 -0.14
CA GLU A 122 -16.59 -21.53 -1.25
C GLU A 122 -15.56 -21.04 -2.26
N LYS A 123 -14.95 -19.89 -1.95
CA LYS A 123 -13.97 -19.25 -2.80
C LYS A 123 -14.50 -18.95 -4.20
N TYR A 124 -15.75 -18.54 -4.25
CA TYR A 124 -16.42 -18.09 -5.48
C TYR A 124 -16.43 -19.14 -6.60
N ASN A 125 -16.57 -20.40 -6.19
CA ASN A 125 -16.70 -21.51 -7.12
C ASN A 125 -17.75 -21.23 -8.20
N LEU A 126 -17.40 -21.48 -9.46
CA LEU A 126 -18.32 -21.29 -10.57
C LEU A 126 -19.34 -22.42 -10.69
N VAL A 127 -20.62 -22.06 -10.69
CA VAL A 127 -21.68 -23.04 -10.91
C VAL A 127 -22.43 -22.68 -12.19
N LEU A 128 -21.95 -23.23 -13.31
CA LEU A 128 -22.45 -22.84 -14.63
C LEU A 128 -23.75 -23.53 -15.01
N GLY A 129 -23.86 -23.92 -16.28
CA GLY A 129 -25.06 -24.54 -16.82
C GLY A 129 -24.83 -25.02 -18.23
N ALA A 130 -25.90 -25.05 -19.03
CA ALA A 130 -25.84 -25.58 -20.39
C ALA A 130 -25.61 -24.50 -21.43
N PHE A 131 -24.67 -24.74 -22.33
CA PHE A 131 -24.42 -23.86 -23.47
C PHE A 131 -25.60 -23.90 -24.43
N VAL A 132 -26.30 -22.77 -24.57
CA VAL A 132 -27.48 -22.70 -25.41
C VAL A 132 -27.15 -22.49 -26.88
N GLU A 133 -26.41 -21.42 -27.18
CA GLU A 133 -26.00 -21.10 -28.55
C GLU A 133 -24.97 -19.99 -28.54
N GLY A 134 -24.67 -19.46 -29.71
CA GLY A 134 -23.78 -18.31 -29.81
C GLY A 134 -22.75 -18.39 -30.93
N SER A 135 -22.72 -17.36 -31.77
CA SER A 135 -21.79 -17.29 -32.89
C SER A 135 -20.32 -17.31 -32.45
N ALA A 136 -20.07 -16.86 -31.22
CA ALA A 136 -18.70 -16.84 -30.69
C ALA A 136 -18.22 -18.23 -30.28
N GLY A 137 -19.17 -19.15 -30.13
CA GLY A 137 -18.86 -20.54 -29.78
C GLY A 137 -18.70 -20.75 -28.29
N ASP A 138 -18.58 -22.00 -27.88
CA ASP A 138 -18.45 -22.32 -26.46
C ASP A 138 -16.99 -22.41 -26.03
N SER A 139 -16.61 -21.58 -25.07
CA SER A 139 -15.27 -21.63 -24.48
C SER A 139 -15.31 -21.35 -22.99
N LEU A 140 -16.36 -21.82 -22.32
CA LEU A 140 -16.50 -21.63 -20.88
C LEU A 140 -16.95 -22.91 -20.18
N THR A 141 -17.55 -23.84 -20.93
CA THR A 141 -17.87 -25.15 -20.38
C THR A 141 -16.65 -26.06 -20.48
N PHE A 148 -12.34 -19.73 -8.21
CA PHE A 148 -11.76 -18.53 -8.80
C PHE A 148 -10.33 -18.30 -8.30
N SER A 149 -9.43 -18.00 -9.22
CA SER A 149 -8.02 -17.82 -8.87
C SER A 149 -7.53 -16.41 -9.17
N THR A 150 -6.72 -15.86 -8.26
CA THR A 150 -6.03 -14.60 -8.46
C THR A 150 -4.52 -14.80 -8.32
N LYS A 151 -3.75 -13.79 -8.69
CA LYS A 151 -2.28 -13.89 -8.68
C LYS A 151 -1.72 -14.22 -7.30
N ASP A 152 -2.51 -13.99 -6.26
CA ASP A 152 -2.09 -14.26 -4.89
C ASP A 152 -2.93 -15.33 -4.22
N GLN A 153 -3.71 -16.07 -5.02
CA GLN A 153 -4.52 -17.17 -4.51
C GLN A 153 -4.48 -18.38 -5.44
N ASP A 154 -3.60 -19.32 -5.12
CA ASP A 154 -3.40 -20.52 -5.92
C ASP A 154 -4.59 -21.49 -5.80
N ASN A 155 -5.36 -21.63 -6.87
CA ASN A 155 -6.53 -22.52 -6.88
C ASN A 155 -6.71 -23.22 -8.22
N ASP A 156 -5.71 -23.10 -9.10
CA ASP A 156 -5.85 -23.52 -10.50
C ASP A 156 -6.18 -24.99 -10.73
N LEU A 157 -6.95 -25.25 -11.78
CA LEU A 157 -7.13 -26.61 -12.29
C LEU A 157 -6.17 -26.81 -13.46
N ASN A 158 -5.14 -27.61 -13.23
CA ASN A 158 -4.09 -27.86 -14.22
C ASN A 158 -2.71 -27.82 -13.56
N THR A 159 -2.72 -27.82 -12.22
CA THR A 159 -1.51 -27.83 -11.40
C THR A 159 -0.58 -26.62 -11.61
N GLY A 160 0.18 -26.28 -10.57
CA GLY A 160 1.08 -25.13 -10.62
C GLY A 160 0.34 -23.82 -10.48
N ASN A 161 0.68 -22.86 -11.32
CA ASN A 161 0.01 -21.55 -11.33
C ASN A 161 -0.60 -21.24 -12.69
N CYS A 162 -1.54 -20.30 -12.72
CA CYS A 162 -2.21 -19.92 -13.96
C CYS A 162 -2.42 -18.42 -14.05
N ALA A 163 -2.94 -17.83 -12.97
CA ALA A 163 -3.21 -16.40 -12.92
C ALA A 163 -1.95 -15.60 -13.29
N VAL A 164 -0.84 -15.94 -12.65
CA VAL A 164 0.44 -15.29 -12.92
C VAL A 164 0.96 -15.65 -14.32
N MET A 165 0.67 -16.86 -14.76
CA MET A 165 1.13 -17.35 -16.06
C MET A 165 0.44 -16.68 -17.25
N PHE A 166 -0.87 -16.48 -17.13
CA PHE A 166 -1.66 -15.89 -18.22
C PHE A 166 -2.19 -14.50 -17.87
N GLN A 167 -1.64 -13.92 -16.80
CA GLN A 167 -1.89 -12.53 -16.44
C GLN A 167 -3.38 -12.16 -16.44
N GLY A 168 -4.14 -12.83 -15.57
CA GLY A 168 -5.56 -12.56 -15.46
C GLY A 168 -6.15 -13.10 -14.18
N ALA A 169 -7.48 -13.23 -14.17
CA ALA A 169 -8.19 -13.86 -13.05
C ALA A 169 -9.40 -14.57 -13.62
N TRP A 170 -9.54 -15.85 -13.28
CA TRP A 170 -10.55 -16.69 -13.91
C TRP A 170 -10.72 -17.97 -13.12
N TRP A 171 -11.67 -18.80 -13.55
CA TRP A 171 -11.86 -20.11 -12.95
C TRP A 171 -10.92 -21.11 -13.60
N TYR A 172 -9.62 -20.88 -13.43
CA TYR A 172 -8.59 -21.69 -14.05
C TYR A 172 -8.66 -23.15 -13.61
N HIS A 176 -7.08 -23.09 -19.28
CA HIS A 176 -8.29 -22.38 -19.66
C HIS A 176 -8.49 -22.36 -21.19
N THR A 177 -9.72 -22.11 -21.61
CA THR A 177 -10.00 -21.86 -23.03
C THR A 177 -10.50 -20.44 -23.22
N SER A 178 -10.75 -19.75 -22.12
CA SER A 178 -11.20 -18.36 -22.14
C SER A 178 -10.47 -17.57 -21.05
N ASN A 179 -10.29 -16.28 -21.28
CA ASN A 179 -9.47 -15.46 -20.41
C ASN A 179 -9.89 -13.99 -20.50
N LEU A 180 -11.14 -13.71 -20.17
CA LEU A 180 -11.70 -12.37 -20.38
C LEU A 180 -11.14 -11.31 -19.44
N ASN A 181 -10.53 -11.72 -18.34
CA ASN A 181 -9.89 -10.77 -17.45
C ASN A 181 -8.39 -10.64 -17.77
N GLY A 182 -8.00 -11.12 -18.95
CA GLY A 182 -6.62 -11.06 -19.41
C GLY A 182 -6.21 -9.68 -19.88
N ARG A 183 -4.99 -9.56 -20.42
CA ARG A 183 -4.45 -8.26 -20.80
C ARG A 183 -5.13 -7.69 -22.04
N TYR A 184 -5.35 -6.37 -22.05
CA TYR A 184 -5.92 -5.71 -23.22
C TYR A 184 -4.83 -5.53 -24.26
N LEU A 185 -4.54 -6.61 -24.99
CA LEU A 185 -3.42 -6.63 -25.90
C LEU A 185 -3.73 -6.05 -27.28
N ARG A 186 -5.01 -5.74 -27.50
CA ARG A 186 -5.45 -5.08 -28.75
C ARG A 186 -5.21 -5.91 -30.01
N GLY A 187 -6.12 -6.83 -30.28
CA GLY A 187 -6.07 -7.64 -31.51
C GLY A 187 -5.01 -8.72 -31.47
N THR A 188 -4.44 -9.01 -32.63
CA THR A 188 -3.48 -10.10 -32.78
C THR A 188 -2.25 -9.87 -31.92
N HIS A 189 -1.83 -10.89 -31.18
CA HIS A 189 -0.63 -10.78 -30.36
C HIS A 189 0.24 -12.05 -30.42
N GLY A 190 1.55 -11.85 -30.35
CA GLY A 190 2.51 -12.96 -30.40
C GLY A 190 2.53 -13.80 -29.14
N SER A 191 2.33 -13.15 -27.99
CA SER A 191 2.30 -13.85 -26.70
C SER A 191 1.13 -14.85 -26.67
N PHE A 192 1.25 -15.87 -25.83
CA PHE A 192 0.30 -16.97 -25.85
C PHE A 192 -0.79 -16.90 -24.78
N ALA A 193 -2.03 -16.82 -25.23
CA ALA A 193 -3.21 -16.98 -24.37
C ALA A 193 -3.27 -16.07 -23.15
N ASN A 194 -2.63 -14.90 -23.26
CA ASN A 194 -2.57 -13.95 -22.14
C ASN A 194 -3.36 -12.65 -22.38
N GLY A 195 -4.18 -12.65 -23.42
CA GLY A 195 -5.02 -11.49 -23.69
C GLY A 195 -6.47 -11.78 -23.37
N ILE A 196 -7.37 -10.91 -23.82
CA ILE A 196 -8.80 -11.15 -23.68
C ILE A 196 -9.22 -12.16 -24.74
N ASN A 197 -9.03 -13.44 -24.42
CA ASN A 197 -9.14 -14.49 -25.41
C ASN A 197 -10.37 -15.37 -25.24
N TRP A 198 -10.86 -15.90 -26.36
CA TRP A 198 -11.97 -16.82 -26.38
C TRP A 198 -11.67 -17.84 -27.48
N LYS A 199 -11.14 -18.99 -27.07
CA LYS A 199 -10.65 -20.00 -28.02
C LYS A 199 -11.52 -20.16 -29.25
N SER A 200 -12.78 -20.52 -29.05
CA SER A 200 -13.70 -20.80 -30.15
C SER A 200 -14.02 -19.56 -30.98
N GLY A 201 -13.67 -18.39 -30.45
CA GLY A 201 -13.91 -17.12 -31.13
C GLY A 201 -12.77 -16.73 -32.06
N LYS A 202 -11.73 -16.13 -31.51
CA LYS A 202 -10.58 -15.71 -32.32
C LYS A 202 -9.27 -16.36 -31.88
N GLY A 203 -9.33 -17.26 -30.89
CA GLY A 203 -8.17 -18.06 -30.50
C GLY A 203 -7.31 -17.49 -29.38
N TYR A 204 -6.15 -18.08 -29.18
CA TYR A 204 -5.24 -17.71 -28.09
C TYR A 204 -4.30 -16.56 -28.46
N ASN A 205 -4.44 -16.05 -29.67
CA ASN A 205 -3.55 -14.98 -30.14
C ASN A 205 -4.28 -13.75 -30.65
N TYR A 206 -5.52 -13.58 -30.21
CA TYR A 206 -6.30 -12.40 -30.57
C TYR A 206 -7.10 -11.88 -29.37
N SER A 207 -6.82 -10.64 -28.97
CA SER A 207 -7.49 -10.01 -27.83
C SER A 207 -8.62 -9.08 -28.29
N TYR A 208 -9.84 -9.39 -27.88
CA TYR A 208 -11.02 -8.61 -28.26
C TYR A 208 -10.96 -7.13 -27.91
N LYS A 209 -11.69 -6.33 -28.70
CA LYS A 209 -11.81 -4.90 -28.47
C LYS A 209 -12.77 -4.66 -27.31
N VAL A 210 -13.90 -5.36 -27.37
CA VAL A 210 -14.96 -5.25 -26.39
C VAL A 210 -15.35 -6.62 -25.84
N SER A 211 -15.50 -6.71 -24.52
CA SER A 211 -15.95 -7.93 -23.85
C SER A 211 -16.95 -7.58 -22.76
N GLU A 212 -18.04 -8.34 -22.66
CA GLU A 212 -19.03 -8.10 -21.61
C GLU A 212 -19.66 -9.40 -21.13
N MET A 213 -19.73 -9.59 -19.82
CA MET A 213 -20.42 -10.74 -19.26
C MET A 213 -21.58 -10.20 -18.45
N LYS A 214 -22.78 -10.69 -18.71
CA LYS A 214 -24.00 -10.11 -18.12
C LYS A 214 -24.98 -11.21 -17.74
N VAL A 215 -25.83 -10.94 -16.75
CA VAL A 215 -26.85 -11.90 -16.32
C VAL A 215 -28.28 -11.35 -16.32
N ARG A 216 -29.27 -12.24 -16.31
CA ARG A 216 -30.68 -11.86 -16.35
C ARG A 216 -31.55 -13.02 -15.85
N PRO A 217 -32.58 -12.72 -15.02
CA PRO A 217 -33.46 -13.74 -14.45
C PRO A 217 -34.03 -14.72 -15.49
N PRO B 2 -29.22 16.58 4.10
CA PRO B 2 -28.50 16.06 2.94
C PRO B 2 -26.99 16.26 3.11
N CYS B 3 -26.59 17.51 3.27
CA CYS B 3 -25.21 17.84 3.56
C CYS B 3 -24.78 17.32 4.94
N LEU B 4 -25.72 17.26 5.88
CA LEU B 4 -25.45 16.72 7.23
C LEU B 4 -24.91 15.30 7.22
N THR B 5 -25.43 14.47 6.33
CA THR B 5 -25.04 13.07 6.30
C THR B 5 -24.30 12.68 5.02
N GLY B 6 -24.24 13.59 4.06
CA GLY B 6 -23.61 13.30 2.77
C GLY B 6 -22.09 13.32 2.79
N PRO B 7 -21.45 12.74 1.77
CA PRO B 7 -20.00 12.69 1.70
C PRO B 7 -19.46 14.07 1.34
N ARG B 8 -18.31 14.43 1.90
CA ARG B 8 -17.70 15.73 1.59
C ARG B 8 -16.54 15.59 0.63
N THR B 9 -16.06 14.36 0.42
CA THR B 9 -14.97 14.11 -0.52
C THR B 9 -15.19 12.75 -1.16
N CYS B 10 -14.40 12.45 -2.18
CA CYS B 10 -14.45 11.13 -2.80
C CYS B 10 -13.89 10.08 -1.86
N LYS B 11 -12.98 10.49 -0.97
CA LYS B 11 -12.44 9.60 0.05
C LYS B 11 -13.53 9.10 0.98
N ASP B 12 -14.43 10.01 1.37
CA ASP B 12 -15.64 9.61 2.13
C ASP B 12 -16.45 8.56 1.39
N LEU B 13 -16.61 8.72 0.09
CA LEU B 13 -17.37 7.75 -0.70
C LEU B 13 -16.68 6.38 -0.72
N LEU B 14 -15.37 6.37 -0.92
CA LEU B 14 -14.61 5.13 -0.85
C LEU B 14 -14.81 4.44 0.50
N ASP B 15 -14.74 5.22 1.57
CA ASP B 15 -14.91 4.68 2.91
C ASP B 15 -16.31 4.09 3.11
N ARG B 16 -17.29 4.61 2.38
CA ARG B 16 -18.67 4.12 2.51
C ARG B 16 -18.98 2.94 1.60
N GLY B 17 -18.01 2.52 0.80
CA GLY B 17 -18.19 1.30 0.03
C GLY B 17 -18.48 1.51 -1.45
N HIS B 18 -18.16 2.69 -1.95
CA HIS B 18 -18.26 2.93 -3.39
C HIS B 18 -16.91 2.63 -4.03
N PHE B 19 -16.83 1.49 -4.71
CA PHE B 19 -15.54 0.94 -5.12
C PHE B 19 -15.23 1.18 -6.59
N LEU B 20 -16.23 1.54 -7.37
CA LEU B 20 -16.02 1.86 -8.78
C LEU B 20 -15.82 3.36 -8.98
N SER B 21 -14.84 3.72 -9.79
CA SER B 21 -14.68 5.09 -10.22
C SER B 21 -15.96 5.52 -10.94
N GLY B 22 -16.29 6.80 -10.88
CA GLY B 22 -17.47 7.34 -11.54
C GLY B 22 -17.91 8.66 -10.93
N TRP B 23 -18.98 9.23 -11.47
CA TRP B 23 -19.48 10.53 -11.00
C TRP B 23 -20.41 10.39 -9.79
N HIS B 24 -20.11 11.12 -8.72
CA HIS B 24 -20.89 11.07 -7.49
C HIS B 24 -21.09 12.49 -7.00
N THR B 25 -22.18 12.76 -6.31
CA THR B 25 -22.31 14.08 -5.71
C THR B 25 -21.66 14.15 -4.31
N ILE B 26 -20.86 15.20 -4.10
CA ILE B 26 -20.28 15.48 -2.79
C ILE B 26 -20.77 16.85 -2.33
N TYR B 27 -20.55 17.16 -1.06
CA TYR B 27 -20.95 18.44 -0.50
C TYR B 27 -19.74 19.26 -0.11
N LEU B 28 -19.61 20.41 -0.75
CA LEU B 28 -18.47 21.31 -0.53
C LEU B 28 -18.50 21.90 0.89
N PRO B 29 -17.37 22.46 1.34
CA PRO B 29 -17.32 23.00 2.70
C PRO B 29 -18.48 23.94 3.02
N ASP B 30 -19.10 24.54 2.00
CA ASP B 30 -20.24 25.42 2.21
C ASP B 30 -21.59 24.76 1.96
N CYS B 31 -21.59 23.42 1.88
CA CYS B 31 -22.82 22.64 1.68
C CYS B 31 -23.32 22.59 0.23
N ARG B 32 -22.68 23.36 -0.66
CA ARG B 32 -23.03 23.30 -2.06
C ARG B 32 -22.72 21.90 -2.60
N PRO B 33 -23.71 21.24 -3.21
CA PRO B 33 -23.48 19.95 -3.83
C PRO B 33 -22.75 20.08 -5.17
N LEU B 34 -21.84 19.15 -5.46
CA LEU B 34 -21.07 19.19 -6.71
C LEU B 34 -20.91 17.77 -7.19
N THR B 35 -21.31 17.50 -8.43
CA THR B 35 -21.08 16.18 -8.98
C THR B 35 -19.67 16.09 -9.54
N VAL B 36 -18.84 15.25 -8.92
CA VAL B 36 -17.44 15.12 -9.31
C VAL B 36 -17.11 13.70 -9.70
N LEU B 37 -16.02 13.55 -10.43
CA LEU B 37 -15.52 12.25 -10.84
C LEU B 37 -14.56 11.73 -9.77
N CYS B 38 -14.92 10.60 -9.17
CA CYS B 38 -14.06 9.96 -8.17
C CYS B 38 -13.21 8.88 -8.83
N ASP B 39 -11.91 8.91 -8.59
CA ASP B 39 -11.03 7.81 -9.00
C ASP B 39 -10.82 6.89 -7.77
N MET B 40 -11.45 5.73 -7.79
CA MET B 40 -11.42 4.79 -6.67
C MET B 40 -10.38 3.71 -6.89
N ASP B 41 -9.69 3.77 -8.02
CA ASP B 41 -8.82 2.68 -8.47
C ASP B 41 -7.34 3.00 -8.19
N THR B 42 -6.89 4.18 -8.60
CA THR B 42 -5.48 4.58 -8.56
C THR B 42 -4.93 4.82 -7.16
N ASP B 43 -3.81 4.19 -6.85
CA ASP B 43 -3.02 4.53 -5.66
C ASP B 43 -3.90 4.64 -4.42
N GLY B 44 -4.69 3.61 -4.17
CA GLY B 44 -5.48 3.55 -2.94
C GLY B 44 -6.91 4.04 -3.12
N GLY B 45 -7.14 4.82 -4.18
CA GLY B 45 -8.48 5.35 -4.45
C GLY B 45 -8.84 6.51 -3.56
N GLY B 46 -10.00 7.11 -3.81
CA GLY B 46 -10.47 8.22 -2.99
C GLY B 46 -10.09 9.58 -3.55
N TRP B 47 -9.70 9.63 -4.83
CA TRP B 47 -9.27 10.89 -5.46
C TRP B 47 -10.44 11.61 -6.15
N THR B 48 -10.47 12.94 -6.04
CA THR B 48 -11.42 13.76 -6.79
C THR B 48 -10.71 14.31 -8.03
N VAL B 49 -11.20 13.94 -9.22
CA VAL B 49 -10.54 14.35 -10.47
C VAL B 49 -11.05 15.72 -10.93
N PHE B 50 -10.15 16.68 -11.13
CA PHE B 50 -10.57 18.01 -11.55
C PHE B 50 -10.20 18.37 -13.00
N GLN B 51 -9.34 17.55 -13.60
CA GLN B 51 -8.96 17.69 -15.02
C GLN B 51 -8.85 16.31 -15.65
N ARG B 52 -9.43 16.16 -16.85
CA ARG B 52 -9.30 14.89 -17.58
C ARG B 52 -9.22 15.11 -19.08
N ARG B 53 -8.21 14.49 -19.71
CA ARG B 53 -8.06 14.50 -21.17
C ARG B 53 -7.97 13.04 -21.57
N VAL B 54 -8.69 12.64 -22.62
CA VAL B 54 -8.68 11.24 -23.02
C VAL B 54 -8.85 10.99 -24.53
N ASP B 55 -9.37 11.98 -25.27
CA ASP B 55 -9.68 11.73 -26.68
C ASP B 55 -9.73 12.96 -27.58
N GLY B 56 -9.48 14.15 -27.03
CA GLY B 56 -9.47 15.37 -27.84
C GLY B 56 -10.85 15.86 -28.29
N SER B 57 -11.91 15.33 -27.67
CA SER B 57 -13.29 15.74 -27.98
C SER B 57 -13.68 17.14 -27.49
N VAL B 58 -12.95 17.65 -26.51
CA VAL B 58 -13.29 18.95 -25.91
C VAL B 58 -12.21 20.00 -26.19
N ASP B 59 -12.63 21.20 -26.56
CA ASP B 59 -11.72 22.33 -26.77
C ASP B 59 -11.30 22.94 -25.43
N PHE B 60 -10.00 22.91 -25.11
CA PHE B 60 -9.48 23.44 -23.86
C PHE B 60 -8.89 24.84 -24.03
N TYR B 61 -8.99 25.37 -25.25
CA TYR B 61 -8.43 26.70 -25.53
C TYR B 61 -9.52 27.72 -25.26
N ARG B 62 -9.80 27.93 -23.97
CA ARG B 62 -10.98 28.66 -23.55
C ARG B 62 -10.62 29.89 -22.71
N ASP B 63 -11.58 30.78 -22.54
CA ASP B 63 -11.33 32.05 -21.89
C ASP B 63 -11.44 31.97 -20.34
N TRP B 64 -11.13 33.08 -19.68
CA TRP B 64 -11.14 33.13 -18.22
C TRP B 64 -12.49 32.69 -17.62
N ALA B 65 -13.57 33.27 -18.14
CA ALA B 65 -14.92 32.98 -17.65
C ALA B 65 -15.22 31.47 -17.70
N THR B 66 -14.83 30.84 -18.79
CA THR B 66 -15.10 29.42 -19.02
C THR B 66 -14.28 28.55 -18.07
N TYR B 67 -13.00 28.88 -17.90
CA TYR B 67 -12.17 28.17 -16.91
C TYR B 67 -12.67 28.37 -15.48
N LYS B 68 -13.21 29.55 -15.20
CA LYS B 68 -13.72 29.88 -13.86
C LYS B 68 -14.90 28.99 -13.47
N GLN B 69 -15.83 28.80 -14.40
CA GLN B 69 -17.06 28.05 -14.10
C GLN B 69 -16.91 26.53 -14.39
N GLY B 70 -15.95 26.17 -15.24
CA GLY B 70 -15.77 24.77 -15.64
C GLY B 70 -16.41 24.46 -16.98
N PHE B 71 -15.90 23.45 -17.68
CA PHE B 71 -16.44 23.10 -19.00
C PHE B 71 -16.09 21.66 -19.35
N GLY B 72 -16.77 21.12 -20.36
CA GLY B 72 -16.50 19.77 -20.83
C GLY B 72 -17.68 18.86 -20.55
N SER B 73 -17.39 17.57 -20.38
CA SER B 73 -18.44 16.56 -20.34
C SER B 73 -18.09 15.46 -19.37
N ARG B 74 -19.10 15.00 -18.63
CA ARG B 74 -18.96 13.83 -17.76
C ARG B 74 -18.68 12.56 -18.54
N LEU B 75 -19.00 12.60 -19.83
CA LEU B 75 -18.78 11.45 -20.69
C LEU B 75 -17.32 11.31 -21.02
N GLY B 76 -16.52 12.35 -20.78
CA GLY B 76 -15.11 12.25 -21.12
C GLY B 76 -14.13 13.27 -20.56
N GLU B 77 -14.01 14.39 -21.25
CA GLU B 77 -12.97 15.36 -20.88
C GLU B 77 -13.58 16.59 -20.23
N PHE B 78 -12.86 17.19 -19.28
CA PHE B 78 -13.42 18.33 -18.58
C PHE B 78 -12.35 19.07 -17.78
N TRP B 79 -12.68 20.31 -17.43
CA TRP B 79 -11.98 21.08 -16.39
C TRP B 79 -13.08 21.39 -15.37
N LEU B 80 -12.93 20.93 -14.13
CA LEU B 80 -14.00 21.05 -13.13
C LEU B 80 -14.41 22.50 -12.82
N GLY B 81 -13.47 23.43 -13.01
CA GLY B 81 -13.74 24.86 -12.83
C GLY B 81 -12.88 25.44 -11.72
N ASN B 82 -12.29 26.61 -11.96
CA ASN B 82 -11.41 27.22 -10.96
C ASN B 82 -12.09 27.55 -9.61
N ASP B 83 -13.33 28.05 -9.66
CA ASP B 83 -14.05 28.28 -8.40
C ASP B 83 -14.28 26.99 -7.61
N ASN B 84 -14.61 25.90 -8.31
CA ASN B 84 -14.78 24.59 -7.65
C ASN B 84 -13.46 24.04 -7.10
N ILE B 85 -12.40 24.19 -7.87
CA ILE B 85 -11.09 23.73 -7.42
C ILE B 85 -10.61 24.51 -6.19
N HIS B 86 -10.83 25.82 -6.19
CA HIS B 86 -10.56 26.60 -4.99
C HIS B 86 -11.39 26.10 -3.79
N ALA B 87 -12.69 25.93 -3.99
CA ALA B 87 -13.56 25.44 -2.93
C ALA B 87 -13.05 24.11 -2.34
N LEU B 88 -12.63 23.21 -3.21
CA LEU B 88 -12.22 21.86 -2.81
C LEU B 88 -10.90 21.82 -2.05
N THR B 89 -10.05 22.82 -2.31
CA THR B 89 -8.69 22.80 -1.77
C THR B 89 -8.38 23.92 -0.77
N ALA B 90 -9.34 24.82 -0.55
CA ALA B 90 -9.11 26.04 0.27
C ALA B 90 -8.76 25.75 1.73
N GLN B 91 -9.29 24.65 2.26
CA GLN B 91 -9.12 24.28 3.66
C GLN B 91 -8.71 22.82 3.79
N GLY B 92 -8.01 22.49 4.88
CA GLY B 92 -7.43 21.16 5.03
C GLY B 92 -6.27 20.97 4.08
N THR B 93 -5.69 19.78 4.05
CA THR B 93 -4.58 19.56 3.14
C THR B 93 -5.00 18.50 2.13
N SER B 94 -5.05 18.89 0.85
CA SER B 94 -5.24 17.96 -0.25
C SER B 94 -3.89 17.66 -0.89
N GLU B 95 -3.56 16.39 -1.10
CA GLU B 95 -2.41 16.03 -1.94
C GLU B 95 -2.89 16.03 -3.39
N LEU B 96 -1.95 16.13 -4.32
CA LEU B 96 -2.24 16.15 -5.74
C LEU B 96 -1.53 15.01 -6.43
N ARG B 97 -2.23 14.32 -7.33
CA ARG B 97 -1.60 13.34 -8.19
C ARG B 97 -1.92 13.68 -9.64
N THR B 98 -0.93 13.56 -10.50
CA THR B 98 -1.11 13.77 -11.91
C THR B 98 -0.81 12.44 -12.59
N ASP B 99 -1.75 11.92 -13.37
CA ASP B 99 -1.55 10.64 -14.07
C ASP B 99 -1.51 10.88 -15.57
N LEU B 100 -0.52 10.29 -16.25
CA LEU B 100 -0.30 10.53 -17.68
C LEU B 100 -0.10 9.21 -18.39
N VAL B 101 -0.72 9.05 -19.57
CA VAL B 101 -0.52 7.84 -20.36
C VAL B 101 -0.18 8.23 -21.79
N ASP B 102 0.85 7.62 -22.36
CA ASP B 102 1.19 7.95 -23.73
C ASP B 102 0.46 7.01 -24.70
N PHE B 103 0.69 7.19 -25.99
CA PHE B 103 -0.04 6.40 -26.99
C PHE B 103 0.54 5.02 -27.18
N GLU B 104 1.62 4.74 -26.44
CA GLU B 104 2.23 3.42 -26.48
C GLU B 104 1.97 2.65 -25.19
N ASP B 105 1.01 3.13 -24.40
CA ASP B 105 0.52 2.41 -23.23
C ASP B 105 1.43 2.54 -22.02
N ASN B 106 2.39 3.46 -22.07
CA ASN B 106 3.27 3.71 -20.94
C ASN B 106 2.61 4.69 -19.97
N TYR B 107 2.56 4.31 -18.69
CA TYR B 107 1.96 5.15 -17.64
C TYR B 107 3.03 5.88 -16.83
N GLN B 108 2.84 7.17 -16.58
CA GLN B 108 3.72 7.92 -15.70
C GLN B 108 2.84 8.72 -14.74
N PHE B 109 3.39 9.09 -13.59
CA PHE B 109 2.65 9.91 -12.65
C PHE B 109 3.58 10.87 -11.90
N ALA B 110 2.99 11.88 -11.26
CA ALA B 110 3.71 12.73 -10.32
C ALA B 110 2.80 12.98 -9.10
N LYS B 111 3.39 13.04 -7.92
CA LYS B 111 2.63 13.23 -6.69
C LYS B 111 3.23 14.35 -5.85
N TYR B 112 2.35 15.21 -5.32
CA TYR B 112 2.75 16.39 -4.57
C TYR B 112 2.11 16.37 -3.19
N ARG B 113 2.86 16.82 -2.17
CA ARG B 113 2.44 16.68 -0.77
C ARG B 113 1.19 17.51 -0.44
N SER B 114 1.04 18.65 -1.11
CA SER B 114 -0.13 19.48 -0.91
C SER B 114 -0.39 20.30 -2.17
N PHE B 115 -1.60 20.80 -2.29
CA PHE B 115 -2.01 21.53 -3.48
C PHE B 115 -3.23 22.35 -3.11
N LYS B 116 -3.16 23.65 -3.41
CA LYS B 116 -4.22 24.60 -3.14
C LYS B 116 -4.26 25.62 -4.28
N VAL B 117 -5.43 25.96 -4.79
CA VAL B 117 -5.50 27.14 -5.63
C VAL B 117 -6.28 28.23 -4.89
N ALA B 118 -5.75 29.45 -4.96
CA ALA B 118 -6.32 30.59 -4.22
C ALA B 118 -7.58 31.09 -4.93
N ASP B 119 -8.18 32.15 -4.41
CA ASP B 119 -9.49 32.58 -4.95
C ASP B 119 -9.30 33.43 -6.19
N GLU B 120 -10.41 33.85 -6.81
CA GLU B 120 -10.35 34.61 -8.04
C GLU B 120 -9.60 35.93 -7.88
N ALA B 121 -9.77 36.60 -6.74
CA ALA B 121 -9.06 37.85 -6.47
C ALA B 121 -7.54 37.68 -6.49
N GLU B 122 -7.08 36.49 -6.11
CA GLU B 122 -5.67 36.13 -6.19
C GLU B 122 -5.31 35.42 -7.50
N LYS B 123 -6.19 35.53 -8.49
CA LYS B 123 -6.02 34.93 -9.81
C LYS B 123 -5.74 33.44 -9.75
N TYR B 124 -6.37 32.77 -8.79
CA TYR B 124 -6.28 31.33 -8.63
C TYR B 124 -4.83 30.90 -8.53
N ASN B 125 -4.04 31.72 -7.82
CA ASN B 125 -2.63 31.46 -7.51
C ASN B 125 -2.42 30.00 -7.09
N LEU B 126 -1.41 29.37 -7.67
CA LEU B 126 -1.02 27.99 -7.34
C LEU B 126 -0.17 27.98 -6.07
N VAL B 127 -0.62 27.22 -5.07
CA VAL B 127 0.15 26.97 -3.85
C VAL B 127 0.45 25.47 -3.74
N LEU B 128 1.67 25.11 -4.11
CA LEU B 128 2.02 23.71 -4.29
C LEU B 128 3.05 23.27 -3.23
N GLY B 129 2.81 22.09 -2.64
CA GLY B 129 3.74 21.51 -1.67
C GLY B 129 4.85 20.70 -2.34
N ALA B 130 5.65 20.01 -1.54
CA ALA B 130 6.82 19.29 -2.05
C ALA B 130 6.47 18.16 -3.01
N PHE B 131 7.32 17.95 -4.02
CA PHE B 131 7.24 16.80 -4.88
C PHE B 131 7.54 15.56 -4.05
N VAL B 132 6.68 14.55 -4.13
CA VAL B 132 6.88 13.35 -3.33
C VAL B 132 7.62 12.29 -4.11
N GLU B 133 7.11 11.96 -5.29
CA GLU B 133 7.67 10.90 -6.13
C GLU B 133 6.92 10.91 -7.44
N GLY B 134 7.43 10.17 -8.40
CA GLY B 134 6.73 10.08 -9.67
C GLY B 134 7.59 9.80 -10.87
N SER B 135 7.18 8.80 -11.63
CA SER B 135 7.89 8.39 -12.83
C SER B 135 7.88 9.47 -13.92
N ALA B 136 6.96 10.43 -13.82
CA ALA B 136 6.90 11.51 -14.80
C ALA B 136 7.91 12.65 -14.51
N GLY B 137 8.50 12.61 -13.32
CA GLY B 137 9.40 13.67 -12.87
C GLY B 137 8.60 14.89 -12.45
N ASP B 138 9.28 15.86 -11.84
CA ASP B 138 8.61 17.04 -11.35
C ASP B 138 8.60 18.17 -12.38
N SER B 139 7.47 18.36 -13.05
CA SER B 139 7.32 19.53 -13.94
C SER B 139 6.19 20.45 -13.47
N LEU B 140 6.00 20.56 -12.16
CA LEU B 140 5.00 21.50 -11.63
C LEU B 140 5.56 22.46 -10.57
N THR B 141 6.60 22.06 -9.85
CA THR B 141 7.21 22.95 -8.84
C THR B 141 7.64 24.27 -9.46
N PHE B 142 8.11 24.19 -10.70
CA PHE B 142 8.50 25.35 -11.50
C PHE B 142 7.39 26.41 -11.52
N HIS B 143 6.14 25.95 -11.46
CA HIS B 143 4.98 26.81 -11.59
C HIS B 143 4.38 27.30 -10.29
N ASN B 144 4.98 26.92 -9.16
CA ASN B 144 4.45 27.34 -7.86
C ASN B 144 4.41 28.87 -7.72
N ASN B 145 3.35 29.37 -7.07
CA ASN B 145 3.21 30.79 -6.76
C ASN B 145 3.06 31.65 -8.01
N GLN B 146 2.46 31.09 -9.05
CA GLN B 146 2.05 31.89 -10.22
C GLN B 146 0.53 31.99 -10.34
N SER B 147 0.05 33.14 -10.83
CA SER B 147 -1.35 33.31 -11.24
C SER B 147 -1.71 32.32 -12.35
N PHE B 148 -2.99 31.99 -12.45
CA PHE B 148 -3.51 31.28 -13.62
C PHE B 148 -3.66 32.31 -14.73
N SER B 149 -3.45 31.88 -15.99
CA SER B 149 -3.59 32.77 -17.15
C SER B 149 -4.38 32.04 -18.23
N THR B 150 -5.25 32.76 -18.93
CA THR B 150 -5.94 32.22 -20.10
C THR B 150 -5.66 33.15 -21.29
N LYS B 151 -6.11 32.79 -22.48
CA LYS B 151 -5.82 33.61 -23.67
C LYS B 151 -6.24 35.06 -23.49
N ASP B 152 -7.36 35.31 -22.82
CA ASP B 152 -7.89 36.68 -22.66
C ASP B 152 -7.46 37.37 -21.37
N GLN B 153 -6.73 36.64 -20.52
CA GLN B 153 -6.26 37.15 -19.25
C GLN B 153 -4.82 36.75 -19.01
N ASP B 154 -3.91 37.62 -19.43
CA ASP B 154 -2.48 37.35 -19.37
C ASP B 154 -1.91 37.84 -18.04
N ASN B 155 -1.64 36.89 -17.14
CA ASN B 155 -1.11 37.19 -15.82
C ASN B 155 0.27 36.55 -15.68
N ASP B 156 0.90 36.21 -16.80
CA ASP B 156 2.13 35.42 -16.78
C ASP B 156 3.36 36.34 -16.62
N LEU B 157 4.56 35.76 -16.64
CA LEU B 157 5.78 36.55 -16.46
C LEU B 157 6.56 36.68 -17.79
N ASN B 158 5.87 36.48 -18.89
CA ASN B 158 6.44 36.62 -20.23
C ASN B 158 5.98 37.93 -20.86
N THR B 159 6.83 38.52 -21.70
CA THR B 159 6.49 39.77 -22.36
C THR B 159 5.46 39.56 -23.46
N GLY B 160 5.29 38.32 -23.88
CA GLY B 160 4.23 37.92 -24.80
C GLY B 160 3.11 37.24 -24.02
N ASN B 161 2.23 36.54 -24.74
CA ASN B 161 1.08 35.89 -24.12
C ASN B 161 1.28 34.37 -24.13
N CYS B 162 1.66 33.77 -22.99
CA CYS B 162 1.97 32.33 -22.96
C CYS B 162 0.77 31.48 -23.35
N ALA B 163 -0.40 31.84 -22.84
CA ALA B 163 -1.62 31.09 -23.16
C ALA B 163 -1.87 30.98 -24.67
N VAL B 164 -1.66 32.08 -25.40
CA VAL B 164 -1.81 32.07 -26.85
C VAL B 164 -0.68 31.30 -27.51
N MET B 165 0.57 31.56 -27.10
CA MET B 165 1.72 30.91 -27.69
C MET B 165 1.68 29.38 -27.52
N PHE B 166 1.20 28.92 -26.37
CA PHE B 166 1.20 27.49 -26.10
C PHE B 166 -0.18 26.88 -26.05
N GLN B 167 -1.15 27.67 -26.53
CA GLN B 167 -2.49 27.19 -26.82
C GLN B 167 -3.11 26.39 -25.68
N GLY B 168 -3.15 27.00 -24.50
CA GLY B 168 -3.69 26.34 -23.32
C GLY B 168 -4.15 27.34 -22.28
N ALA B 169 -4.15 26.93 -21.03
CA ALA B 169 -4.47 27.79 -19.89
C ALA B 169 -3.79 27.13 -18.72
N TRP B 170 -3.02 27.90 -17.94
CA TRP B 170 -2.13 27.29 -16.94
C TRP B 170 -1.57 28.38 -16.05
N TRP B 171 -0.79 27.96 -15.03
CA TRP B 171 -0.11 28.90 -14.16
C TRP B 171 1.22 29.28 -14.80
N TYR B 172 1.12 29.89 -15.99
CA TYR B 172 2.27 30.17 -16.83
C TYR B 172 3.26 31.14 -16.19
N LYS B 173 4.56 30.85 -16.34
CA LYS B 173 5.62 31.73 -15.84
C LYS B 173 6.28 32.42 -17.05
N ASN B 174 7.43 31.89 -17.51
CA ASN B 174 8.13 32.46 -18.66
C ASN B 174 8.76 31.38 -19.58
N CYS B 175 8.02 30.34 -20.02
CA CYS B 175 6.57 30.20 -19.87
C CYS B 175 6.15 28.94 -19.11
N HIS B 176 6.64 27.76 -19.49
CA HIS B 176 6.16 26.52 -18.86
C HIS B 176 7.10 25.33 -18.96
N THR B 177 6.91 24.41 -18.02
CA THR B 177 7.47 23.06 -18.11
C THR B 177 6.34 22.00 -18.15
N SER B 178 5.10 22.43 -17.86
CA SER B 178 3.93 21.57 -18.07
C SER B 178 2.80 22.38 -18.70
N ASN B 179 1.92 21.71 -19.44
CA ASN B 179 0.90 22.41 -20.22
C ASN B 179 -0.24 21.44 -20.46
N LEU B 180 -0.81 20.90 -19.38
CA LEU B 180 -1.76 19.80 -19.50
C LEU B 180 -3.11 20.20 -20.07
N ASN B 181 -3.38 21.52 -20.11
CA ASN B 181 -4.57 22.05 -20.80
C ASN B 181 -4.29 22.51 -22.23
N GLY B 182 -3.16 22.06 -22.78
CA GLY B 182 -2.81 22.38 -24.16
C GLY B 182 -3.59 21.56 -25.19
N ARG B 183 -3.21 21.68 -26.45
CA ARG B 183 -3.98 21.03 -27.49
C ARG B 183 -3.78 19.53 -27.50
N TYR B 184 -4.81 18.82 -27.91
CA TYR B 184 -4.74 17.37 -27.99
C TYR B 184 -4.09 16.98 -29.32
N LEU B 185 -2.75 16.92 -29.35
CA LEU B 185 -2.02 16.79 -30.61
C LEU B 185 -1.64 15.35 -30.97
N ARG B 186 -2.01 14.41 -30.11
CA ARG B 186 -1.89 12.98 -30.45
C ARG B 186 -0.46 12.45 -30.63
N GLY B 187 0.34 12.53 -29.57
CA GLY B 187 1.70 12.01 -29.62
C GLY B 187 2.71 13.03 -30.09
N THR B 188 3.67 12.56 -30.90
CA THR B 188 4.75 13.42 -31.38
C THR B 188 4.16 14.57 -32.18
N HIS B 189 4.62 15.79 -31.91
CA HIS B 189 4.20 16.94 -32.68
C HIS B 189 5.38 17.87 -32.94
N GLY B 190 5.41 18.44 -34.15
CA GLY B 190 6.49 19.31 -34.58
C GLY B 190 6.34 20.72 -34.03
N SER B 191 5.12 21.11 -33.69
CA SER B 191 4.88 22.44 -33.10
C SER B 191 5.46 22.45 -31.68
N PHE B 192 5.95 23.60 -31.25
CA PHE B 192 6.69 23.64 -29.99
C PHE B 192 5.84 23.83 -28.74
N ALA B 193 5.79 22.79 -27.91
CA ALA B 193 5.28 22.91 -26.53
C ALA B 193 3.84 23.37 -26.39
N ASN B 194 3.02 23.12 -27.41
CA ASN B 194 1.63 23.57 -27.38
C ASN B 194 0.65 22.40 -27.27
N GLY B 195 1.15 21.23 -26.90
CA GLY B 195 0.31 20.06 -26.69
C GLY B 195 0.12 19.78 -25.21
N ILE B 196 -0.39 18.59 -24.89
CA ILE B 196 -0.53 18.15 -23.50
C ILE B 196 0.85 17.66 -23.07
N ASN B 197 1.68 18.59 -22.60
CA ASN B 197 3.10 18.37 -22.43
C ASN B 197 3.52 18.39 -20.97
N TRP B 198 4.44 17.51 -20.60
CA TRP B 198 5.05 17.47 -19.28
C TRP B 198 6.54 17.31 -19.55
N LYS B 199 7.30 18.39 -19.38
CA LYS B 199 8.68 18.39 -19.86
C LYS B 199 9.52 17.19 -19.39
N SER B 200 9.49 16.89 -18.09
CA SER B 200 10.34 15.84 -17.53
C SER B 200 9.80 14.45 -17.84
N GLY B 201 8.62 14.43 -18.46
CA GLY B 201 7.96 13.17 -18.80
C GLY B 201 8.31 12.78 -20.21
N LYS B 202 7.56 13.31 -21.18
CA LYS B 202 7.79 12.97 -22.57
C LYS B 202 8.24 14.17 -23.40
N GLY B 203 8.46 15.31 -22.74
CA GLY B 203 9.10 16.47 -23.37
C GLY B 203 8.15 17.47 -24.00
N TYR B 204 8.72 18.45 -24.68
CA TYR B 204 7.96 19.56 -25.28
C TYR B 204 7.36 19.23 -26.64
N ASN B 205 7.63 18.04 -27.17
CA ASN B 205 7.13 17.64 -28.50
C ASN B 205 6.34 16.32 -28.49
N TYR B 206 5.74 15.99 -27.35
CA TYR B 206 4.88 14.81 -27.23
C TYR B 206 3.64 15.14 -26.39
N SER B 207 2.47 14.94 -27.00
CA SER B 207 1.20 15.23 -26.32
C SER B 207 0.58 13.90 -25.89
N TYR B 208 0.37 13.76 -24.58
CA TYR B 208 -0.16 12.51 -23.97
C TYR B 208 -1.56 12.12 -24.49
N LYS B 209 -1.88 10.82 -24.41
CA LYS B 209 -3.21 10.33 -24.75
C LYS B 209 -4.19 10.62 -23.61
N VAL B 210 -3.72 10.39 -22.39
CA VAL B 210 -4.52 10.60 -21.19
C VAL B 210 -3.79 11.51 -20.20
N SER B 211 -4.54 12.44 -19.62
CA SER B 211 -4.06 13.28 -18.53
C SER B 211 -5.18 13.32 -17.51
N GLU B 212 -4.86 13.11 -16.24
CA GLU B 212 -5.82 13.29 -15.15
C GLU B 212 -5.14 14.04 -14.00
N MET B 213 -5.78 15.08 -13.48
CA MET B 213 -5.28 15.74 -12.29
C MET B 213 -6.29 15.57 -11.17
N LYS B 214 -5.84 15.20 -9.98
CA LYS B 214 -6.78 14.74 -8.95
C LYS B 214 -6.26 15.00 -7.54
N VAL B 215 -7.18 15.13 -6.59
CA VAL B 215 -6.83 15.52 -5.22
C VAL B 215 -7.47 14.60 -4.20
N ARG B 216 -6.86 14.52 -3.02
CA ARG B 216 -7.36 13.69 -1.94
C ARG B 216 -6.83 14.26 -0.62
N PRO B 217 -7.63 14.20 0.45
CA PRO B 217 -7.18 14.64 1.78
C PRO B 217 -5.87 13.97 2.17
N ALA B 218 -4.92 14.76 2.67
CA ALA B 218 -3.65 14.25 3.16
C ALA B 218 -3.31 14.92 4.48
N CYS C 3 -40.61 18.57 -8.11
CA CYS C 3 -41.10 18.76 -9.50
C CYS C 3 -41.46 20.21 -9.79
N LEU C 4 -42.50 20.71 -9.12
CA LEU C 4 -42.94 22.09 -9.32
C LEU C 4 -41.83 23.11 -9.09
N THR C 5 -40.81 22.70 -8.33
CA THR C 5 -39.66 23.57 -8.08
C THR C 5 -38.37 22.96 -8.64
N GLY C 6 -38.49 21.82 -9.30
CA GLY C 6 -37.34 21.13 -9.87
C GLY C 6 -37.05 21.54 -11.29
N PRO C 7 -35.89 21.14 -11.82
CA PRO C 7 -35.52 21.49 -13.19
C PRO C 7 -36.42 20.79 -14.21
N ARG C 8 -36.96 21.57 -15.15
CA ARG C 8 -37.84 21.00 -16.17
C ARG C 8 -37.15 20.89 -17.53
N THR C 9 -35.97 21.51 -17.66
CA THR C 9 -35.19 21.46 -18.90
C THR C 9 -33.70 21.49 -18.60
N CYS C 10 -32.88 21.11 -19.60
CA CYS C 10 -31.43 21.22 -19.49
C CYS C 10 -31.01 22.68 -19.30
N LYS C 11 -31.78 23.58 -19.91
CA LYS C 11 -31.54 25.01 -19.72
C LYS C 11 -31.73 25.44 -18.25
N ASP C 12 -32.75 24.90 -17.59
CA ASP C 12 -32.93 25.16 -16.15
C ASP C 12 -31.67 24.75 -15.37
N LEU C 13 -31.20 23.55 -15.66
CA LEU C 13 -29.99 23.04 -15.01
C LEU C 13 -28.80 23.97 -15.20
N LEU C 14 -28.56 24.41 -16.43
CA LEU C 14 -27.49 25.36 -16.69
C LEU C 14 -27.63 26.62 -15.84
N ASP C 15 -28.84 27.18 -15.79
CA ASP C 15 -29.11 28.37 -14.97
C ASP C 15 -28.84 28.12 -13.48
N ARG C 16 -28.88 26.86 -13.06
CA ARG C 16 -28.66 26.51 -11.66
C ARG C 16 -27.21 26.08 -11.40
N GLY C 17 -26.35 26.32 -12.39
CA GLY C 17 -24.91 26.16 -12.18
C GLY C 17 -24.36 24.79 -12.53
N HIS C 18 -25.06 24.07 -13.40
CA HIS C 18 -24.56 22.79 -13.90
C HIS C 18 -23.85 23.02 -15.23
N PHE C 19 -22.53 23.12 -15.20
CA PHE C 19 -21.77 23.58 -16.36
C PHE C 19 -21.17 22.48 -17.23
N LEU C 20 -21.16 21.26 -16.72
CA LEU C 20 -20.64 20.10 -17.46
C LEU C 20 -21.76 19.38 -18.21
N SER C 21 -21.50 19.01 -19.46
CA SER C 21 -22.46 18.20 -20.20
C SER C 21 -22.55 16.82 -19.57
N GLY C 22 -23.71 16.20 -19.70
CA GLY C 22 -23.90 14.84 -19.18
C GLY C 22 -25.36 14.56 -18.93
N TRP C 23 -25.63 13.40 -18.35
CA TRP C 23 -26.99 12.96 -18.12
C TRP C 23 -27.49 13.49 -16.79
N HIS C 24 -28.62 14.19 -16.84
CA HIS C 24 -29.24 14.78 -15.65
C HIS C 24 -30.72 14.39 -15.63
N THR C 25 -31.31 14.31 -14.44
CA THR C 25 -32.75 14.11 -14.35
C THR C 25 -33.48 15.44 -14.47
N ILE C 26 -34.52 15.45 -15.29
CA ILE C 26 -35.44 16.58 -15.36
C ILE C 26 -36.84 16.06 -15.14
N TYR C 27 -37.78 16.98 -14.92
CA TYR C 27 -39.19 16.62 -14.73
C TYR C 27 -40.03 17.11 -15.89
N LEU C 28 -40.62 16.17 -16.61
CA LEU C 28 -41.45 16.50 -17.76
C LEU C 28 -42.71 17.22 -17.29
N PRO C 29 -43.42 17.91 -18.21
CA PRO C 29 -44.64 18.63 -17.91
C PRO C 29 -45.64 17.87 -17.03
N ASP C 30 -45.71 16.56 -17.17
CA ASP C 30 -46.65 15.79 -16.33
C ASP C 30 -46.01 15.26 -15.06
N CYS C 31 -44.78 15.71 -14.78
CA CYS C 31 -44.04 15.39 -13.56
C CYS C 31 -43.22 14.11 -13.62
N ARG C 32 -43.27 13.43 -14.76
CA ARG C 32 -42.48 12.22 -14.94
C ARG C 32 -41.00 12.61 -14.99
N PRO C 33 -40.18 11.98 -14.11
CA PRO C 33 -38.74 12.19 -14.16
C PRO C 33 -38.15 11.45 -15.36
N LEU C 34 -37.15 12.05 -15.98
CA LEU C 34 -36.52 11.44 -17.15
C LEU C 34 -35.07 11.86 -17.16
N THR C 35 -34.17 10.89 -17.29
CA THR C 35 -32.74 11.17 -17.38
C THR C 35 -32.34 11.45 -18.82
N VAL C 36 -31.88 12.68 -19.07
CA VAL C 36 -31.61 13.15 -20.43
C VAL C 36 -30.17 13.70 -20.55
N LEU C 37 -29.63 13.68 -21.75
CA LEU C 37 -28.29 14.24 -21.97
C LEU C 37 -28.32 15.74 -22.23
N CYS C 38 -27.63 16.51 -21.39
CA CYS C 38 -27.58 17.95 -21.57
C CYS C 38 -26.28 18.35 -22.28
N ASP C 39 -26.40 19.21 -23.27
CA ASP C 39 -25.24 19.81 -23.93
C ASP C 39 -25.12 21.21 -23.38
N MET C 40 -24.15 21.39 -22.48
CA MET C 40 -23.97 22.65 -21.75
C MET C 40 -22.96 23.56 -22.44
N ASP C 41 -22.47 23.14 -23.61
CA ASP C 41 -21.46 23.94 -24.29
C ASP C 41 -21.94 24.62 -25.57
N THR C 42 -22.58 23.86 -26.46
CA THR C 42 -22.87 24.35 -27.80
C THR C 42 -23.80 25.56 -27.80
N ASP C 43 -23.39 26.61 -28.51
CA ASP C 43 -24.26 27.77 -28.77
C ASP C 43 -24.93 28.29 -27.50
N GLY C 44 -24.13 28.56 -26.47
CA GLY C 44 -24.66 29.06 -25.20
C GLY C 44 -24.99 27.97 -24.18
N GLY C 45 -25.14 26.73 -24.64
CA GLY C 45 -25.41 25.60 -23.76
C GLY C 45 -26.87 25.49 -23.34
N GLY C 46 -27.20 24.40 -22.66
CA GLY C 46 -28.57 24.20 -22.16
C GLY C 46 -29.49 23.43 -23.10
N TRP C 47 -28.90 22.70 -24.06
CA TRP C 47 -29.68 21.89 -25.01
C TRP C 47 -29.96 20.48 -24.48
N THR C 48 -31.19 20.01 -24.66
CA THR C 48 -31.54 18.62 -24.38
C THR C 48 -31.33 17.79 -25.65
N VAL C 49 -30.39 16.84 -25.59
CA VAL C 49 -30.05 16.04 -26.77
C VAL C 49 -31.00 14.83 -26.88
N PHE C 50 -31.70 14.72 -28.01
CA PHE C 50 -32.60 13.57 -28.20
C PHE C 50 -32.13 12.53 -29.22
N GLN C 51 -31.12 12.86 -30.01
CA GLN C 51 -30.49 11.88 -30.92
C GLN C 51 -28.98 12.08 -30.94
N ARG C 52 -28.21 10.99 -30.91
CA ARG C 52 -26.74 11.07 -30.94
C ARG C 52 -26.17 9.89 -31.71
N ARG C 53 -25.39 10.19 -32.76
CA ARG C 53 -24.63 9.17 -33.50
C ARG C 53 -23.17 9.58 -33.34
N VAL C 54 -22.28 8.61 -33.12
CA VAL C 54 -20.87 8.96 -32.94
C VAL C 54 -19.89 7.87 -33.41
N ASP C 55 -20.35 6.62 -33.51
CA ASP C 55 -19.44 5.51 -33.84
C ASP C 55 -20.04 4.27 -34.53
N GLY C 56 -21.35 4.26 -34.75
CA GLY C 56 -21.99 3.11 -35.38
C GLY C 56 -22.19 1.89 -34.50
N SER C 57 -22.02 2.05 -33.19
CA SER C 57 -22.17 0.91 -32.26
C SER C 57 -23.63 0.47 -32.07
N VAL C 58 -24.58 1.36 -32.38
CA VAL C 58 -26.00 1.06 -32.16
C VAL C 58 -26.78 0.95 -33.48
N ASP C 59 -27.65 -0.05 -33.60
CA ASP C 59 -28.46 -0.25 -34.80
C ASP C 59 -29.65 0.71 -34.74
N PHE C 60 -29.76 1.57 -35.74
CA PHE C 60 -30.89 2.53 -35.79
C PHE C 60 -32.01 2.09 -36.72
N TYR C 61 -31.85 0.93 -37.35
CA TYR C 61 -32.85 0.43 -38.27
C TYR C 61 -33.87 -0.36 -37.47
N ARG C 62 -34.71 0.34 -36.72
CA ARG C 62 -35.56 -0.28 -35.70
C ARG C 62 -37.03 -0.03 -35.92
N ASP C 63 -37.86 -0.82 -35.24
CA ASP C 63 -39.31 -0.78 -35.46
C ASP C 63 -40.01 0.33 -34.67
N TRP C 64 -41.31 0.51 -34.94
CA TRP C 64 -42.13 1.57 -34.36
C TRP C 64 -42.06 1.59 -32.84
N ALA C 65 -42.28 0.43 -32.23
CA ALA C 65 -42.28 0.30 -30.77
C ALA C 65 -40.96 0.75 -30.16
N THR C 66 -39.86 0.44 -30.85
CA THR C 66 -38.52 0.75 -30.36
C THR C 66 -38.24 2.25 -30.46
N TYR C 67 -38.63 2.87 -31.58
CA TYR C 67 -38.51 4.33 -31.70
C TYR C 67 -39.45 5.06 -30.74
N LYS C 68 -40.64 4.49 -30.51
CA LYS C 68 -41.58 5.04 -29.52
C LYS C 68 -40.98 5.11 -28.12
N GLN C 69 -40.35 4.03 -27.68
CA GLN C 69 -39.84 3.96 -26.30
C GLN C 69 -38.42 4.50 -26.14
N GLY C 70 -37.63 4.46 -27.22
CA GLY C 70 -36.26 4.94 -27.15
C GLY C 70 -35.32 3.76 -27.07
N PHE C 71 -34.06 3.96 -27.44
CA PHE C 71 -33.12 2.85 -27.51
C PHE C 71 -31.70 3.37 -27.57
N GLY C 72 -30.74 2.50 -27.29
CA GLY C 72 -29.35 2.88 -27.29
C GLY C 72 -28.79 2.90 -25.88
N SER C 73 -27.74 3.70 -25.69
CA SER C 73 -26.99 3.70 -24.44
C SER C 73 -26.58 5.11 -24.03
N ARG C 74 -26.63 5.38 -22.74
CA ARG C 74 -26.13 6.65 -22.21
C ARG C 74 -24.63 6.77 -22.42
N LEU C 75 -23.97 5.63 -22.60
CA LEU C 75 -22.54 5.59 -22.75
C LEU C 75 -22.14 5.93 -24.18
N GLY C 76 -23.11 5.97 -25.10
CA GLY C 76 -22.81 6.28 -26.51
C GLY C 76 -23.97 6.80 -27.35
N GLU C 77 -24.48 5.97 -28.26
CA GLU C 77 -25.50 6.42 -29.21
C GLU C 77 -26.90 6.08 -28.73
N PHE C 78 -27.87 6.92 -29.06
CA PHE C 78 -29.24 6.70 -28.63
C PHE C 78 -30.24 7.53 -29.43
N TRP C 79 -31.50 7.12 -29.32
CA TRP C 79 -32.66 7.90 -29.70
C TRP C 79 -33.51 7.95 -28.42
N LEU C 80 -33.85 9.16 -27.99
CA LEU C 80 -34.45 9.35 -26.65
C LEU C 80 -35.86 8.74 -26.58
N GLY C 81 -36.51 8.63 -27.73
CA GLY C 81 -37.82 8.01 -27.78
C GLY C 81 -38.91 8.99 -28.16
N ASN C 82 -39.81 8.56 -29.04
CA ASN C 82 -40.81 9.46 -29.59
C ASN C 82 -41.80 9.98 -28.55
N ASP C 83 -42.21 9.14 -27.61
CA ASP C 83 -43.04 9.57 -26.49
C ASP C 83 -42.35 10.68 -25.68
N ASN C 84 -41.04 10.53 -25.45
CA ASN C 84 -40.30 11.50 -24.64
C ASN C 84 -40.04 12.79 -25.39
N ILE C 85 -39.78 12.69 -26.68
CA ILE C 85 -39.54 13.86 -27.51
C ILE C 85 -40.84 14.66 -27.63
N HIS C 86 -41.96 13.97 -27.76
CA HIS C 86 -43.26 14.66 -27.73
C HIS C 86 -43.45 15.38 -26.41
N ALA C 87 -43.19 14.70 -25.31
CA ALA C 87 -43.41 15.28 -23.98
C ALA C 87 -42.53 16.51 -23.77
N LEU C 88 -41.34 16.48 -24.35
CA LEU C 88 -40.38 17.59 -24.23
C LEU C 88 -40.78 18.81 -25.04
N THR C 89 -41.45 18.59 -26.16
CA THR C 89 -41.69 19.63 -27.14
C THR C 89 -43.15 20.07 -27.24
N ALA C 90 -44.03 19.35 -26.55
CA ALA C 90 -45.48 19.50 -26.69
C ALA C 90 -46.01 20.90 -26.38
N GLN C 91 -45.40 21.56 -25.41
CA GLN C 91 -45.84 22.89 -25.03
C GLN C 91 -45.42 23.96 -26.05
N GLY C 92 -44.86 23.52 -27.17
CA GLY C 92 -44.81 24.33 -28.40
C GLY C 92 -43.63 25.21 -28.75
N THR C 93 -42.79 25.57 -27.78
CA THR C 93 -41.75 26.57 -28.05
C THR C 93 -40.30 26.18 -27.73
N SER C 94 -39.85 25.07 -28.29
CA SER C 94 -38.43 24.76 -28.21
C SER C 94 -37.76 24.96 -29.56
N GLU C 95 -36.57 25.54 -29.55
CA GLU C 95 -35.74 25.62 -30.75
C GLU C 95 -35.11 24.25 -31.01
N LEU C 96 -34.74 23.99 -32.26
CA LEU C 96 -34.06 22.76 -32.62
C LEU C 96 -32.70 23.13 -33.17
N ARG C 97 -31.68 22.41 -32.76
CA ARG C 97 -30.39 22.54 -33.38
C ARG C 97 -29.92 21.16 -33.83
N THR C 98 -29.35 21.09 -35.03
CA THR C 98 -28.76 19.87 -35.53
C THR C 98 -27.25 20.12 -35.70
N ASP C 99 -26.44 19.29 -35.06
CA ASP C 99 -24.98 19.43 -35.12
C ASP C 99 -24.37 18.23 -35.85
N LEU C 100 -23.53 18.51 -36.84
CA LEU C 100 -22.99 17.46 -37.72
C LEU C 100 -21.47 17.60 -37.86
N VAL C 101 -20.75 16.49 -37.77
CA VAL C 101 -19.30 16.55 -37.90
C VAL C 101 -18.89 15.49 -38.90
N ASP C 102 -18.02 15.87 -39.84
CA ASP C 102 -17.57 14.88 -40.82
C ASP C 102 -16.30 14.18 -40.33
N PHE C 103 -15.74 13.29 -41.15
CA PHE C 103 -14.60 12.51 -40.68
C PHE C 103 -13.28 13.26 -40.66
N GLU C 104 -13.27 14.48 -41.20
CA GLU C 104 -12.10 15.35 -41.05
C GLU C 104 -12.32 16.36 -39.94
N ASP C 105 -13.34 16.13 -39.13
CA ASP C 105 -13.68 16.98 -37.99
C ASP C 105 -14.18 18.37 -38.42
N ASN C 106 -14.71 18.47 -39.63
CA ASN C 106 -15.39 19.68 -40.05
C ASN C 106 -16.82 19.71 -39.50
N TYR C 107 -17.16 20.80 -38.83
CA TYR C 107 -18.45 20.98 -38.15
C TYR C 107 -19.43 21.83 -38.96
N GLN C 108 -20.66 21.35 -39.10
CA GLN C 108 -21.75 22.14 -39.70
C GLN C 108 -22.96 22.05 -38.78
N PHE C 109 -23.88 23.01 -38.87
CA PHE C 109 -25.11 22.95 -38.09
C PHE C 109 -26.32 23.57 -38.81
N ALA C 110 -27.51 23.25 -38.32
CA ALA C 110 -28.76 23.88 -38.76
C ALA C 110 -29.55 24.21 -37.51
N LYS C 111 -30.19 25.37 -37.51
CA LYS C 111 -30.94 25.82 -36.35
C LYS C 111 -32.34 26.25 -36.80
N TYR C 112 -33.38 25.80 -36.08
CA TYR C 112 -34.78 26.10 -36.42
C TYR C 112 -35.48 26.83 -35.28
N ARG C 113 -36.37 27.76 -35.62
CA ARG C 113 -37.01 28.63 -34.64
C ARG C 113 -37.89 27.83 -33.68
N SER C 114 -38.53 26.79 -34.19
CA SER C 114 -39.41 25.97 -33.37
C SER C 114 -39.45 24.53 -33.89
N PHE C 115 -39.69 23.61 -32.97
CA PHE C 115 -39.71 22.20 -33.30
C PHE C 115 -40.60 21.47 -32.33
N LYS C 116 -41.50 20.66 -32.88
CA LYS C 116 -42.37 19.85 -32.06
C LYS C 116 -42.67 18.58 -32.84
N VAL C 117 -42.83 17.47 -32.14
CA VAL C 117 -43.48 16.31 -32.74
C VAL C 117 -44.80 16.08 -31.98
N ALA C 118 -45.83 15.63 -32.71
CA ALA C 118 -47.13 15.39 -32.13
C ALA C 118 -47.14 14.06 -31.37
N ASP C 119 -48.30 13.65 -30.84
CA ASP C 119 -48.36 12.41 -30.08
C ASP C 119 -48.48 11.18 -30.98
N GLU C 120 -48.44 9.99 -30.37
CA GLU C 120 -48.46 8.75 -31.15
C GLU C 120 -49.68 8.68 -32.04
N ALA C 121 -50.83 9.06 -31.49
CA ALA C 121 -52.08 9.11 -32.23
C ALA C 121 -51.95 9.89 -33.53
N GLU C 122 -51.13 10.93 -33.51
CA GLU C 122 -50.86 11.73 -34.69
C GLU C 122 -49.58 11.27 -35.39
N LYS C 123 -49.12 10.06 -35.05
CA LYS C 123 -47.97 9.44 -35.70
C LYS C 123 -46.68 10.27 -35.57
N TYR C 124 -46.61 11.05 -34.50
CA TYR C 124 -45.43 11.86 -34.17
C TYR C 124 -45.08 12.83 -35.29
N ASN C 125 -46.13 13.41 -35.85
CA ASN C 125 -46.04 14.39 -36.92
C ASN C 125 -45.02 15.50 -36.62
N LEU C 126 -44.16 15.80 -37.58
CA LEU C 126 -43.15 16.87 -37.43
C LEU C 126 -43.84 18.22 -37.59
N VAL C 127 -43.67 19.10 -36.61
CA VAL C 127 -44.14 20.48 -36.72
C VAL C 127 -42.95 21.41 -36.56
N LEU C 128 -42.49 21.99 -37.67
CA LEU C 128 -41.20 22.68 -37.72
C LEU C 128 -41.36 24.16 -38.07
N GLY C 129 -40.74 25.02 -37.27
CA GLY C 129 -40.77 26.45 -37.53
C GLY C 129 -39.65 26.84 -38.48
N ALA C 130 -39.45 28.15 -38.64
CA ALA C 130 -38.54 28.65 -39.67
C ALA C 130 -37.08 28.27 -39.45
N PHE C 131 -36.37 28.07 -40.55
CA PHE C 131 -34.92 27.92 -40.54
C PHE C 131 -34.33 29.27 -40.13
N VAL C 132 -33.45 29.31 -39.14
CA VAL C 132 -32.86 30.60 -38.78
C VAL C 132 -31.46 30.80 -39.36
N GLU C 133 -30.68 29.74 -39.42
CA GLU C 133 -29.33 29.81 -39.96
C GLU C 133 -28.64 28.47 -39.78
N GLY C 134 -27.52 28.29 -40.47
CA GLY C 134 -26.72 27.08 -40.30
C GLY C 134 -25.89 26.78 -41.52
N SER C 135 -24.61 26.55 -41.29
CA SER C 135 -23.67 26.13 -42.33
C SER C 135 -24.10 24.86 -43.05
N ALA C 136 -24.92 24.04 -42.40
CA ALA C 136 -25.34 22.76 -42.99
C ALA C 136 -26.46 22.96 -44.02
N GLY C 137 -27.08 24.14 -43.99
CA GLY C 137 -28.22 24.43 -44.86
C GLY C 137 -29.46 23.74 -44.34
N ASP C 138 -30.61 24.09 -44.92
CA ASP C 138 -31.88 23.57 -44.48
C ASP C 138 -32.28 22.29 -45.20
N SER C 139 -32.15 21.15 -44.53
CA SER C 139 -32.67 19.89 -45.09
C SER C 139 -33.72 19.23 -44.19
N LEU C 140 -34.55 20.06 -43.54
CA LEU C 140 -35.62 19.55 -42.69
C LEU C 140 -36.99 20.14 -43.00
N THR C 141 -37.02 21.38 -43.49
CA THR C 141 -38.29 22.01 -43.85
C THR C 141 -39.10 21.16 -44.85
N PHE C 142 -38.40 20.52 -45.77
CA PHE C 142 -38.97 19.59 -46.74
C PHE C 142 -39.86 18.57 -46.04
N HIS C 143 -39.50 18.21 -44.81
CA HIS C 143 -40.16 17.15 -44.06
C HIS C 143 -41.28 17.62 -43.15
N ASN C 144 -41.48 18.93 -43.07
CA ASN C 144 -42.55 19.49 -42.24
C ASN C 144 -43.95 18.92 -42.50
N ASN C 145 -44.71 18.75 -41.42
CA ASN C 145 -46.08 18.27 -41.50
C ASN C 145 -46.15 16.87 -42.09
N GLN C 146 -45.17 16.03 -41.77
CA GLN C 146 -45.23 14.63 -42.18
C GLN C 146 -45.17 13.67 -40.99
N SER C 147 -45.93 12.58 -41.07
CA SER C 147 -45.87 11.54 -40.05
C SER C 147 -44.50 10.87 -39.97
N PHE C 148 -44.13 10.41 -38.79
CA PHE C 148 -42.95 9.56 -38.64
C PHE C 148 -43.23 8.21 -39.26
N SER C 149 -42.20 7.59 -39.84
CA SER C 149 -42.33 6.26 -40.43
C SER C 149 -41.15 5.37 -40.01
N THR C 150 -41.45 4.11 -39.72
CA THR C 150 -40.42 3.09 -39.54
C THR C 150 -40.74 1.95 -40.51
N LYS C 151 -39.85 0.98 -40.58
CA LYS C 151 -40.00 -0.11 -41.54
C LYS C 151 -41.36 -0.77 -41.38
N ASP C 152 -41.81 -0.93 -40.13
CA ASP C 152 -43.06 -1.64 -39.84
C ASP C 152 -44.31 -0.76 -39.74
N GLN C 153 -44.13 0.56 -39.81
CA GLN C 153 -45.26 1.49 -39.94
C GLN C 153 -44.96 2.54 -41.02
N ASP C 154 -45.24 2.17 -42.25
CA ASP C 154 -45.02 3.01 -43.41
C ASP C 154 -46.13 4.06 -43.49
N ASN C 155 -45.78 5.31 -43.19
CA ASN C 155 -46.71 6.44 -43.25
C ASN C 155 -46.29 7.45 -44.31
N ASP C 156 -45.39 7.04 -45.19
CA ASP C 156 -44.79 7.96 -46.15
C ASP C 156 -45.65 8.18 -47.40
N LEU C 157 -45.08 8.87 -48.37
CA LEU C 157 -45.83 9.26 -49.56
C LEU C 157 -45.28 8.56 -50.79
N ASN C 158 -44.65 7.41 -50.56
CA ASN C 158 -44.12 6.59 -51.63
C ASN C 158 -44.91 5.29 -51.70
N THR C 159 -45.03 4.71 -52.90
CA THR C 159 -45.81 3.46 -53.06
C THR C 159 -45.05 2.28 -52.45
N GLY C 160 -43.75 2.45 -52.28
CA GLY C 160 -42.95 1.48 -51.56
C GLY C 160 -42.66 1.98 -50.15
N ASN C 161 -41.62 1.46 -49.53
CA ASN C 161 -41.40 1.72 -48.12
C ASN C 161 -40.09 2.50 -47.93
N CYS C 162 -40.18 3.80 -47.65
CA CYS C 162 -38.96 4.62 -47.56
C CYS C 162 -37.97 4.16 -46.49
N ALA C 163 -38.50 3.75 -45.33
CA ALA C 163 -37.62 3.30 -44.23
C ALA C 163 -36.76 2.13 -44.66
N VAL C 164 -37.36 1.23 -45.43
CA VAL C 164 -36.65 0.07 -45.99
C VAL C 164 -35.69 0.50 -47.11
N MET C 165 -36.14 1.38 -47.99
CA MET C 165 -35.32 1.83 -49.11
C MET C 165 -34.06 2.58 -48.68
N PHE C 166 -34.14 3.26 -47.54
CA PHE C 166 -33.03 4.10 -47.05
C PHE C 166 -32.54 3.68 -45.67
N GLN C 167 -32.98 2.50 -45.24
CA GLN C 167 -32.57 1.87 -43.97
C GLN C 167 -32.50 2.84 -42.80
N GLY C 168 -33.62 3.51 -42.52
CA GLY C 168 -33.67 4.45 -41.41
C GLY C 168 -35.07 4.55 -40.81
N ALA C 169 -35.33 5.66 -40.12
CA ALA C 169 -36.63 5.95 -39.54
C ALA C 169 -36.71 7.46 -39.51
N TRP C 170 -37.77 8.04 -40.08
CA TRP C 170 -37.79 9.49 -40.28
C TRP C 170 -39.18 9.92 -40.71
N TRP C 171 -39.37 11.22 -40.84
CA TRP C 171 -40.62 11.77 -41.34
C TRP C 171 -40.57 11.75 -42.86
N TYR C 172 -40.46 10.55 -43.42
CA TYR C 172 -40.27 10.37 -44.87
C TYR C 172 -41.46 10.86 -45.69
N LYS C 173 -41.16 11.51 -46.81
CA LYS C 173 -42.20 11.84 -47.79
C LYS C 173 -42.01 10.98 -49.05
N ASN C 174 -41.38 11.54 -50.08
CA ASN C 174 -41.08 10.78 -51.30
C ASN C 174 -39.73 11.21 -51.92
N CYS C 175 -38.61 11.02 -51.22
CA CYS C 175 -38.53 10.34 -49.93
C CYS C 175 -37.92 11.22 -48.85
N HIS C 176 -36.70 11.73 -49.09
CA HIS C 176 -36.07 12.53 -48.06
C HIS C 176 -35.00 13.48 -48.58
N THR C 177 -34.68 14.47 -47.74
CA THR C 177 -33.50 15.28 -47.92
C THR C 177 -32.61 15.17 -46.67
N SER C 178 -33.13 14.55 -45.62
CA SER C 178 -32.29 14.22 -44.45
C SER C 178 -32.64 12.83 -43.97
N ASN C 179 -31.68 12.17 -43.36
CA ASN C 179 -31.84 10.75 -42.99
C ASN C 179 -30.88 10.44 -41.83
N LEU C 180 -30.99 11.22 -40.75
CA LEU C 180 -29.99 11.17 -39.69
C LEU C 180 -30.02 9.88 -38.86
N ASN C 181 -31.12 9.13 -38.97
CA ASN C 181 -31.22 7.82 -38.33
C ASN C 181 -30.89 6.71 -39.34
N GLY C 182 -30.21 7.08 -40.42
CA GLY C 182 -29.81 6.10 -41.45
C GLY C 182 -28.61 5.27 -41.00
N ARG C 183 -28.01 4.53 -41.92
CA ARG C 183 -26.95 3.62 -41.56
C ARG C 183 -25.63 4.37 -41.33
N TYR C 184 -24.80 3.88 -40.43
CA TYR C 184 -23.54 4.56 -40.12
C TYR C 184 -22.50 4.07 -41.14
N LEU C 185 -22.41 4.75 -42.29
CA LEU C 185 -21.64 4.21 -43.43
C LEU C 185 -20.21 4.75 -43.52
N ARG C 186 -19.89 5.72 -42.66
CA ARG C 186 -18.49 6.18 -42.50
C ARG C 186 -17.92 6.93 -43.70
N GLY C 187 -18.38 8.14 -43.91
CA GLY C 187 -17.74 8.96 -44.92
C GLY C 187 -18.38 8.77 -46.27
N THR C 188 -17.58 8.79 -47.34
CA THR C 188 -18.17 8.70 -48.66
C THR C 188 -18.70 7.30 -48.89
N HIS C 189 -19.90 7.21 -49.45
CA HIS C 189 -20.46 5.91 -49.84
C HIS C 189 -21.12 5.99 -51.22
N GLY C 190 -20.85 4.98 -52.04
CA GLY C 190 -21.47 4.87 -53.35
C GLY C 190 -22.98 4.72 -53.25
N SER C 191 -23.43 3.91 -52.29
CA SER C 191 -24.88 3.68 -52.12
C SER C 191 -25.66 4.99 -51.98
N PHE C 192 -26.84 5.06 -52.61
CA PHE C 192 -27.59 6.32 -52.65
C PHE C 192 -28.42 6.59 -51.39
N ALA C 193 -28.02 7.60 -50.62
CA ALA C 193 -28.90 8.21 -49.60
C ALA C 193 -29.35 7.35 -48.43
N ASN C 194 -28.62 6.27 -48.14
CA ASN C 194 -29.00 5.38 -47.06
C ASN C 194 -28.10 5.53 -45.83
N GLY C 195 -27.26 6.57 -45.83
CA GLY C 195 -26.39 6.86 -44.69
C GLY C 195 -26.92 7.99 -43.82
N ILE C 196 -26.07 8.46 -42.92
CA ILE C 196 -26.43 9.61 -42.08
C ILE C 196 -26.18 10.83 -42.95
N ASN C 197 -27.22 11.20 -43.72
CA ASN C 197 -27.07 12.18 -44.80
C ASN C 197 -27.92 13.43 -44.57
N TRP C 198 -27.36 14.59 -44.94
CA TRP C 198 -28.06 15.86 -44.92
C TRP C 198 -27.77 16.46 -46.28
N LYS C 199 -28.77 16.43 -47.16
CA LYS C 199 -28.58 16.81 -48.57
C LYS C 199 -27.81 18.12 -48.76
N SER C 200 -28.20 19.17 -48.05
CA SER C 200 -27.60 20.50 -48.27
C SER C 200 -26.26 20.64 -47.56
N GLY C 201 -25.89 19.61 -46.80
CA GLY C 201 -24.63 19.59 -46.04
C GLY C 201 -23.59 18.89 -46.89
N LYS C 202 -23.40 17.59 -46.66
CA LYS C 202 -22.41 16.81 -47.41
C LYS C 202 -23.04 15.93 -48.48
N GLY C 203 -24.37 15.99 -48.59
CA GLY C 203 -25.06 15.36 -49.70
C GLY C 203 -25.54 13.95 -49.45
N TYR C 204 -26.06 13.33 -50.49
CA TYR C 204 -26.65 12.00 -50.40
C TYR C 204 -25.65 10.84 -50.37
N ASN C 205 -24.36 11.13 -50.49
CA ASN C 205 -23.32 10.07 -50.54
C ASN C 205 -22.19 10.30 -49.55
N TYR C 206 -22.51 10.97 -48.44
CA TYR C 206 -21.53 11.11 -47.38
C TYR C 206 -22.24 10.96 -46.05
N SER C 207 -21.79 10.01 -45.25
CA SER C 207 -22.40 9.71 -43.95
C SER C 207 -21.56 10.33 -42.82
N TYR C 208 -22.15 11.22 -42.03
CA TYR C 208 -21.37 11.94 -41.03
C TYR C 208 -20.79 11.03 -39.95
N LYS C 209 -19.69 11.50 -39.33
CA LYS C 209 -19.09 10.84 -38.19
C LYS C 209 -19.93 11.05 -36.92
N VAL C 210 -20.42 12.28 -36.74
CA VAL C 210 -21.25 12.64 -35.58
C VAL C 210 -22.51 13.34 -36.03
N SER C 211 -23.64 12.96 -35.44
CA SER C 211 -24.91 13.64 -35.61
C SER C 211 -25.50 13.82 -34.21
N GLU C 212 -26.00 15.02 -33.90
CA GLU C 212 -26.77 15.25 -32.68
C GLU C 212 -27.97 16.15 -32.98
N MET C 213 -29.13 15.78 -32.45
CA MET C 213 -30.31 16.63 -32.58
C MET C 213 -30.72 17.02 -31.16
N LYS C 214 -31.02 18.29 -30.95
CA LYS C 214 -31.22 18.79 -29.59
C LYS C 214 -32.17 19.97 -29.53
N VAL C 215 -32.80 20.16 -28.38
CA VAL C 215 -33.79 21.22 -28.18
C VAL C 215 -33.52 22.06 -26.92
N ARG C 216 -34.04 23.28 -26.93
CA ARG C 216 -33.87 24.22 -25.84
C ARG C 216 -35.03 25.22 -25.88
N PRO C 217 -35.60 25.57 -24.70
CA PRO C 217 -36.66 26.57 -24.70
C PRO C 217 -36.29 27.80 -25.53
N ALA C 218 -37.22 28.22 -26.38
CA ALA C 218 -37.06 29.45 -27.15
C ALA C 218 -37.54 30.60 -26.29
N THR D 5 9.60 1.08 -7.48
CA THR D 5 10.53 -0.09 -7.41
C THR D 5 10.63 -0.71 -5.99
N GLY D 6 11.38 -0.06 -5.10
CA GLY D 6 11.50 -0.57 -3.73
C GLY D 6 11.03 0.46 -2.71
N PRO D 7 10.81 0.03 -1.46
CA PRO D 7 10.37 0.95 -0.41
C PRO D 7 11.41 2.04 -0.17
N ARG D 8 10.97 3.29 -0.12
CA ARG D 8 11.88 4.44 0.08
C ARG D 8 12.09 4.75 1.57
N THR D 9 11.07 4.47 2.36
CA THR D 9 11.07 4.84 3.76
C THR D 9 10.54 3.68 4.61
N CYS D 10 10.75 3.77 5.92
CA CYS D 10 10.15 2.80 6.81
C CYS D 10 8.64 2.93 6.74
N LYS D 11 8.17 4.13 6.38
CA LYS D 11 6.75 4.39 6.24
C LYS D 11 6.17 3.59 5.08
N ASP D 12 6.97 3.39 4.04
CA ASP D 12 6.55 2.55 2.92
C ASP D 12 6.41 1.09 3.38
N LEU D 13 7.38 0.62 4.17
CA LEU D 13 7.33 -0.76 4.70
C LEU D 13 6.10 -1.01 5.56
N LEU D 14 5.79 -0.04 6.42
CA LEU D 14 4.59 -0.10 7.22
C LEU D 14 3.36 -0.20 6.31
N ASP D 15 3.32 0.63 5.28
CA ASP D 15 2.21 0.60 4.32
C ASP D 15 2.11 -0.76 3.61
N ARG D 16 3.24 -1.45 3.48
CA ARG D 16 3.28 -2.76 2.82
C ARG D 16 3.05 -3.96 3.76
N GLY D 17 2.85 -3.69 5.05
CA GLY D 17 2.45 -4.76 5.97
C GLY D 17 3.53 -5.25 6.92
N HIS D 18 4.61 -4.49 7.04
CA HIS D 18 5.64 -4.79 8.03
C HIS D 18 5.30 -4.07 9.33
N PHE D 19 4.62 -4.77 10.23
CA PHE D 19 4.02 -4.15 11.41
C PHE D 19 4.88 -4.18 12.67
N LEU D 20 5.96 -4.95 12.63
CA LEU D 20 6.85 -5.07 13.79
C LEU D 20 8.09 -4.22 13.58
N SER D 21 8.53 -3.57 14.63
CA SER D 21 9.77 -2.79 14.55
C SER D 21 10.93 -3.75 14.31
N GLY D 22 11.93 -3.29 13.58
CA GLY D 22 13.08 -4.12 13.28
C GLY D 22 13.88 -3.61 12.10
N TRP D 23 14.94 -4.33 11.75
CA TRP D 23 15.84 -3.95 10.68
C TRP D 23 15.33 -4.40 9.31
N HIS D 24 15.26 -3.46 8.37
CA HIS D 24 14.76 -3.71 7.02
C HIS D 24 15.62 -2.94 6.03
N THR D 25 15.50 -3.28 4.76
CA THR D 25 16.18 -2.56 3.70
C THR D 25 15.25 -1.54 3.04
N ILE D 26 15.69 -0.29 2.97
CA ILE D 26 15.00 0.71 2.17
C ILE D 26 15.93 1.14 1.04
N TYR D 27 15.42 1.95 0.12
CA TYR D 27 16.25 2.45 -0.97
C TYR D 27 16.23 3.98 -1.03
N LEU D 28 17.40 4.56 -0.79
CA LEU D 28 17.56 6.01 -0.78
C LEU D 28 17.30 6.58 -2.17
N PRO D 29 17.18 7.91 -2.29
CA PRO D 29 17.00 8.51 -3.61
C PRO D 29 18.17 8.13 -4.48
N ASP D 30 19.35 8.06 -3.85
CA ASP D 30 20.58 7.57 -4.47
C ASP D 30 20.30 6.24 -5.14
N CYS D 31 19.26 5.56 -4.66
CA CYS D 31 18.86 4.26 -5.16
C CYS D 31 19.69 3.17 -4.48
N ARG D 32 20.53 3.60 -3.55
CA ARG D 32 21.39 2.68 -2.81
C ARG D 32 20.61 2.03 -1.67
N PRO D 33 20.73 0.71 -1.53
CA PRO D 33 20.10 0.00 -0.44
C PRO D 33 20.70 0.42 0.90
N LEU D 34 19.85 0.59 1.90
CA LEU D 34 20.30 0.88 3.25
C LEU D 34 19.48 0.07 4.23
N THR D 35 20.17 -0.71 5.06
CA THR D 35 19.52 -1.46 6.14
C THR D 35 19.36 -0.61 7.40
N VAL D 36 18.11 -0.23 7.69
CA VAL D 36 17.82 0.64 8.81
C VAL D 36 16.86 0.00 9.82
N LEU D 37 16.85 0.56 11.02
CA LEU D 37 15.90 0.20 12.06
C LEU D 37 14.60 0.95 11.86
N CYS D 38 13.50 0.23 11.65
CA CYS D 38 12.19 0.87 11.55
C CYS D 38 11.45 0.78 12.86
N ASP D 39 10.91 1.91 13.32
CA ASP D 39 10.02 1.93 14.47
C ASP D 39 8.59 1.93 13.95
N MET D 40 7.90 0.80 14.09
CA MET D 40 6.54 0.64 13.56
C MET D 40 5.49 0.74 14.65
N ASP D 41 5.93 0.96 15.89
CA ASP D 41 5.08 0.85 17.07
C ASP D 41 4.80 2.20 17.68
N THR D 42 5.67 3.17 17.42
CA THR D 42 5.60 4.48 18.08
C THR D 42 4.88 5.53 17.26
N ASP D 43 3.84 6.11 17.85
CA ASP D 43 3.23 7.32 17.29
C ASP D 43 2.77 7.10 15.84
N GLY D 44 2.09 5.98 15.61
CA GLY D 44 1.59 5.68 14.27
C GLY D 44 2.59 4.92 13.43
N GLY D 45 3.81 4.79 13.94
CA GLY D 45 4.86 4.01 13.30
C GLY D 45 5.34 4.55 11.97
N GLY D 46 6.30 3.85 11.37
CA GLY D 46 6.88 4.23 10.08
C GLY D 46 8.10 5.15 10.22
N TRP D 47 8.78 5.09 11.35
CA TRP D 47 9.94 5.95 11.60
C TRP D 47 11.23 5.23 11.29
N THR D 48 12.15 5.92 10.63
CA THR D 48 13.49 5.39 10.44
C THR D 48 14.38 5.91 11.57
N VAL D 49 14.93 4.99 12.37
CA VAL D 49 15.73 5.37 13.54
C VAL D 49 17.20 5.55 13.14
N PHE D 50 17.77 6.71 13.43
CA PHE D 50 19.17 6.96 13.07
C PHE D 50 20.14 7.10 14.27
N GLN D 51 19.60 7.15 15.49
CA GLN D 51 20.39 7.14 16.72
C GLN D 51 19.63 6.34 17.76
N ARG D 52 20.33 5.42 18.44
CA ARG D 52 19.71 4.66 19.53
C ARG D 52 20.70 4.43 20.68
N ARG D 53 20.26 4.75 21.91
CA ARG D 53 20.99 4.42 23.14
C ARG D 53 20.07 3.56 24.01
N VAL D 54 20.60 2.50 24.62
CA VAL D 54 19.73 1.59 25.38
C VAL D 54 20.40 0.95 26.61
N ASP D 55 21.72 0.85 26.59
CA ASP D 55 22.43 0.06 27.63
C ASP D 55 23.90 0.44 27.86
N GLY D 56 24.40 1.45 27.16
CA GLY D 56 25.80 1.86 27.32
C GLY D 56 26.84 0.89 26.76
N SER D 57 26.40 0.00 25.89
CA SER D 57 27.29 -1.01 25.31
C SER D 57 28.24 -0.45 24.26
N VAL D 58 27.85 0.66 23.63
CA VAL D 58 28.66 1.21 22.56
C VAL D 58 29.30 2.54 22.95
N ASP D 59 30.56 2.71 22.54
CA ASP D 59 31.31 3.93 22.80
C ASP D 59 30.90 5.00 21.79
N PHE D 60 30.27 6.08 22.27
CA PHE D 60 29.86 7.17 21.35
C PHE D 60 30.87 8.31 21.26
N TYR D 61 31.96 8.20 21.99
CA TYR D 61 32.99 9.22 21.95
C TYR D 61 33.95 8.90 20.81
N ARG D 62 33.51 9.16 19.58
CA ARG D 62 34.24 8.75 18.36
C ARG D 62 34.65 9.92 17.48
N ASP D 63 35.52 9.66 16.51
CA ASP D 63 36.03 10.72 15.65
C ASP D 63 35.14 11.00 14.44
N TRP D 64 35.52 12.01 13.67
CA TRP D 64 34.74 12.45 12.51
C TRP D 64 34.47 11.32 11.52
N ALA D 65 35.52 10.57 11.19
CA ALA D 65 35.44 9.51 10.19
C ALA D 65 34.46 8.42 10.63
N THR D 66 34.44 8.15 11.92
CA THR D 66 33.56 7.13 12.48
C THR D 66 32.10 7.58 12.46
N TYR D 67 31.83 8.82 12.86
CA TYR D 67 30.47 9.38 12.77
C TYR D 67 30.03 9.49 11.33
N LYS D 68 30.98 9.78 10.45
CA LYS D 68 30.72 9.85 9.03
C LYS D 68 30.06 8.58 8.49
N GLN D 69 30.65 7.43 8.79
CA GLN D 69 30.24 6.16 8.20
C GLN D 69 29.24 5.39 9.04
N GLY D 70 29.14 5.76 10.32
CA GLY D 70 28.24 5.07 11.23
C GLY D 70 28.99 4.08 12.07
N PHE D 71 28.45 3.78 13.26
CA PHE D 71 29.06 2.82 14.16
C PHE D 71 28.04 2.22 15.12
N GLY D 72 28.42 1.15 15.81
CA GLY D 72 27.53 0.52 16.77
C GLY D 72 27.01 -0.82 16.31
N SER D 73 25.89 -1.24 16.89
CA SER D 73 25.35 -2.57 16.65
C SER D 73 23.86 -2.58 16.35
N ARG D 74 23.45 -3.45 15.43
CA ARG D 74 22.04 -3.70 15.19
C ARG D 74 21.37 -4.32 16.41
N LEU D 75 22.18 -4.82 17.34
CA LEU D 75 21.67 -5.49 18.53
C LEU D 75 21.32 -4.52 19.64
N GLY D 76 21.75 -3.27 19.51
CA GLY D 76 21.47 -2.28 20.54
C GLY D 76 21.69 -0.85 20.11
N GLU D 77 22.88 -0.32 20.36
CA GLU D 77 23.12 1.10 20.15
C GLU D 77 23.88 1.40 18.86
N PHE D 78 23.51 2.50 18.21
CA PHE D 78 24.18 2.89 16.99
C PHE D 78 23.96 4.35 16.63
N TRP D 79 24.84 4.83 15.75
CA TRP D 79 24.64 6.05 14.98
C TRP D 79 24.70 5.63 13.51
N LEU D 80 23.59 5.84 12.79
CA LEU D 80 23.44 5.34 11.42
C LEU D 80 24.54 5.86 10.48
N GLY D 81 25.06 7.04 10.78
CA GLY D 81 26.13 7.60 9.98
C GLY D 81 25.70 8.88 9.29
N ASN D 82 26.55 9.91 9.39
CA ASN D 82 26.23 11.22 8.82
C ASN D 82 25.97 11.23 7.31
N ASP D 83 26.78 10.51 6.53
CA ASP D 83 26.53 10.38 5.10
C ASP D 83 25.13 9.81 4.84
N ASN D 84 24.78 8.77 5.59
CA ASN D 84 23.46 8.12 5.49
C ASN D 84 22.32 9.03 5.90
N ILE D 85 22.52 9.79 6.98
CA ILE D 85 21.50 10.69 7.51
C ILE D 85 21.24 11.85 6.54
N HIS D 86 22.30 12.38 5.94
CA HIS D 86 22.12 13.39 4.92
C HIS D 86 21.27 12.83 3.75
N ALA D 87 21.64 11.67 3.25
CA ALA D 87 20.95 11.10 2.10
C ALA D 87 19.48 10.86 2.43
N LEU D 88 19.24 10.41 3.65
CA LEU D 88 17.90 10.10 4.13
C LEU D 88 17.01 11.34 4.18
N THR D 89 17.62 12.49 4.47
CA THR D 89 16.85 13.68 4.79
C THR D 89 17.05 14.83 3.80
N ALA D 90 17.93 14.64 2.82
CA ALA D 90 18.32 15.72 1.92
C ALA D 90 17.19 16.13 0.99
N GLN D 91 16.58 15.14 0.34
CA GLN D 91 15.51 15.40 -0.60
C GLN D 91 14.21 15.67 0.13
N GLY D 92 13.73 16.91 0.04
CA GLY D 92 12.49 17.29 0.66
C GLY D 92 12.59 17.36 2.16
N THR D 93 11.56 16.86 2.85
CA THR D 93 11.48 17.05 4.29
C THR D 93 10.91 15.90 5.11
N SER D 94 11.69 15.52 6.11
CA SER D 94 11.33 14.51 7.07
C SER D 94 11.00 15.19 8.39
N GLU D 95 9.98 14.67 9.06
CA GLU D 95 9.64 15.03 10.43
C GLU D 95 10.69 14.38 11.36
N LEU D 96 11.06 15.04 12.47
CA LEU D 96 11.93 14.41 13.47
C LEU D 96 11.22 14.16 14.80
N ARG D 97 11.39 12.95 15.34
CA ARG D 97 10.92 12.66 16.68
C ARG D 97 12.07 12.17 17.54
N THR D 98 12.14 12.66 18.77
CA THR D 98 13.12 12.19 19.75
C THR D 98 12.35 11.54 20.90
N ASP D 99 12.65 10.29 21.18
CA ASP D 99 12.04 9.55 22.29
C ASP D 99 13.07 9.33 23.40
N LEU D 100 12.67 9.61 24.64
CA LEU D 100 13.55 9.53 25.79
C LEU D 100 12.88 8.78 26.93
N VAL D 101 13.58 7.81 27.51
CA VAL D 101 13.06 7.04 28.64
C VAL D 101 14.05 7.11 29.82
N ASP D 102 13.58 7.47 31.01
CA ASP D 102 14.45 7.54 32.17
C ASP D 102 14.53 6.22 32.93
N PHE D 103 15.32 6.18 34.00
CA PHE D 103 15.59 4.93 34.72
C PHE D 103 14.47 4.46 35.65
N GLU D 104 13.43 5.27 35.78
CA GLU D 104 12.21 4.86 36.47
C GLU D 104 11.12 4.57 35.45
N ASP D 105 11.52 4.43 34.19
CA ASP D 105 10.62 4.04 33.10
C ASP D 105 9.57 5.09 32.72
N ASN D 106 9.91 6.36 32.91
CA ASN D 106 9.04 7.44 32.46
C ASN D 106 9.39 7.85 31.04
N TYR D 107 8.39 7.90 30.15
CA TYR D 107 8.61 8.17 28.74
C TYR D 107 8.32 9.62 28.37
N GLN D 108 9.27 10.24 27.68
CA GLN D 108 9.07 11.59 27.17
C GLN D 108 9.53 11.71 25.72
N PHE D 109 9.05 12.74 25.02
CA PHE D 109 9.40 12.93 23.61
C PHE D 109 9.38 14.40 23.20
N ALA D 110 9.96 14.68 22.03
CA ALA D 110 9.92 16.01 21.43
C ALA D 110 9.73 15.82 19.93
N LYS D 111 8.94 16.68 19.29
CA LYS D 111 8.62 16.53 17.88
C LYS D 111 8.85 17.82 17.10
N TYR D 112 9.54 17.70 15.98
CA TYR D 112 9.87 18.86 15.14
C TYR D 112 9.29 18.68 13.74
N ARG D 113 8.82 19.80 13.18
CA ARG D 113 8.10 19.79 11.93
C ARG D 113 8.95 19.30 10.76
N SER D 114 10.24 19.62 10.79
CA SER D 114 11.16 19.19 9.74
C SER D 114 12.57 19.05 10.27
N PHE D 115 13.36 18.21 9.60
CA PHE D 115 14.70 17.91 10.02
C PHE D 115 15.56 17.43 8.85
N LYS D 116 16.69 18.09 8.66
CA LYS D 116 17.71 17.56 7.75
C LYS D 116 19.11 17.97 8.18
N VAL D 117 20.10 17.20 7.72
CA VAL D 117 21.50 17.60 7.88
C VAL D 117 22.11 17.79 6.48
N ALA D 118 22.94 18.82 6.35
CA ALA D 118 23.61 19.12 5.09
C ALA D 118 24.67 18.06 4.79
N ASP D 119 25.36 18.20 3.66
CA ASP D 119 26.38 17.22 3.29
C ASP D 119 27.69 17.48 4.04
N GLU D 120 28.70 16.66 3.78
CA GLU D 120 29.95 16.74 4.53
C GLU D 120 30.66 18.07 4.33
N ALA D 121 30.59 18.60 3.12
CA ALA D 121 31.19 19.88 2.79
C ALA D 121 30.59 21.02 3.61
N GLU D 122 29.33 20.87 4.00
CA GLU D 122 28.68 21.84 4.88
C GLU D 122 28.74 21.36 6.33
N LYS D 123 29.60 20.37 6.59
CA LYS D 123 29.85 19.89 7.94
C LYS D 123 28.65 19.24 8.59
N TYR D 124 27.75 18.73 7.77
CA TYR D 124 26.51 18.08 8.26
C TYR D 124 25.69 19.04 9.09
N ASN D 125 25.65 20.29 8.63
CA ASN D 125 24.90 21.37 9.27
C ASN D 125 23.45 20.95 9.59
N LEU D 126 22.98 21.29 10.79
CA LEU D 126 21.61 20.99 11.19
C LEU D 126 20.62 22.00 10.60
N VAL D 127 19.60 21.48 9.93
CA VAL D 127 18.52 22.29 9.38
C VAL D 127 17.20 21.84 10.03
N LEU D 128 16.75 22.58 11.03
CA LEU D 128 15.63 22.15 11.85
C LEU D 128 14.42 23.07 11.77
N GLY D 129 13.24 22.48 11.60
CA GLY D 129 12.00 23.24 11.57
C GLY D 129 11.43 23.46 12.96
N ALA D 130 10.20 23.96 13.01
CA ALA D 130 9.57 24.33 14.27
C ALA D 130 9.33 23.15 15.22
N PHE D 131 9.60 23.38 16.50
CA PHE D 131 9.13 22.51 17.56
C PHE D 131 7.60 22.42 17.52
N VAL D 132 7.08 21.20 17.47
CA VAL D 132 5.64 21.00 17.38
C VAL D 132 5.00 20.79 18.76
N GLU D 133 5.55 19.84 19.50
CA GLU D 133 5.02 19.49 20.82
C GLU D 133 5.92 18.42 21.44
N GLY D 134 5.75 18.18 22.74
CA GLY D 134 6.49 17.11 23.39
C GLY D 134 6.75 17.32 24.87
N SER D 135 6.52 16.26 25.65
CA SER D 135 6.65 16.30 27.10
C SER D 135 8.11 16.51 27.53
N ALA D 136 9.04 16.24 26.63
CA ALA D 136 10.45 16.48 26.90
C ALA D 136 10.80 17.96 26.77
N GLY D 137 9.92 18.73 26.13
CA GLY D 137 10.20 20.13 25.87
C GLY D 137 11.23 20.27 24.77
N ASP D 138 11.47 21.50 24.32
CA ASP D 138 12.32 21.75 23.17
C ASP D 138 13.78 22.03 23.56
N SER D 139 14.67 21.11 23.22
CA SER D 139 16.09 21.32 23.45
C SER D 139 16.92 21.07 22.19
N LEU D 140 16.37 21.44 21.03
CA LEU D 140 17.12 21.27 19.79
C LEU D 140 17.11 22.53 18.92
N THR D 141 16.09 23.36 19.07
CA THR D 141 15.99 24.63 18.34
C THR D 141 17.23 25.48 18.61
N PHE D 142 17.70 25.44 19.85
CA PHE D 142 18.92 26.12 20.27
C PHE D 142 20.04 25.84 19.27
N HIS D 143 20.06 24.60 18.76
CA HIS D 143 21.15 24.10 17.93
C HIS D 143 21.00 24.30 16.43
N ASN D 144 19.90 24.91 16.01
CA ASN D 144 19.64 25.11 14.59
C ASN D 144 20.76 25.85 13.87
N ASN D 145 21.05 25.41 12.64
CA ASN D 145 22.01 26.09 11.78
C ASN D 145 23.43 26.06 12.32
N GLN D 146 23.81 24.93 12.92
CA GLN D 146 25.16 24.77 13.43
C GLN D 146 25.80 23.49 12.88
N SER D 147 27.07 23.60 12.52
CA SER D 147 27.82 22.47 11.99
C SER D 147 27.91 21.36 13.02
N PHE D 148 28.08 20.13 12.55
CA PHE D 148 28.35 19.00 13.42
C PHE D 148 29.80 19.09 13.90
N SER D 149 30.07 18.60 15.10
CA SER D 149 31.43 18.60 15.64
C SER D 149 31.78 17.26 16.30
N THR D 150 33.03 16.83 16.11
CA THR D 150 33.57 15.68 16.85
C THR D 150 34.86 16.08 17.58
N LYS D 151 35.31 15.21 18.48
CA LYS D 151 36.52 15.48 19.27
C LYS D 151 37.74 15.86 18.44
N ASP D 152 37.78 15.42 17.19
CA ASP D 152 38.91 15.70 16.31
C ASP D 152 38.55 16.74 15.25
N GLN D 153 37.28 17.13 15.23
CA GLN D 153 36.79 18.14 14.28
C GLN D 153 35.94 19.19 14.97
N ASP D 154 36.59 20.27 15.39
CA ASP D 154 35.96 21.32 16.18
C ASP D 154 35.40 22.44 15.29
N ASN D 155 34.09 22.42 15.11
CA ASN D 155 33.38 23.40 14.28
C ASN D 155 32.40 24.23 15.10
N ASP D 156 32.59 24.28 16.41
CA ASP D 156 31.63 24.93 17.31
C ASP D 156 31.85 26.44 17.48
N LEU D 157 31.11 27.03 18.42
CA LEU D 157 31.24 28.48 18.70
C LEU D 157 31.84 28.73 20.08
N ASN D 158 32.78 27.88 20.47
CA ASN D 158 33.44 27.98 21.77
C ASN D 158 34.94 28.07 21.56
N THR D 159 35.63 28.90 22.34
CA THR D 159 37.08 29.00 22.20
C THR D 159 37.72 27.62 22.43
N GLY D 160 37.12 26.85 23.34
CA GLY D 160 37.57 25.49 23.62
C GLY D 160 36.89 24.49 22.72
N ASN D 161 36.85 23.23 23.17
CA ASN D 161 36.35 22.12 22.38
C ASN D 161 35.14 21.46 23.06
N CYS D 162 33.94 21.79 22.59
CA CYS D 162 32.73 21.30 23.24
C CYS D 162 32.69 19.78 23.28
N ALA D 163 33.03 19.15 22.15
CA ALA D 163 32.96 17.69 22.02
C ALA D 163 33.82 16.98 23.06
N VAL D 164 35.00 17.52 23.32
CA VAL D 164 35.87 16.97 24.37
C VAL D 164 35.27 17.29 25.73
N MET D 165 34.95 18.57 25.95
CA MET D 165 34.38 19.01 27.21
C MET D 165 33.17 18.19 27.64
N PHE D 166 32.24 17.95 26.72
CA PHE D 166 31.00 17.27 27.07
C PHE D 166 30.92 15.86 26.53
N GLN D 167 32.06 15.36 26.07
CA GLN D 167 32.28 13.95 25.79
C GLN D 167 31.23 13.32 24.87
N GLY D 168 31.01 13.95 23.73
CA GLY D 168 30.05 13.46 22.75
C GLY D 168 30.35 13.95 21.35
N ALA D 169 29.29 14.07 20.54
CA ALA D 169 29.39 14.58 19.19
C ALA D 169 28.02 15.13 18.86
N TRP D 170 27.97 16.37 18.38
CA TRP D 170 26.70 17.09 18.27
C TRP D 170 26.93 18.37 17.47
N TRP D 171 25.84 19.10 17.24
CA TRP D 171 25.89 20.40 16.60
C TRP D 171 26.11 21.49 17.67
N TYR D 172 27.20 21.34 18.41
CA TYR D 172 27.54 22.22 19.51
C TYR D 172 27.64 23.69 19.10
N LYS D 173 27.15 24.56 19.97
CA LYS D 173 27.39 26.00 19.84
C LYS D 173 28.33 26.46 20.94
N ASN D 174 27.76 26.95 22.05
CA ASN D 174 28.57 27.35 23.20
C ASN D 174 27.92 27.05 24.56
N CYS D 175 27.72 25.77 24.89
CA CYS D 175 28.00 24.64 24.01
C CYS D 175 26.72 23.92 23.58
N HIS D 176 25.85 23.58 24.55
CA HIS D 176 24.67 22.78 24.21
C HIS D 176 23.50 22.88 25.19
N THR D 177 22.32 22.48 24.71
CA THR D 177 21.16 22.23 25.58
C THR D 177 20.70 20.77 25.43
N SER D 178 21.25 20.09 24.42
CA SER D 178 21.06 18.65 24.26
C SER D 178 22.39 17.99 23.89
N ASN D 179 22.54 16.73 24.29
CA ASN D 179 23.80 16.03 24.12
C ASN D 179 23.54 14.52 24.06
N LEU D 180 22.73 14.08 23.10
CA LEU D 180 22.24 12.70 23.12
C LEU D 180 23.29 11.66 22.78
N ASN D 181 24.40 12.08 22.18
CA ASN D 181 25.54 11.20 21.92
C ASN D 181 26.59 11.30 23.04
N GLY D 182 26.18 11.83 24.18
CA GLY D 182 27.05 11.92 25.36
C GLY D 182 27.28 10.58 26.02
N ARG D 183 27.95 10.59 27.17
CA ARG D 183 28.26 9.35 27.89
C ARG D 183 27.01 8.73 28.49
N TYR D 184 26.96 7.39 28.49
CA TYR D 184 25.87 6.67 29.13
C TYR D 184 26.12 6.62 30.65
N LEU D 185 25.72 7.66 31.37
CA LEU D 185 26.07 7.77 32.79
C LEU D 185 25.07 7.13 33.77
N ARG D 186 23.94 6.64 33.24
CA ARG D 186 23.01 5.79 34.00
C ARG D 186 22.12 6.49 35.05
N GLY D 187 21.61 7.68 34.73
CA GLY D 187 20.76 8.39 35.66
C GLY D 187 21.45 9.65 36.13
N THR D 188 21.27 9.97 37.41
CA THR D 188 21.87 11.16 38.00
C THR D 188 23.39 11.09 38.00
N HIS D 189 24.03 12.17 37.56
CA HIS D 189 25.48 12.27 37.61
C HIS D 189 25.93 13.66 38.06
N GLY D 190 26.95 13.70 38.90
CA GLY D 190 27.51 14.94 39.42
C GLY D 190 28.35 15.70 38.40
N SER D 191 28.87 14.98 37.42
CA SER D 191 29.59 15.61 36.30
C SER D 191 28.62 16.46 35.47
N PHE D 192 29.07 17.63 35.01
CA PHE D 192 28.20 18.58 34.32
C PHE D 192 28.04 18.34 32.81
N ALA D 193 26.80 18.06 32.40
CA ALA D 193 26.40 18.10 30.99
C ALA D 193 27.13 17.15 30.03
N ASN D 194 27.69 16.06 30.55
CA ASN D 194 28.44 15.13 29.71
C ASN D 194 27.73 13.79 29.48
N GLY D 195 26.47 13.72 29.88
CA GLY D 195 25.68 12.50 29.75
C GLY D 195 24.67 12.59 28.62
N ILE D 196 23.77 11.61 28.54
CA ILE D 196 22.69 11.65 27.56
C ILE D 196 21.64 12.62 28.09
N ASN D 197 21.89 13.92 27.84
CA ASN D 197 21.18 15.02 28.46
C ASN D 197 20.26 15.77 27.51
N TRP D 198 19.12 16.18 28.04
CA TRP D 198 18.15 17.02 27.34
C TRP D 198 17.76 18.04 28.40
N LYS D 199 18.20 19.29 28.22
CA LYS D 199 18.08 20.29 29.28
C LYS D 199 16.64 20.46 29.76
N SER D 200 15.72 20.61 28.82
CA SER D 200 14.32 20.88 29.16
C SER D 200 13.60 19.63 29.64
N GLY D 201 14.27 18.48 29.53
CA GLY D 201 13.70 17.22 29.96
C GLY D 201 14.06 16.91 31.40
N LYS D 202 15.24 16.34 31.61
CA LYS D 202 15.66 16.03 32.98
C LYS D 202 16.94 16.74 33.40
N GLY D 203 17.38 17.70 32.58
CA GLY D 203 18.45 18.62 32.96
C GLY D 203 19.86 18.18 32.60
N TYR D 204 20.84 18.97 33.03
CA TYR D 204 22.25 18.71 32.72
C TYR D 204 22.92 17.66 33.61
N ASN D 205 22.18 17.08 34.55
CA ASN D 205 22.76 16.10 35.48
C ASN D 205 21.96 14.80 35.54
N TYR D 206 21.27 14.48 34.45
CA TYR D 206 20.57 13.21 34.34
C TYR D 206 20.74 12.62 32.93
N SER D 207 21.33 11.44 32.86
CA SER D 207 21.55 10.71 31.61
C SER D 207 20.48 9.63 31.42
N TYR D 208 19.71 9.74 30.35
CA TYR D 208 18.57 8.83 30.12
C TYR D 208 18.97 7.36 29.92
N LYS D 209 18.04 6.47 30.21
CA LYS D 209 18.21 5.04 29.94
C LYS D 209 18.10 4.74 28.43
N VAL D 210 17.12 5.37 27.79
CA VAL D 210 16.89 5.18 26.37
C VAL D 210 16.80 6.52 25.66
N SER D 211 17.38 6.57 24.46
CA SER D 211 17.29 7.70 23.56
C SER D 211 17.16 7.15 22.14
N GLU D 212 16.24 7.71 21.36
CA GLU D 212 16.11 7.33 19.96
C GLU D 212 15.79 8.59 19.19
N MET D 213 16.45 8.75 18.04
CA MET D 213 16.17 9.88 17.14
C MET D 213 15.76 9.25 15.82
N LYS D 214 14.64 9.74 15.27
CA LYS D 214 14.03 9.03 14.14
C LYS D 214 13.27 10.01 13.25
N VAL D 215 13.15 9.66 11.97
CA VAL D 215 12.47 10.52 10.99
C VAL D 215 11.42 9.77 10.18
N ARG D 216 10.50 10.51 9.59
CA ARG D 216 9.59 9.96 8.60
C ARG D 216 9.02 11.11 7.77
N PRO D 217 8.56 10.80 6.55
CA PRO D 217 7.99 11.81 5.67
C PRO D 217 6.95 12.66 6.41
N ALA D 218 7.05 13.98 6.26
CA ALA D 218 6.13 14.90 6.91
C ALA D 218 4.78 14.88 6.21
N ASN E 1 24.78 -19.93 -6.58
CA ASN E 1 26.21 -19.66 -6.88
C ASN E 1 26.78 -18.54 -6.02
N PRO E 2 26.05 -18.15 -4.97
CA PRO E 2 26.44 -17.01 -4.13
C PRO E 2 27.77 -17.24 -3.43
N CYS E 3 28.15 -18.51 -3.27
CA CYS E 3 29.34 -18.84 -2.53
C CYS E 3 30.62 -18.23 -3.13
N LEU E 4 30.73 -18.19 -4.45
CA LEU E 4 31.97 -17.71 -5.07
C LEU E 4 32.16 -16.20 -5.01
N THR E 5 31.07 -15.47 -4.81
CA THR E 5 31.15 -14.02 -4.73
C THR E 5 30.80 -13.51 -3.34
N GLY E 6 30.30 -14.40 -2.48
CA GLY E 6 29.83 -14.01 -1.15
C GLY E 6 30.95 -13.88 -0.15
N PRO E 7 30.67 -13.26 1.00
CA PRO E 7 31.71 -13.10 2.02
C PRO E 7 32.07 -14.43 2.68
N ARG E 8 33.36 -14.61 2.95
CA ARG E 8 33.82 -15.82 3.63
C ARG E 8 34.07 -15.55 5.11
N THR E 9 34.21 -14.27 5.45
CA THR E 9 34.49 -13.86 6.83
C THR E 9 33.80 -12.54 7.16
N CYS E 10 33.73 -12.21 8.44
CA CYS E 10 33.20 -10.92 8.86
C CYS E 10 34.12 -9.80 8.39
N LYS E 11 35.41 -10.12 8.26
CA LYS E 11 36.39 -9.17 7.70
C LYS E 11 36.07 -8.80 6.25
N ASP E 12 35.63 -9.79 5.46
CA ASP E 12 35.19 -9.53 4.09
C ASP E 12 34.03 -8.56 4.06
N LEU E 13 33.07 -8.79 4.94
CA LEU E 13 31.90 -7.92 5.06
C LEU E 13 32.28 -6.49 5.40
N LEU E 14 33.19 -6.32 6.36
CA LEU E 14 33.66 -4.99 6.72
C LEU E 14 34.27 -4.29 5.52
N ASP E 15 35.16 -4.99 4.82
CA ASP E 15 35.78 -4.44 3.61
C ASP E 15 34.74 -4.05 2.58
N ARG E 16 33.62 -4.75 2.56
CA ARG E 16 32.53 -4.44 1.64
C ARG E 16 31.63 -3.28 2.10
N GLY E 17 31.97 -2.67 3.24
CA GLY E 17 31.24 -1.50 3.72
C GLY E 17 30.10 -1.79 4.68
N HIS E 18 30.15 -2.92 5.37
CA HIS E 18 29.18 -3.18 6.43
C HIS E 18 29.78 -2.70 7.75
N PHE E 19 29.29 -1.55 8.23
CA PHE E 19 29.92 -0.86 9.36
C PHE E 19 29.28 -1.09 10.72
N LEU E 20 28.03 -1.56 10.72
CA LEU E 20 27.35 -1.87 11.97
C LEU E 20 27.56 -3.33 12.34
N SER E 21 27.73 -3.59 13.63
CA SER E 21 27.82 -4.97 14.07
C SER E 21 26.44 -5.59 13.92
N GLY E 22 26.41 -6.91 13.75
CA GLY E 22 25.15 -7.63 13.62
C GLY E 22 25.31 -8.94 12.88
N TRP E 23 24.20 -9.64 12.67
CA TRP E 23 24.24 -10.95 12.05
C TRP E 23 24.21 -10.89 10.53
N HIS E 24 25.12 -11.63 9.91
CA HIS E 24 25.28 -11.70 8.46
C HIS E 24 25.51 -13.15 8.04
N THR E 25 25.10 -13.51 6.84
CA THR E 25 25.43 -14.82 6.31
C THR E 25 26.82 -14.83 5.67
N ILE E 26 27.69 -15.73 6.11
CA ILE E 26 28.98 -15.93 5.45
C ILE E 26 29.04 -17.33 4.89
N TYR E 27 30.02 -17.57 4.03
CA TYR E 27 30.16 -18.88 3.41
C TYR E 27 31.42 -19.58 3.90
N LEU E 28 31.23 -20.70 4.58
CA LEU E 28 32.32 -21.51 5.09
C LEU E 28 33.07 -22.13 3.92
N PRO E 29 34.26 -22.72 4.18
CA PRO E 29 35.07 -23.29 3.11
C PRO E 29 34.35 -24.31 2.19
N ASP E 30 33.40 -25.07 2.74
CA ASP E 30 32.64 -26.03 1.92
C ASP E 30 31.36 -25.42 1.36
N CYS E 31 31.32 -24.08 1.38
CA CYS E 31 30.19 -23.31 0.85
C CYS E 31 28.90 -23.38 1.66
N ARG E 32 28.95 -24.02 2.83
CA ARG E 32 27.79 -24.00 3.71
C ARG E 32 27.60 -22.57 4.22
N PRO E 33 26.39 -22.02 4.05
CA PRO E 33 26.12 -20.69 4.60
C PRO E 33 25.90 -20.78 6.11
N LEU E 34 26.38 -19.78 6.84
CA LEU E 34 26.26 -19.75 8.28
C LEU E 34 25.98 -18.31 8.66
N THR E 35 24.94 -18.09 9.46
CA THR E 35 24.62 -16.77 9.95
C THR E 35 25.41 -16.53 11.22
N VAL E 36 26.31 -15.55 11.16
CA VAL E 36 27.22 -15.28 12.26
C VAL E 36 27.11 -13.83 12.70
N LEU E 37 27.55 -13.60 13.93
CA LEU E 37 27.58 -12.25 14.47
C LEU E 37 28.95 -11.62 14.18
N CYS E 38 28.93 -10.52 13.42
CA CYS E 38 30.13 -9.75 13.14
C CYS E 38 30.25 -8.57 14.10
N ASP E 39 31.43 -8.43 14.68
CA ASP E 39 31.76 -7.27 15.50
C ASP E 39 32.56 -6.33 14.61
N MET E 40 31.92 -5.25 14.17
CA MET E 40 32.56 -4.30 13.28
C MET E 40 33.10 -3.11 14.09
N ASP E 41 32.88 -3.17 15.40
CA ASP E 41 33.03 -2.00 16.29
C ASP E 41 34.34 -2.05 17.10
N THR E 42 34.77 -3.26 17.48
CA THR E 42 35.93 -3.46 18.36
C THR E 42 37.25 -3.64 17.65
N ASP E 43 38.27 -2.91 18.10
CA ASP E 43 39.66 -3.13 17.66
C ASP E 43 39.79 -3.26 16.14
N GLY E 44 39.30 -2.28 15.41
CA GLY E 44 39.41 -2.30 13.95
C GLY E 44 38.28 -3.02 13.23
N GLY E 45 37.49 -3.80 13.96
CA GLY E 45 36.35 -4.49 13.38
C GLY E 45 36.68 -5.73 12.56
N GLY E 46 35.65 -6.40 12.06
CA GLY E 46 35.81 -7.57 11.20
C GLY E 46 35.98 -8.88 11.95
N TRP E 47 35.54 -8.90 13.22
CA TRP E 47 35.62 -10.11 14.06
C TRP E 47 34.35 -10.95 13.94
N THR E 48 34.53 -12.27 13.87
CA THR E 48 33.41 -13.21 13.93
C THR E 48 33.26 -13.68 15.38
N VAL E 49 32.12 -13.37 15.99
CA VAL E 49 31.90 -13.69 17.39
C VAL E 49 31.32 -15.10 17.52
N PHE E 50 32.00 -15.97 18.27
CA PHE E 50 31.52 -17.33 18.45
C PHE E 50 30.98 -17.64 19.85
N GLN E 51 31.18 -16.71 20.77
CA GLN E 51 30.61 -16.87 22.13
C GLN E 51 30.20 -15.51 22.64
N ARG E 52 29.02 -15.44 23.26
CA ARG E 52 28.56 -14.19 23.87
C ARG E 52 27.69 -14.41 25.10
N ARG E 53 28.05 -13.73 26.18
CA ARG E 53 27.29 -13.69 27.43
C ARG E 53 27.00 -12.22 27.69
N VAL E 54 25.79 -11.91 28.15
CA VAL E 54 25.44 -10.50 28.35
C VAL E 54 24.39 -10.29 29.45
N ASP E 55 23.62 -11.32 29.79
CA ASP E 55 22.50 -11.13 30.75
C ASP E 55 22.01 -12.39 31.48
N GLY E 56 22.58 -13.55 31.19
CA GLY E 56 22.23 -14.78 31.90
C GLY E 56 20.91 -15.40 31.46
N SER E 57 20.42 -14.99 30.29
CA SER E 57 19.15 -15.51 29.81
C SER E 57 19.27 -16.93 29.24
N VAL E 58 20.48 -17.34 28.88
CA VAL E 58 20.68 -18.64 28.24
C VAL E 58 21.45 -19.60 29.14
N ASP E 59 20.99 -20.84 29.21
CA ASP E 59 21.65 -21.87 29.99
C ASP E 59 22.83 -22.44 29.19
N PHE E 60 24.03 -22.24 29.72
CA PHE E 60 25.28 -22.74 29.13
C PHE E 60 25.76 -24.07 29.72
N TYR E 61 25.04 -24.60 30.70
CA TYR E 61 25.39 -25.90 31.28
C TYR E 61 24.77 -27.00 30.41
N ARG E 62 25.38 -27.22 29.25
N ARG E 62 25.36 -27.24 29.26
CA ARG E 62 24.80 -28.06 28.21
CA ARG E 62 24.75 -28.06 28.25
C ARG E 62 25.65 -29.28 27.90
C ARG E 62 25.66 -29.23 27.80
N ASP E 63 25.07 -30.24 27.18
CA ASP E 63 25.78 -31.48 26.86
C ASP E 63 26.61 -31.41 25.58
N TRP E 64 27.32 -32.49 25.28
CA TRP E 64 28.23 -32.53 24.14
C TRP E 64 27.53 -32.21 22.81
N ALA E 65 26.39 -32.88 22.55
CA ALA E 65 25.62 -32.68 21.32
C ALA E 65 25.22 -31.22 21.12
N THR E 66 24.81 -30.59 22.21
CA THR E 66 24.39 -29.19 22.17
C THR E 66 25.56 -28.23 21.89
N TYR E 67 26.69 -28.44 22.58
CA TYR E 67 27.87 -27.62 22.30
C TYR E 67 28.42 -27.85 20.88
N LYS E 68 28.24 -29.07 20.37
CA LYS E 68 28.66 -29.42 19.02
C LYS E 68 27.90 -28.64 17.93
N GLN E 69 26.59 -28.56 18.08
CA GLN E 69 25.72 -27.90 17.10
C GLN E 69 25.53 -26.40 17.32
N GLY E 70 25.75 -25.95 18.55
CA GLY E 70 25.52 -24.54 18.91
C GLY E 70 24.17 -24.35 19.58
N PHE E 71 24.03 -23.26 20.33
CA PHE E 71 22.79 -23.00 21.05
C PHE E 71 22.73 -21.54 21.49
N GLY E 72 21.54 -21.13 21.92
CA GLY E 72 21.34 -19.75 22.35
C GLY E 72 20.50 -18.98 21.34
N SER E 73 20.71 -17.67 21.30
CA SER E 73 19.82 -16.78 20.54
C SER E 73 20.62 -15.67 19.88
N ARG E 74 20.23 -15.32 18.67
CA ARG E 74 20.79 -14.17 17.96
C ARG E 74 20.46 -12.87 18.68
N LEU E 75 19.41 -12.92 19.50
CA LEU E 75 18.96 -11.74 20.24
C LEU E 75 19.91 -11.43 21.41
N GLY E 76 20.73 -12.40 21.80
CA GLY E 76 21.62 -12.15 22.94
C GLY E 76 22.80 -13.09 23.11
N GLU E 77 22.58 -14.17 23.86
CA GLU E 77 23.67 -15.05 24.28
C GLU E 77 23.67 -16.32 23.46
N PHE E 78 24.85 -16.79 23.10
CA PHE E 78 24.98 -17.99 22.28
C PHE E 78 26.37 -18.58 22.34
N TRP E 79 26.45 -19.85 21.93
CA TRP E 79 27.70 -20.52 21.58
C TRP E 79 27.49 -20.99 20.14
N LEU E 80 28.37 -20.59 19.23
CA LEU E 80 28.14 -20.79 17.80
C LEU E 80 28.14 -22.27 17.39
N GLY E 81 28.81 -23.10 18.18
CA GLY E 81 28.86 -24.54 17.95
C GLY E 81 30.27 -24.97 17.59
N ASN E 82 30.72 -26.08 18.18
CA ASN E 82 32.08 -26.54 17.97
C ASN E 82 32.40 -26.97 16.52
N ASP E 83 31.46 -27.61 15.83
CA ASP E 83 31.69 -27.93 14.42
C ASP E 83 31.90 -26.65 13.60
N ASN E 84 31.11 -25.63 13.90
CA ASN E 84 31.20 -24.33 13.23
C ASN E 84 32.51 -23.61 13.54
N ILE E 85 32.91 -23.60 14.80
CA ILE E 85 34.19 -23.04 15.21
C ILE E 85 35.39 -23.76 14.57
N HIS E 86 35.33 -25.09 14.48
CA HIS E 86 36.37 -25.82 13.75
C HIS E 86 36.42 -25.36 12.29
N ALA E 87 35.25 -25.26 11.66
CA ALA E 87 35.18 -24.90 10.24
C ALA E 87 35.76 -23.52 10.01
N LEU E 88 35.46 -22.58 10.91
CA LEU E 88 35.94 -21.21 10.80
C LEU E 88 37.44 -21.08 10.99
N THR E 89 38.05 -22.02 11.71
CA THR E 89 39.44 -21.85 12.15
C THR E 89 40.42 -22.88 11.60
N ALA E 90 39.92 -23.88 10.87
CA ALA E 90 40.73 -25.03 10.43
C ALA E 90 41.84 -24.71 9.43
N GLN E 91 41.64 -23.68 8.60
CA GLN E 91 42.64 -23.31 7.61
C GLN E 91 42.87 -21.81 7.67
N GLY E 92 43.96 -21.33 7.08
CA GLY E 92 44.35 -19.94 7.22
C GLY E 92 44.74 -19.64 8.66
N THR E 93 44.91 -18.38 9.01
CA THR E 93 45.29 -18.09 10.39
C THR E 93 44.35 -17.09 11.04
N SER E 94 43.65 -17.54 12.08
CA SER E 94 42.71 -16.70 12.81
C SER E 94 43.34 -16.23 14.11
N GLU E 95 43.29 -14.93 14.39
CA GLU E 95 43.67 -14.41 15.69
C GLU E 95 42.44 -14.50 16.60
N LEU E 96 42.66 -14.57 17.91
CA LEU E 96 41.56 -14.63 18.86
C LEU E 96 41.55 -13.39 19.74
N ARG E 97 40.37 -12.85 19.98
CA ARG E 97 40.21 -11.77 20.95
C ARG E 97 39.13 -12.18 21.93
N THR E 98 39.37 -11.93 23.22
CA THR E 98 38.39 -12.15 24.26
C THR E 98 38.12 -10.79 24.90
N ASP E 99 36.86 -10.38 24.94
CA ASP E 99 36.49 -9.09 25.54
C ASP E 99 35.63 -9.38 26.75
N LEU E 100 35.92 -8.67 27.85
CA LEU E 100 35.24 -8.90 29.12
C LEU E 100 34.87 -7.56 29.76
N VAL E 101 33.66 -7.47 30.31
CA VAL E 101 33.22 -6.22 30.97
C VAL E 101 32.61 -6.60 32.30
N ASP E 102 33.02 -5.92 33.38
CA ASP E 102 32.47 -6.21 34.68
C ASP E 102 31.25 -5.36 34.96
N PHE E 103 30.67 -5.52 36.15
CA PHE E 103 29.47 -4.79 36.51
C PHE E 103 29.76 -3.36 36.94
N GLU E 104 31.04 -3.01 36.98
CA GLU E 104 31.45 -1.63 37.31
C GLU E 104 31.87 -0.85 36.06
N ASP E 105 31.61 -1.44 34.90
CA ASP E 105 31.89 -0.81 33.61
C ASP E 105 33.37 -0.78 33.24
N ASN E 106 34.17 -1.65 33.85
CA ASN E 106 35.56 -1.79 33.51
C ASN E 106 35.68 -2.79 32.37
N TYR E 107 36.39 -2.39 31.32
CA TYR E 107 36.64 -3.23 30.16
C TYR E 107 38.02 -3.85 30.22
N GLN E 108 38.08 -5.17 30.02
CA GLN E 108 39.32 -5.92 29.93
C GLN E 108 39.30 -6.78 28.66
N PHE E 109 40.47 -7.13 28.15
CA PHE E 109 40.57 -8.00 26.96
C PHE E 109 41.87 -8.79 26.92
N ALA E 110 41.87 -9.85 26.11
CA ALA E 110 43.05 -10.66 25.86
C ALA E 110 43.08 -10.97 24.37
N LYS E 111 44.26 -10.93 23.77
CA LYS E 111 44.44 -11.21 22.34
C LYS E 111 45.55 -12.27 22.15
N TYR E 112 45.29 -13.23 21.24
CA TYR E 112 46.22 -14.31 20.94
C TYR E 112 46.53 -14.32 19.45
N ARG E 113 47.77 -14.71 19.12
CA ARG E 113 48.27 -14.62 17.74
C ARG E 113 47.53 -15.54 16.76
N SER E 114 47.11 -16.69 17.26
CA SER E 114 46.38 -17.65 16.45
C SER E 114 45.49 -18.49 17.34
N PHE E 115 44.44 -19.05 16.76
CA PHE E 115 43.47 -19.84 17.51
C PHE E 115 42.82 -20.79 16.54
N LYS E 116 42.76 -22.07 16.92
CA LYS E 116 42.11 -23.07 16.09
C LYS E 116 41.57 -24.13 17.02
N VAL E 117 40.38 -24.62 16.76
CA VAL E 117 39.95 -25.86 17.42
C VAL E 117 39.90 -26.98 16.41
N ALA E 118 40.39 -28.15 16.81
CA ALA E 118 40.48 -29.32 15.95
C ALA E 118 39.10 -29.95 15.78
N ASP E 119 39.00 -31.01 14.98
CA ASP E 119 37.70 -31.61 14.68
C ASP E 119 37.20 -32.45 15.85
N GLU E 120 35.98 -32.95 15.75
CA GLU E 120 35.39 -33.76 16.80
C GLU E 120 36.22 -35.00 17.16
N ALA E 121 36.88 -35.58 16.16
CA ALA E 121 37.71 -36.77 16.40
C ALA E 121 38.86 -36.46 17.33
N GLU E 122 39.34 -35.23 17.28
CA GLU E 122 40.37 -34.77 18.20
C GLU E 122 39.74 -34.07 19.42
N LYS E 123 38.44 -34.29 19.64
CA LYS E 123 37.71 -33.70 20.77
C LYS E 123 37.79 -32.19 20.83
N TYR E 124 37.81 -31.57 19.66
CA TYR E 124 37.85 -30.11 19.55
C TYR E 124 39.01 -29.52 20.34
N ASN E 125 40.12 -30.23 20.31
CA ASN E 125 41.40 -29.83 20.91
C ASN E 125 41.71 -28.36 20.62
N LEU E 126 42.04 -27.62 21.67
CA LEU E 126 42.47 -26.24 21.56
C LEU E 126 43.93 -26.08 21.07
N VAL E 127 44.11 -25.42 19.93
CA VAL E 127 45.45 -25.11 19.42
C VAL E 127 45.63 -23.59 19.44
N LEU E 128 46.35 -23.09 20.45
CA LEU E 128 46.40 -21.66 20.73
C LEU E 128 47.80 -21.10 20.50
N GLY E 129 47.90 -20.00 19.77
CA GLY E 129 49.19 -19.33 19.58
C GLY E 129 49.52 -18.39 20.72
N ALA E 130 50.63 -17.68 20.59
CA ALA E 130 51.16 -16.81 21.63
C ALA E 130 50.17 -15.73 22.09
N PHE E 131 50.17 -15.48 23.40
CA PHE E 131 49.53 -14.30 23.97
C PHE E 131 50.19 -13.07 23.39
N VAL E 132 49.38 -12.13 22.88
CA VAL E 132 49.95 -10.91 22.32
C VAL E 132 49.97 -9.81 23.37
N GLU E 133 48.81 -9.55 23.96
CA GLU E 133 48.66 -8.43 24.87
C GLU E 133 47.25 -8.51 25.43
N GLY E 134 47.00 -7.81 26.52
CA GLY E 134 45.65 -7.72 27.02
C GLY E 134 45.57 -7.36 28.48
N SER E 135 44.71 -6.37 28.77
CA SER E 135 44.47 -5.93 30.14
C SER E 135 43.89 -7.02 31.04
N ALA E 136 43.27 -8.05 30.45
CA ALA E 136 42.72 -9.14 31.25
C ALA E 136 43.78 -10.13 31.72
N GLY E 137 44.96 -10.06 31.10
CA GLY E 137 46.01 -11.04 31.37
C GLY E 137 45.73 -12.35 30.64
N ASP E 138 46.72 -13.25 30.61
CA ASP E 138 46.61 -14.49 29.85
C ASP E 138 46.06 -15.59 30.74
N SER E 139 44.78 -15.90 30.56
CA SER E 139 44.20 -17.06 31.27
C SER E 139 43.70 -18.11 30.30
N LEU E 140 44.38 -18.26 29.17
CA LEU E 140 43.99 -19.31 28.22
C LEU E 140 45.17 -20.16 27.74
N THR E 141 46.39 -19.62 27.75
CA THR E 141 47.56 -20.44 27.39
C THR E 141 47.62 -21.71 28.25
N PHE E 142 47.26 -21.57 29.52
CA PHE E 142 47.14 -22.69 30.45
C PHE E 142 46.32 -23.85 29.85
N HIS E 143 45.35 -23.51 29.01
CA HIS E 143 44.38 -24.48 28.45
C HIS E 143 44.78 -25.08 27.10
N ASN E 144 45.87 -24.58 26.52
CA ASN E 144 46.32 -25.06 25.22
C ASN E 144 46.47 -26.58 25.17
N ASN E 145 46.06 -27.16 24.05
CA ASN E 145 46.31 -28.57 23.80
C ASN E 145 45.51 -29.47 24.75
N GLN E 146 44.34 -28.99 25.20
CA GLN E 146 43.44 -29.84 25.98
C GLN E 146 42.21 -30.11 25.14
N SER E 147 41.61 -31.29 25.32
CA SER E 147 40.30 -31.63 24.74
C SER E 147 39.20 -30.76 25.33
N PHE E 148 38.13 -30.52 24.57
CA PHE E 148 36.92 -29.88 25.09
C PHE E 148 36.21 -30.92 25.96
N SER E 149 35.54 -30.47 27.02
CA SER E 149 34.77 -31.39 27.88
C SER E 149 33.45 -30.75 28.23
N THR E 150 32.40 -31.57 28.34
CA THR E 150 31.10 -31.12 28.79
C THR E 150 30.66 -32.03 29.94
N LYS E 151 29.54 -31.70 30.58
CA LYS E 151 29.08 -32.49 31.74
C LYS E 151 28.98 -34.01 31.44
N ASP E 152 28.57 -34.35 30.22
CA ASP E 152 28.37 -35.74 29.83
C ASP E 152 29.54 -36.34 29.06
N GLN E 153 30.56 -35.55 28.78
CA GLN E 153 31.77 -36.04 28.09
C GLN E 153 33.00 -35.51 28.79
N ASP E 154 33.54 -36.29 29.71
CA ASP E 154 34.66 -35.92 30.54
C ASP E 154 35.97 -36.31 29.88
N ASN E 155 36.66 -35.31 29.33
CA ASN E 155 37.93 -35.55 28.64
C ASN E 155 39.04 -34.78 29.33
N ASP E 156 38.79 -34.37 30.57
CA ASP E 156 39.69 -33.46 31.27
C ASP E 156 40.83 -34.22 31.94
N LEU E 157 41.70 -33.52 32.66
CA LEU E 157 42.83 -34.20 33.31
C LEU E 157 42.62 -34.30 34.83
N ASN E 158 41.38 -34.23 35.26
CA ASN E 158 41.01 -34.32 36.69
C ASN E 158 40.35 -35.69 36.96
N THR E 159 40.54 -36.22 38.19
CA THR E 159 39.97 -37.53 38.53
C THR E 159 38.48 -37.43 38.78
N GLY E 160 38.00 -36.20 38.91
CA GLY E 160 36.57 -35.92 38.93
C GLY E 160 36.12 -35.36 37.59
N ASN E 161 35.01 -34.63 37.61
CA ASN E 161 34.39 -34.12 36.40
C ASN E 161 34.39 -32.59 36.45
N CYS E 162 35.32 -31.94 35.76
CA CYS E 162 35.47 -30.49 35.87
C CYS E 162 34.22 -29.73 35.38
N ALA E 163 33.61 -30.18 34.28
CA ALA E 163 32.44 -29.45 33.78
C ALA E 163 31.31 -29.49 34.80
N VAL E 164 31.18 -30.60 35.52
CA VAL E 164 30.18 -30.67 36.59
C VAL E 164 30.57 -29.78 37.78
N MET E 165 31.80 -29.91 38.24
CA MET E 165 32.29 -29.12 39.38
C MET E 165 32.22 -27.61 39.14
N PHE E 166 32.43 -27.18 37.89
CA PHE E 166 32.51 -25.75 37.59
C PHE E 166 31.39 -25.30 36.66
N GLN E 167 30.41 -26.17 36.50
CA GLN E 167 29.13 -25.82 35.88
C GLN E 167 29.28 -25.09 34.57
N GLY E 168 30.06 -25.68 33.68
CA GLY E 168 30.30 -25.10 32.36
C GLY E 168 30.69 -26.13 31.33
N ALA E 169 31.41 -25.67 30.32
CA ALA E 169 31.99 -26.53 29.28
C ALA E 169 33.21 -25.79 28.75
N TRP E 170 34.35 -26.47 28.69
CA TRP E 170 35.61 -25.79 28.40
C TRP E 170 36.69 -26.81 28.11
N TRP E 171 37.86 -26.31 27.75
CA TRP E 171 39.01 -27.19 27.55
C TRP E 171 39.66 -27.46 28.91
N TYR E 172 38.91 -28.13 29.78
CA TYR E 172 39.36 -28.31 31.17
C TYR E 172 40.63 -29.15 31.32
N LYS E 173 41.48 -28.74 32.26
CA LYS E 173 42.67 -29.49 32.60
C LYS E 173 42.46 -30.13 34.00
N ASN E 174 42.97 -29.48 35.04
CA ASN E 174 42.88 -30.00 36.40
C ASN E 174 42.74 -28.88 37.45
N CYS E 175 41.86 -27.89 37.26
CA CYS E 175 40.79 -27.87 36.25
C CYS E 175 40.85 -26.66 35.31
N HIS E 176 40.89 -25.45 35.84
CA HIS E 176 40.86 -24.30 34.96
C HIS E 176 41.43 -23.02 35.54
N THR E 177 41.63 -22.10 34.62
CA THR E 177 42.11 -20.77 34.92
C THR E 177 41.14 -19.81 34.22
N SER E 178 40.37 -20.31 33.24
CA SER E 178 39.23 -19.59 32.65
C SER E 178 38.02 -20.52 32.53
N ASN E 179 36.82 -19.94 32.48
CA ASN E 179 35.57 -20.70 32.54
C ASN E 179 34.44 -19.83 31.99
N LEU E 180 34.61 -19.36 30.76
CA LEU E 180 33.71 -18.31 30.25
C LEU E 180 32.34 -18.84 29.89
N ASN E 181 32.20 -20.17 29.83
CA ASN E 181 30.86 -20.77 29.64
C ASN E 181 30.26 -21.22 30.95
N GLY E 182 30.81 -20.72 32.06
CA GLY E 182 30.28 -21.01 33.40
C GLY E 182 28.97 -20.29 33.68
N ARG E 183 28.50 -20.37 34.92
CA ARG E 183 27.21 -19.82 35.27
C ARG E 183 27.25 -18.30 35.35
N TYR E 184 26.13 -17.67 34.98
CA TYR E 184 26.00 -16.21 35.00
C TYR E 184 25.68 -15.77 36.43
N LEU E 185 26.70 -15.62 37.26
CA LEU E 185 26.51 -15.42 38.70
C LEU E 185 26.48 -13.94 39.11
N ARG E 186 26.58 -13.08 38.10
CA ARG E 186 26.34 -11.64 38.28
C ARG E 186 27.27 -10.98 39.30
N GLY E 187 28.57 -10.94 39.03
CA GLY E 187 29.51 -10.25 39.90
C GLY E 187 30.16 -11.17 40.91
N THR E 188 30.49 -10.64 42.09
CA THR E 188 31.12 -11.45 43.14
C THR E 188 30.24 -12.62 43.56
N HIS E 189 30.88 -13.76 43.77
CA HIS E 189 30.17 -14.96 44.21
C HIS E 189 31.09 -15.76 45.11
N GLY E 190 30.53 -16.25 46.21
CA GLY E 190 31.30 -17.03 47.19
C GLY E 190 31.66 -18.40 46.67
N SER E 191 30.79 -18.98 45.84
CA SER E 191 31.08 -20.28 45.24
C SER E 191 32.36 -20.20 44.44
N PHE E 192 33.13 -21.29 44.43
CA PHE E 192 34.44 -21.28 43.81
C PHE E 192 34.45 -21.60 42.31
N ALA E 193 34.80 -20.60 41.51
CA ALA E 193 35.23 -20.80 40.12
C ALA E 193 34.19 -21.40 39.17
N ASN E 194 32.91 -21.28 39.52
CA ASN E 194 31.84 -21.81 38.69
C ASN E 194 31.04 -20.70 37.98
N GLY E 195 31.58 -19.49 37.94
CA GLY E 195 30.97 -18.39 37.18
C GLY E 195 31.69 -18.12 35.87
N ILE E 196 31.36 -17.00 35.23
CA ILE E 196 32.10 -16.57 34.04
C ILE E 196 33.40 -15.95 34.55
N ASN E 197 34.42 -16.80 34.69
CA ASN E 197 35.64 -16.42 35.41
C ASN E 197 36.87 -16.40 34.53
N TRP E 198 37.73 -15.40 34.76
CA TRP E 198 39.00 -15.27 34.07
C TRP E 198 40.01 -14.93 35.16
N LYS E 199 40.81 -15.91 35.58
CA LYS E 199 41.57 -15.78 36.81
C LYS E 199 42.46 -14.53 36.86
N SER E 200 43.21 -14.28 35.79
CA SER E 200 44.10 -13.10 35.75
C SER E 200 43.32 -11.79 35.62
N GLY E 201 42.04 -11.90 35.34
CA GLY E 201 41.18 -10.73 35.19
C GLY E 201 40.55 -10.35 36.52
N LYS E 202 39.41 -10.95 36.84
CA LYS E 202 38.73 -10.64 38.10
C LYS E 202 38.78 -11.80 39.12
N GLY E 203 39.50 -12.86 38.78
CA GLY E 203 39.67 -13.97 39.70
C GLY E 203 38.59 -15.04 39.66
N TYR E 204 38.68 -15.96 40.61
CA TYR E 204 37.83 -17.15 40.65
C TYR E 204 36.47 -16.89 41.33
N ASN E 205 36.30 -15.67 41.86
CA ASN E 205 35.09 -15.35 42.59
C ASN E 205 34.39 -14.11 42.04
N TYR E 206 34.55 -13.86 40.75
CA TYR E 206 33.84 -12.74 40.12
C TYR E 206 33.36 -13.14 38.75
N SER E 207 32.06 -13.04 38.53
CA SER E 207 31.49 -13.42 37.24
C SER E 207 31.15 -12.16 36.42
N TYR E 208 31.75 -12.05 35.23
CA TYR E 208 31.65 -10.85 34.40
C TYR E 208 30.22 -10.62 33.92
N LYS E 209 29.91 -9.36 33.60
CA LYS E 209 28.61 -9.01 33.02
C LYS E 209 28.58 -9.42 31.56
N VAL E 210 29.67 -9.14 30.86
CA VAL E 210 29.77 -9.44 29.42
C VAL E 210 31.00 -10.26 29.12
N SER E 211 30.84 -11.26 28.25
CA SER E 211 31.95 -12.03 27.71
C SER E 211 31.73 -12.16 26.21
N GLU E 212 32.77 -11.93 25.42
CA GLU E 212 32.74 -12.21 23.99
C GLU E 212 34.05 -12.87 23.55
N MET E 213 33.93 -13.98 22.81
CA MET E 213 35.10 -14.59 22.16
C MET E 213 34.89 -14.49 20.65
N LYS E 214 35.92 -14.02 19.95
CA LYS E 214 35.78 -13.71 18.52
C LYS E 214 37.10 -13.91 17.76
N VAL E 215 36.99 -14.13 16.44
CA VAL E 215 38.18 -14.41 15.62
C VAL E 215 38.20 -13.56 14.36
N ARG E 216 39.40 -13.37 13.81
CA ARG E 216 39.63 -12.57 12.62
C ARG E 216 40.88 -13.11 11.90
N PRO E 217 40.88 -13.08 10.56
CA PRO E 217 42.11 -13.51 9.86
C PRO E 217 43.30 -12.67 10.33
N ALA E 218 44.38 -13.35 10.71
CA ALA E 218 45.56 -12.67 11.24
C ALA E 218 46.34 -11.97 10.16
N PRO F 2 11.03 -19.83 -2.37
CA PRO F 2 10.26 -20.42 -2.10
C PRO F 2 9.04 -21.31 -2.27
N CYS F 3 8.19 -21.35 -1.25
CA CYS F 3 6.98 -22.17 -1.29
C CYS F 3 6.96 -23.29 -0.90
N LEU F 4 6.61 -24.17 -1.82
CA LEU F 4 6.24 -25.54 -1.47
C LEU F 4 7.51 -26.32 -1.19
N THR F 5 8.64 -25.61 -1.31
CA THR F 5 9.96 -26.18 -1.05
C THR F 5 10.63 -25.48 0.13
N GLY F 6 10.07 -24.35 0.56
CA GLY F 6 10.64 -23.57 1.65
C GLY F 6 10.13 -24.00 3.01
N PRO F 7 10.77 -23.52 4.09
CA PRO F 7 10.36 -23.88 5.44
C PRO F 7 8.96 -23.36 5.74
N ARG F 8 8.09 -24.21 6.28
CA ARG F 8 6.72 -23.81 6.56
C ARG F 8 6.53 -23.50 8.05
N THR F 9 7.51 -23.90 8.87
CA THR F 9 7.45 -23.71 10.31
C THR F 9 8.86 -23.56 10.90
N CYS F 10 8.96 -23.13 12.15
CA CYS F 10 10.25 -23.07 12.86
C CYS F 10 10.84 -24.46 13.07
N LYS F 11 9.97 -25.46 13.21
CA LYS F 11 10.43 -26.85 13.27
C LYS F 11 11.20 -27.25 12.01
N ASP F 12 10.69 -26.86 10.84
CA ASP F 12 11.38 -27.11 9.56
C ASP F 12 12.78 -26.50 9.56
N LEU F 13 12.88 -25.29 10.09
CA LEU F 13 14.14 -24.56 10.16
C LEU F 13 15.15 -25.30 11.04
N LEU F 14 14.68 -25.79 12.18
CA LEU F 14 15.52 -26.59 13.06
C LEU F 14 16.03 -27.85 12.35
N ASP F 15 15.12 -28.53 11.67
CA ASP F 15 15.47 -29.74 10.90
C ASP F 15 16.45 -29.45 9.75
N ARG F 16 16.50 -28.20 9.31
CA ARG F 16 17.44 -27.80 8.28
C ARG F 16 18.78 -27.29 8.84
N GLY F 17 18.93 -27.33 10.15
CA GLY F 17 20.22 -26.98 10.78
C GLY F 17 20.37 -25.57 11.32
N HIS F 18 19.25 -24.87 11.53
CA HIS F 18 19.26 -23.57 12.17
C HIS F 18 19.14 -23.77 13.68
N PHE F 19 20.26 -23.69 14.40
CA PHE F 19 20.29 -24.06 15.81
C PHE F 19 20.13 -22.89 16.77
N LEU F 20 20.28 -21.67 16.27
CA LEU F 20 20.15 -20.49 17.13
C LEU F 20 18.78 -19.87 17.00
N SER F 21 18.19 -19.47 18.13
CA SER F 21 16.90 -18.80 18.12
C SER F 21 17.05 -17.45 17.45
N GLY F 22 15.97 -16.98 16.83
CA GLY F 22 16.00 -15.69 16.14
C GLY F 22 14.93 -15.60 15.09
N TRP F 23 14.90 -14.48 14.39
CA TRP F 23 13.85 -14.19 13.42
C TRP F 23 14.20 -14.81 12.06
N HIS F 24 13.25 -15.57 11.54
CA HIS F 24 13.41 -16.24 10.27
C HIS F 24 12.13 -16.09 9.49
N THR F 25 12.24 -16.03 8.17
CA THR F 25 11.05 -16.00 7.36
C THR F 25 10.59 -17.43 7.07
N ILE F 26 9.28 -17.66 7.19
CA ILE F 26 8.70 -18.96 6.87
C ILE F 26 7.54 -18.77 5.91
N TYR F 27 6.99 -19.87 5.39
CA TYR F 27 5.89 -19.79 4.45
C TYR F 27 4.60 -20.39 4.99
N LEU F 28 3.62 -19.52 5.22
CA LEU F 28 2.33 -19.92 5.76
C LEU F 28 1.61 -20.85 4.79
N PRO F 29 0.52 -21.48 5.26
CA PRO F 29 -0.33 -22.36 4.44
C PRO F 29 -0.69 -21.77 3.09
N ASP F 30 -1.12 -20.51 3.06
CA ASP F 30 -1.47 -19.86 1.79
C ASP F 30 -0.24 -19.26 1.10
N CYS F 31 0.95 -19.70 1.51
CA CYS F 31 2.20 -19.31 0.89
C CYS F 31 2.68 -17.89 1.22
N ARG F 32 1.91 -17.17 2.04
CA ARG F 32 2.31 -15.83 2.49
C ARG F 32 3.57 -15.91 3.37
N PRO F 33 4.64 -15.20 2.98
CA PRO F 33 5.89 -15.18 3.75
C PRO F 33 5.77 -14.33 5.02
N LEU F 34 6.32 -14.84 6.12
CA LEU F 34 6.20 -14.17 7.41
C LEU F 34 7.50 -14.34 8.18
N THR F 35 8.07 -13.24 8.66
CA THR F 35 9.22 -13.32 9.55
C THR F 35 8.73 -13.53 10.98
N VAL F 36 9.12 -14.66 11.58
CA VAL F 36 8.68 -15.03 12.92
C VAL F 36 9.89 -15.36 13.80
N LEU F 37 9.71 -15.26 15.11
CA LEU F 37 10.75 -15.62 16.07
C LEU F 37 10.71 -17.12 16.35
N CYS F 38 11.79 -17.82 16.03
CA CYS F 38 11.91 -19.24 16.34
C CYS F 38 12.66 -19.40 17.67
N ASP F 39 12.12 -20.22 18.56
CA ASP F 39 12.82 -20.59 19.78
C ASP F 39 13.40 -21.98 19.57
N MET F 40 14.71 -22.04 19.37
CA MET F 40 15.40 -23.29 19.04
C MET F 40 16.03 -23.90 20.27
N ASP F 41 15.82 -23.25 21.41
CA ASP F 41 16.59 -23.51 22.63
C ASP F 41 15.75 -24.31 23.63
N THR F 42 14.46 -23.96 23.75
CA THR F 42 13.56 -24.50 24.78
C THR F 42 12.93 -25.82 24.37
N ASP F 43 13.03 -26.82 25.25
CA ASP F 43 12.23 -28.04 25.14
C ASP F 43 12.29 -28.68 23.75
N GLY F 44 13.51 -28.92 23.27
CA GLY F 44 13.71 -29.55 21.96
C GLY F 44 13.85 -28.59 20.80
N GLY F 45 13.37 -27.35 20.96
CA GLY F 45 13.47 -26.35 19.91
C GLY F 45 12.41 -26.50 18.84
N GLY F 46 12.35 -25.56 17.90
CA GLY F 46 11.38 -25.62 16.81
C GLY F 46 10.05 -24.94 17.09
N TRP F 47 10.01 -24.09 18.12
CA TRP F 47 8.82 -23.36 18.50
C TRP F 47 8.75 -22.01 17.80
N THR F 48 7.57 -21.70 17.31
CA THR F 48 7.30 -20.38 16.77
C THR F 48 6.66 -19.53 17.86
N VAL F 49 7.33 -18.44 18.24
CA VAL F 49 6.89 -17.56 19.33
C VAL F 49 5.91 -16.49 18.81
N PHE F 50 4.73 -16.42 19.42
CA PHE F 50 3.72 -15.45 18.95
C PHE F 50 3.38 -14.35 19.96
N GLN F 51 3.84 -14.53 21.20
CA GLN F 51 3.77 -13.47 22.21
C GLN F 51 5.07 -13.48 23.01
N ARG F 52 5.61 -12.29 23.28
CA ARG F 52 6.76 -12.17 24.15
C ARG F 52 6.67 -10.90 25.01
N ARG F 53 6.81 -11.08 26.33
CA ARG F 53 6.94 -9.98 27.30
C ARG F 53 8.27 -10.16 28.01
N VAL F 54 9.02 -9.07 28.17
CA VAL F 54 10.32 -9.17 28.79
C VAL F 54 10.71 -7.97 29.67
N ASP F 55 10.13 -6.79 29.44
CA ASP F 55 10.62 -5.58 30.11
C ASP F 55 9.64 -4.42 30.28
N GLY F 56 8.43 -4.54 29.71
CA GLY F 56 7.43 -3.50 29.89
C GLY F 56 7.58 -2.33 28.93
N SER F 57 8.45 -2.46 27.93
CA SER F 57 8.71 -1.41 26.94
C SER F 57 7.59 -1.22 25.94
N VAL F 58 6.74 -2.23 25.75
CA VAL F 58 5.66 -2.15 24.77
C VAL F 58 4.29 -2.09 25.45
N ASP F 59 3.44 -1.18 24.97
CA ASP F 59 2.05 -1.07 25.45
C ASP F 59 1.19 -2.20 24.86
N PHE F 60 0.64 -3.06 25.71
CA PHE F 60 -0.17 -4.20 25.26
C PHE F 60 -1.67 -3.96 25.46
N TYR F 61 -2.01 -2.78 25.94
CA TYR F 61 -3.40 -2.42 26.12
C TYR F 61 -3.88 -1.75 24.82
N ARG F 62 -4.14 -2.58 23.82
CA ARG F 62 -4.41 -2.11 22.44
C ARG F 62 -5.76 -2.56 21.90
N ASP F 63 -6.15 -1.95 20.80
CA ASP F 63 -7.48 -2.17 20.26
C ASP F 63 -7.52 -3.37 19.29
N TRP F 64 -8.72 -3.65 18.78
CA TRP F 64 -8.95 -4.84 17.95
C TRP F 64 -8.05 -4.87 16.73
N ALA F 65 -7.99 -3.76 16.00
CA ALA F 65 -7.18 -3.65 14.78
C ALA F 65 -5.69 -3.89 15.05
N THR F 66 -5.18 -3.38 16.17
CA THR F 66 -3.78 -3.51 16.52
C THR F 66 -3.40 -4.96 16.85
N TYR F 67 -4.26 -5.64 17.62
CA TYR F 67 -4.04 -7.09 17.88
C TYR F 67 -4.27 -7.95 16.63
N LYS F 68 -5.06 -7.45 15.70
CA LYS F 68 -5.33 -8.14 14.46
C LYS F 68 -4.06 -8.21 13.60
N GLN F 69 -3.36 -7.08 13.49
CA GLN F 69 -2.21 -7.00 12.59
C GLN F 69 -0.88 -7.32 13.31
N GLY F 70 -0.90 -7.26 14.64
CA GLY F 70 0.28 -7.52 15.46
C GLY F 70 1.00 -6.23 15.76
N PHE F 71 1.83 -6.24 16.80
CA PHE F 71 2.51 -5.00 17.20
C PHE F 71 3.75 -5.30 18.03
N GLY F 72 4.61 -4.30 18.16
CA GLY F 72 5.77 -4.42 19.01
C GLY F 72 7.05 -4.48 18.20
N SER F 73 8.05 -5.16 18.75
CA SER F 73 9.40 -5.08 18.21
C SER F 73 10.10 -6.43 18.15
N ARG F 74 10.76 -6.72 17.02
CA ARG F 74 11.61 -7.88 16.90
C ARG F 74 12.74 -7.85 17.93
N LEU F 75 13.11 -6.65 18.37
CA LEU F 75 14.20 -6.49 19.32
C LEU F 75 13.73 -6.69 20.76
N GLY F 76 12.44 -6.92 20.97
CA GLY F 76 11.90 -6.99 22.32
C GLY F 76 10.55 -7.67 22.43
N GLU F 77 9.56 -6.92 22.88
CA GLU F 77 8.22 -7.46 23.12
C GLU F 77 7.34 -7.33 21.90
N PHE F 78 6.46 -8.30 21.68
CA PHE F 78 5.54 -8.24 20.54
C PHE F 78 4.35 -9.18 20.72
N TRP F 79 3.32 -8.91 19.95
CA TRP F 79 2.24 -9.85 19.69
C TRP F 79 2.24 -10.06 18.18
N LEU F 80 2.35 -11.31 17.75
CA LEU F 80 2.50 -11.61 16.32
C LEU F 80 1.32 -11.16 15.48
N GLY F 81 0.14 -11.10 16.09
CA GLY F 81 -1.08 -10.74 15.35
C GLY F 81 -2.05 -11.90 15.19
N ASN F 82 -3.34 -11.63 15.38
CA ASN F 82 -4.34 -12.69 15.38
C ASN F 82 -4.54 -13.34 14.00
N ASP F 83 -4.41 -12.55 12.94
CA ASP F 83 -4.49 -13.08 11.58
C ASP F 83 -3.35 -14.10 11.37
N ASN F 84 -2.16 -13.74 11.83
CA ASN F 84 -0.99 -14.62 11.73
C ASN F 84 -1.11 -15.88 12.57
N ILE F 85 -1.56 -15.72 13.81
CA ILE F 85 -1.70 -16.85 14.73
C ILE F 85 -2.71 -17.84 14.17
N HIS F 86 -3.79 -17.34 13.61
CA HIS F 86 -4.78 -18.21 12.98
C HIS F 86 -4.16 -18.95 11.80
N ALA F 87 -3.43 -18.22 10.97
CA ALA F 87 -2.81 -18.82 9.80
C ALA F 87 -1.88 -19.95 10.21
N LEU F 88 -1.09 -19.70 11.25
CA LEU F 88 -0.15 -20.69 11.77
C LEU F 88 -0.83 -21.91 12.38
N THR F 89 -2.02 -21.73 12.95
CA THR F 89 -2.63 -22.80 13.74
C THR F 89 -3.83 -23.49 13.10
N ALA F 90 -4.21 -23.04 11.89
CA ALA F 90 -5.39 -23.56 11.20
C ALA F 90 -5.34 -25.07 10.94
N GLN F 91 -5.89 -25.55 9.83
CA GLN F 91 -5.81 -26.98 9.57
C GLN F 91 -4.37 -27.43 9.85
N GLY F 92 -4.22 -28.35 10.80
CA GLY F 92 -2.91 -28.77 11.28
C GLY F 92 -2.91 -28.77 12.81
N THR F 93 -1.99 -29.50 13.42
CA THR F 93 -2.01 -29.62 14.88
C THR F 93 -0.77 -29.06 15.55
N SER F 94 -0.91 -27.89 16.15
CA SER F 94 0.18 -27.25 16.86
C SER F 94 0.04 -27.46 18.36
N GLU F 95 1.10 -27.91 19.01
CA GLU F 95 1.16 -27.92 20.46
C GLU F 95 1.40 -26.50 20.95
N LEU F 96 0.98 -26.20 22.17
CA LEU F 96 1.23 -24.88 22.74
C LEU F 96 2.11 -25.00 23.98
N ARG F 97 3.11 -24.12 24.06
CA ARG F 97 3.90 -23.99 25.27
C ARG F 97 3.87 -22.55 25.78
N THR F 98 3.70 -22.41 27.08
CA THR F 98 3.74 -21.11 27.72
C THR F 98 4.91 -21.11 28.71
N ASP F 99 5.85 -20.19 28.50
CA ASP F 99 6.99 -20.03 29.40
C ASP F 99 6.84 -18.76 30.22
N LEU F 100 7.01 -18.88 31.54
CA LEU F 100 6.90 -17.76 32.47
C LEU F 100 8.13 -17.67 33.38
N VAL F 101 8.67 -16.47 33.57
CA VAL F 101 9.78 -16.30 34.50
C VAL F 101 9.42 -15.24 35.52
N ASP F 102 9.65 -15.49 36.80
CA ASP F 102 9.36 -14.47 37.80
C ASP F 102 10.55 -13.56 38.00
N PHE F 103 10.44 -12.63 38.94
CA PHE F 103 11.51 -11.66 39.12
C PHE F 103 12.67 -12.19 39.95
N GLU F 104 12.49 -13.37 40.54
CA GLU F 104 13.57 -14.06 41.25
C GLU F 104 14.15 -15.17 40.37
N ASP F 105 13.88 -15.06 39.07
CA ASP F 105 14.38 -16.00 38.07
C ASP F 105 13.95 -17.44 38.31
N ASN F 106 12.80 -17.62 38.93
CA ASN F 106 12.15 -18.92 38.97
C ASN F 106 11.39 -19.12 37.67
N TYR F 107 11.63 -20.27 37.04
CA TYR F 107 11.02 -20.61 35.76
C TYR F 107 9.80 -21.50 35.93
N GLN F 108 8.72 -21.17 35.24
CA GLN F 108 7.52 -22.02 35.23
C GLN F 108 7.06 -22.20 33.80
N PHE F 109 6.36 -23.29 33.51
CA PHE F 109 5.83 -23.49 32.16
C PHE F 109 4.52 -24.25 32.17
N ALA F 110 3.80 -24.18 31.06
CA ALA F 110 2.60 -24.98 30.88
C ALA F 110 2.59 -25.47 29.44
N LYS F 111 2.05 -26.66 29.22
CA LYS F 111 2.05 -27.25 27.89
C LYS F 111 0.70 -27.87 27.54
N TYR F 112 0.23 -27.62 26.32
CA TYR F 112 -1.04 -28.18 25.84
C TYR F 112 -0.89 -28.97 24.54
N ARG F 113 -1.65 -30.07 24.45
CA ARG F 113 -1.57 -30.98 23.31
C ARG F 113 -1.88 -30.31 21.96
N SER F 114 -2.78 -29.33 21.99
CA SER F 114 -3.17 -28.64 20.75
C SER F 114 -3.71 -27.25 21.05
N PHE F 115 -3.59 -26.37 20.05
CA PHE F 115 -3.92 -24.95 20.22
C PHE F 115 -4.29 -24.38 18.85
N LYS F 116 -5.47 -23.78 18.76
CA LYS F 116 -5.88 -23.13 17.52
C LYS F 116 -6.71 -21.88 17.82
N VAL F 117 -6.47 -20.82 17.06
CA VAL F 117 -7.39 -19.69 17.08
C VAL F 117 -8.07 -19.60 15.70
N ALA F 118 -9.38 -19.37 15.70
CA ALA F 118 -10.13 -19.34 14.44
C ALA F 118 -9.96 -18.00 13.73
N ASP F 119 -10.68 -17.81 12.64
CA ASP F 119 -10.53 -16.61 11.82
C ASP F 119 -11.16 -15.39 12.49
N GLU F 120 -11.04 -14.22 11.86
CA GLU F 120 -11.59 -13.01 12.43
C GLU F 120 -13.12 -13.06 12.54
N ALA F 121 -13.77 -13.71 11.57
CA ALA F 121 -15.22 -13.84 11.56
C ALA F 121 -15.73 -14.57 12.80
N GLU F 122 -14.91 -15.53 13.28
CA GLU F 122 -15.25 -16.28 14.50
C GLU F 122 -14.58 -15.64 15.73
N LYS F 123 -14.17 -14.38 15.58
CA LYS F 123 -13.62 -13.59 16.69
C LYS F 123 -12.36 -14.23 17.30
N TYR F 124 -11.58 -14.90 16.44
CA TYR F 124 -10.35 -15.56 16.86
C TYR F 124 -10.57 -16.50 18.05
N ASN F 125 -11.66 -17.26 17.99
CA ASN F 125 -12.06 -18.19 19.03
C ASN F 125 -10.93 -19.15 19.44
N LEU F 126 -10.78 -19.37 20.74
CA LEU F 126 -9.76 -20.29 21.26
C LEU F 126 -10.25 -21.74 21.23
N VAL F 127 -9.50 -22.59 20.53
CA VAL F 127 -9.73 -24.04 20.54
C VAL F 127 -8.49 -24.70 21.10
N LEU F 128 -8.61 -25.27 22.31
CA LEU F 128 -7.45 -25.73 23.06
C LEU F 128 -7.59 -27.21 23.45
N GLY F 129 -6.53 -27.98 23.21
CA GLY F 129 -6.48 -29.39 23.59
C GLY F 129 -6.04 -29.58 25.03
N ALA F 130 -5.82 -30.85 25.41
CA ALA F 130 -5.53 -31.22 26.80
C ALA F 130 -4.24 -30.60 27.36
N PHE F 131 -4.28 -30.28 28.65
CA PHE F 131 -3.11 -29.88 29.41
C PHE F 131 -2.19 -31.10 29.60
N VAL F 132 -0.97 -31.04 29.08
CA VAL F 132 -0.09 -32.21 29.20
C VAL F 132 0.79 -32.19 30.45
N GLU F 133 1.31 -31.02 30.81
CA GLU F 133 2.12 -30.89 32.02
C GLU F 133 2.61 -29.46 32.17
N GLY F 134 3.13 -29.13 33.35
CA GLY F 134 3.77 -27.84 33.55
C GLY F 134 3.80 -27.34 34.99
N SER F 135 4.93 -26.77 35.39
CA SER F 135 5.09 -26.25 36.74
C SER F 135 4.20 -25.04 37.02
N ALA F 136 3.69 -24.40 35.97
CA ALA F 136 2.80 -23.26 36.12
C ALA F 136 1.34 -23.66 36.39
N GLY F 137 1.04 -24.94 36.19
CA GLY F 137 -0.34 -25.43 36.28
C GLY F 137 -1.19 -24.99 35.09
N ASP F 138 -2.43 -25.47 35.05
CA ASP F 138 -3.32 -25.19 33.92
C ASP F 138 -4.21 -23.98 34.21
N SER F 139 -3.95 -22.88 33.50
CA SER F 139 -4.77 -21.69 33.62
C SER F 139 -5.23 -21.21 32.26
N LEU F 140 -5.50 -22.14 31.35
CA LEU F 140 -5.98 -21.76 30.03
C LEU F 140 -7.21 -22.56 29.58
N THR F 141 -7.35 -23.79 30.09
CA THR F 141 -8.52 -24.61 29.78
C THR F 141 -9.80 -23.86 30.13
N PHE F 142 -9.77 -23.10 31.22
CA PHE F 142 -10.85 -22.20 31.60
C PHE F 142 -11.35 -21.41 30.39
N HIS F 143 -10.43 -20.99 29.53
CA HIS F 143 -10.73 -20.08 28.44
C HIS F 143 -11.14 -20.74 27.14
N ASN F 144 -11.19 -22.06 27.11
CA ASN F 144 -11.47 -22.76 25.87
C ASN F 144 -12.80 -22.32 25.25
N ASN F 145 -12.83 -22.25 23.92
CA ASN F 145 -14.05 -21.95 23.20
C ASN F 145 -14.57 -20.55 23.49
N GLN F 146 -13.68 -19.62 23.74
CA GLN F 146 -14.06 -18.23 23.97
C GLN F 146 -13.51 -17.36 22.86
N SER F 147 -14.34 -16.42 22.41
CA SER F 147 -13.89 -15.42 21.46
C SER F 147 -12.86 -14.48 22.11
N PHE F 148 -12.00 -13.89 21.29
CA PHE F 148 -11.03 -12.89 21.73
C PHE F 148 -11.75 -11.55 21.94
N SER F 149 -11.35 -10.83 22.99
CA SER F 149 -11.89 -9.49 23.27
C SER F 149 -10.77 -8.48 23.47
N THR F 150 -10.98 -7.26 22.98
CA THR F 150 -10.10 -6.12 23.29
C THR F 150 -10.96 -5.00 23.84
N LYS F 151 -10.31 -3.92 24.29
CA LYS F 151 -11.06 -2.83 24.90
C LYS F 151 -12.21 -2.38 23.99
N ASP F 152 -11.97 -2.30 22.68
CA ASP F 152 -12.99 -1.80 21.76
C ASP F 152 -13.90 -2.88 21.14
N GLN F 153 -13.63 -4.15 21.42
CA GLN F 153 -14.51 -5.25 21.03
C GLN F 153 -14.78 -6.19 22.20
N ASP F 154 -15.80 -5.88 23.00
CA ASP F 154 -16.21 -6.73 24.12
C ASP F 154 -16.99 -7.93 23.57
N ASN F 155 -16.37 -9.11 23.60
CA ASN F 155 -17.01 -10.35 23.20
C ASN F 155 -17.06 -11.30 24.40
N ASP F 156 -16.88 -10.75 25.60
CA ASP F 156 -16.76 -11.54 26.81
C ASP F 156 -18.10 -11.97 27.38
N LEU F 157 -18.08 -12.55 28.58
CA LEU F 157 -19.30 -13.02 29.24
C LEU F 157 -19.60 -12.25 30.54
N ASN F 158 -18.95 -11.10 30.70
CA ASN F 158 -19.22 -10.20 31.81
C ASN F 158 -20.26 -9.21 31.32
N THR F 159 -20.98 -8.54 32.23
CA THR F 159 -21.88 -7.47 31.80
C THR F 159 -21.10 -6.19 31.46
N GLY F 160 -19.91 -6.06 32.01
CA GLY F 160 -19.01 -4.96 31.67
C GLY F 160 -17.94 -5.38 30.66
N ASN F 161 -16.79 -4.69 30.71
CA ASN F 161 -15.76 -4.84 29.69
C ASN F 161 -14.46 -5.40 30.29
N CYS F 162 -14.29 -6.72 30.26
CA CYS F 162 -13.13 -7.35 30.95
C CYS F 162 -11.79 -6.77 30.51
N ALA F 163 -11.66 -6.45 29.23
CA ALA F 163 -10.38 -5.94 28.74
C ALA F 163 -10.03 -4.61 29.44
N VAL F 164 -11.03 -3.76 29.60
CA VAL F 164 -10.89 -2.52 30.36
C VAL F 164 -10.65 -2.81 31.84
N MET F 165 -11.40 -3.76 32.39
CA MET F 165 -11.30 -4.06 33.82
C MET F 165 -9.96 -4.66 34.24
N PHE F 166 -9.29 -5.34 33.32
CA PHE F 166 -8.02 -6.02 33.62
C PHE F 166 -6.89 -5.55 32.71
N GLN F 167 -7.16 -4.43 32.03
CA GLN F 167 -6.23 -3.77 31.11
C GLN F 167 -5.41 -4.74 30.27
N GLY F 168 -6.08 -5.55 29.48
CA GLY F 168 -5.36 -6.47 28.60
C GLY F 168 -6.16 -6.75 27.34
N ALA F 169 -5.90 -7.90 26.75
CA ALA F 169 -6.63 -8.39 25.58
C ALA F 169 -6.50 -9.90 25.66
N TRP F 170 -7.62 -10.62 25.56
CA TRP F 170 -7.61 -12.05 25.86
C TRP F 170 -8.95 -12.69 25.53
N TRP F 171 -9.00 -14.02 25.66
CA TRP F 171 -10.23 -14.79 25.46
C TRP F 171 -11.08 -14.76 26.72
N TYR F 172 -11.45 -13.55 27.13
CA TYR F 172 -12.14 -13.32 28.39
C TYR F 172 -13.51 -13.96 28.42
N LYS F 173 -13.85 -14.47 29.60
CA LYS F 173 -15.17 -15.03 29.88
C LYS F 173 -15.79 -14.14 30.95
N ASN F 174 -15.69 -14.57 32.19
CA ASN F 174 -16.20 -13.77 33.29
C ASN F 174 -15.34 -13.87 34.56
N CYS F 175 -14.06 -13.47 34.50
CA CYS F 175 -13.43 -12.91 33.30
C CYS F 175 -12.19 -13.72 32.90
N HIS F 176 -11.33 -14.05 33.86
CA HIS F 176 -10.12 -14.78 33.51
C HIS F 176 -9.45 -15.57 34.62
N THR F 177 -8.55 -16.46 34.19
CA THR F 177 -7.63 -17.19 35.05
C THR F 177 -6.19 -16.98 34.54
N SER F 178 -6.06 -16.45 33.33
CA SER F 178 -4.80 -15.96 32.82
C SER F 178 -5.01 -14.64 32.08
N ASN F 179 -3.95 -13.82 32.02
CA ASN F 179 -4.04 -12.46 31.48
C ASN F 179 -2.64 -12.02 31.01
N LEU F 180 -2.03 -12.81 30.13
CA LEU F 180 -0.62 -12.64 29.81
C LEU F 180 -0.38 -11.42 28.95
N ASN F 181 -1.45 -10.87 28.39
CA ASN F 181 -1.37 -9.56 27.71
C ASN F 181 -1.75 -8.36 28.63
N GLY F 182 -1.73 -8.58 29.94
CA GLY F 182 -2.04 -7.50 30.87
C GLY F 182 -0.89 -6.52 31.10
N ARG F 183 -1.00 -5.66 32.10
CA ARG F 183 0.03 -4.65 32.33
C ARG F 183 1.28 -5.25 32.94
N TYR F 184 2.42 -4.67 32.62
CA TYR F 184 3.70 -5.15 33.11
C TYR F 184 3.95 -4.50 34.47
N LEU F 185 3.39 -5.11 35.51
CA LEU F 185 3.37 -4.48 36.84
C LEU F 185 4.55 -4.85 37.72
N ARG F 186 5.39 -5.78 37.27
CA ARG F 186 6.65 -6.04 37.95
C ARG F 186 6.53 -6.66 39.34
N GLY F 187 6.17 -7.94 39.40
CA GLY F 187 6.18 -8.66 40.66
C GLY F 187 4.86 -8.56 41.38
N THR F 188 4.90 -8.57 42.71
CA THR F 188 3.66 -8.47 43.49
C THR F 188 2.95 -7.12 43.33
N HIS F 189 1.63 -7.17 43.14
CA HIS F 189 0.81 -5.97 43.04
C HIS F 189 -0.50 -6.17 43.78
N GLY F 190 -0.90 -5.15 44.54
CA GLY F 190 -2.16 -5.19 45.27
C GLY F 190 -3.36 -5.19 44.34
N SER F 191 -3.26 -4.46 43.22
CA SER F 191 -4.34 -4.43 42.23
C SER F 191 -4.74 -5.83 41.77
N PHE F 192 -6.04 -6.06 41.63
CA PHE F 192 -6.54 -7.40 41.33
C PHE F 192 -6.46 -7.78 39.85
N ALA F 193 -5.57 -8.73 39.56
CA ALA F 193 -5.64 -9.49 38.31
C ALA F 193 -5.44 -8.69 37.02
N ASN F 194 -4.79 -7.53 37.10
CA ASN F 194 -4.60 -6.69 35.92
C ASN F 194 -3.17 -6.69 35.39
N GLY F 195 -2.33 -7.56 35.94
CA GLY F 195 -0.98 -7.70 35.41
C GLY F 195 -0.82 -8.93 34.53
N ILE F 196 0.44 -9.32 34.32
CA ILE F 196 0.77 -10.51 33.57
C ILE F 196 0.64 -11.72 34.49
N ASN F 197 -0.59 -12.21 34.58
CA ASN F 197 -0.97 -13.12 35.66
C ASN F 197 -1.40 -14.48 35.12
N TRP F 198 -1.03 -15.52 35.85
CA TRP F 198 -1.41 -16.89 35.55
C TRP F 198 -1.84 -17.45 36.89
N LYS F 199 -3.14 -17.58 37.10
CA LYS F 199 -3.68 -17.85 38.42
C LYS F 199 -3.01 -19.04 39.11
N SER F 200 -2.86 -20.15 38.39
CA SER F 200 -2.32 -21.38 39.00
C SER F 200 -0.81 -21.33 39.17
N GLY F 201 -0.17 -20.32 38.60
CA GLY F 201 1.28 -20.14 38.75
C GLY F 201 1.63 -19.31 39.97
N LYS F 202 1.58 -17.99 39.82
CA LYS F 202 1.95 -17.06 40.90
C LYS F 202 0.74 -16.23 41.35
N GLY F 203 -0.44 -16.55 40.82
CA GLY F 203 -1.67 -15.98 41.33
C GLY F 203 -2.12 -14.71 40.63
N TYR F 204 -3.17 -14.09 41.18
CA TYR F 204 -3.79 -12.92 40.57
C TYR F 204 -3.08 -11.62 40.92
N ASN F 205 -2.06 -11.72 41.78
CA ASN F 205 -1.40 -10.55 42.34
C ASN F 205 0.12 -10.65 42.19
N TYR F 206 0.55 -11.33 41.14
CA TYR F 206 1.96 -11.37 40.77
C TYR F 206 2.11 -11.31 39.25
N SER F 207 2.82 -10.29 38.78
CA SER F 207 3.02 -10.05 37.35
C SER F 207 4.43 -10.50 36.94
N TYR F 208 4.51 -11.48 36.04
CA TYR F 208 5.81 -12.09 35.68
C TYR F 208 6.75 -11.14 34.97
N LYS F 209 8.05 -11.47 35.02
CA LYS F 209 9.09 -10.71 34.35
C LYS F 209 9.14 -11.06 32.87
N VAL F 210 9.01 -12.35 32.59
CA VAL F 210 9.00 -12.83 31.21
C VAL F 210 7.77 -13.68 30.96
N SER F 211 7.15 -13.47 29.79
CA SER F 211 6.09 -14.32 29.29
C SER F 211 6.39 -14.61 27.81
N GLU F 212 6.29 -15.88 27.43
CA GLU F 212 6.33 -16.28 26.03
C GLU F 212 5.27 -17.34 25.74
N MET F 213 4.56 -17.16 24.63
CA MET F 213 3.61 -18.14 24.13
C MET F 213 4.09 -18.60 22.75
N LYS F 214 4.16 -19.92 22.55
CA LYS F 214 4.78 -20.45 21.34
C LYS F 214 4.13 -21.75 20.89
N VAL F 215 4.24 -22.05 19.59
CA VAL F 215 3.65 -23.27 19.03
C VAL F 215 4.62 -24.09 18.18
N ARG F 216 4.33 -25.38 18.06
CA ARG F 216 5.16 -26.33 17.32
C ARG F 216 4.24 -27.43 16.78
N PRO F 217 4.43 -27.83 15.51
CA PRO F 217 3.63 -28.93 14.97
C PRO F 217 3.69 -30.16 15.87
N ALA F 218 2.55 -30.80 16.11
CA ALA F 218 2.50 -31.95 17.01
C ALA F 218 3.06 -33.21 16.37
C1 NAG G . 5.16 34.61 -4.49
C2 NAG G . 5.98 34.71 -3.20
C3 NAG G . 6.08 36.16 -2.72
C4 NAG G . 6.57 37.05 -3.86
C5 NAG G . 5.62 36.83 -5.03
C6 NAG G . 5.79 37.76 -6.24
C7 NAG G . 5.99 32.73 -1.78
C8 NAG G . 5.21 31.83 -0.85
N2 NAG G . 5.42 33.89 -2.12
O3 NAG G . 6.91 36.24 -1.58
O4 NAG G . 6.49 38.41 -3.45
O5 NAG G . 5.74 35.48 -5.44
O6 NAG G . 5.03 37.25 -7.35
O7 NAG G . 7.09 32.35 -2.18
C1 NAG G . 7.78 39.03 -3.31
C2 NAG G . 7.59 40.55 -3.29
C3 NAG G . 8.92 41.25 -3.01
C4 NAG G . 9.53 40.67 -1.75
C5 NAG G . 9.68 39.16 -1.91
C6 NAG G . 10.30 38.55 -0.66
C7 NAG G . 5.83 41.38 -4.77
C8 NAG G . 5.44 41.67 -6.20
N2 NAG G . 7.10 41.01 -4.57
O3 NAG G . 8.72 42.63 -2.88
O4 NAG G . 10.80 41.25 -1.52
O5 NAG G . 8.42 38.56 -2.14
O6 NAG G . 10.41 37.16 -0.86
O7 NAG G . 5.00 41.50 -3.87
C1 BMA G . 10.77 42.01 -0.31
C2 BMA G . 12.18 42.15 0.27
C3 BMA G . 12.26 43.15 1.42
C4 BMA G . 11.37 44.39 1.24
C5 BMA G . 10.02 43.99 0.67
C6 BMA G . 9.08 45.17 0.43
O2 BMA G . 13.06 42.53 -0.76
O3 BMA G . 13.58 43.59 1.56
O4 BMA G . 11.20 44.99 2.51
O5 BMA G . 10.22 43.28 -0.54
O6 BMA G . 7.79 44.63 0.18
C1 MAN G . 6.86 45.66 -0.17
C2 MAN G . 5.54 45.00 -0.51
C3 MAN G . 5.72 44.10 -1.73
C4 MAN G . 6.20 45.00 -2.88
C5 MAN G . 7.49 45.69 -2.45
C6 MAN G . 8.02 46.61 -3.53
O2 MAN G . 4.55 45.96 -0.78
O3 MAN G . 4.49 43.45 -1.99
O4 MAN G . 6.46 44.28 -4.06
O5 MAN G . 7.28 46.46 -1.27
O6 MAN G . 9.34 46.94 -3.16
C1 FUC G . 3.72 37.85 -7.53
C2 FUC G . 3.12 37.44 -8.89
C3 FUC G . 2.72 35.98 -8.92
C4 FUC G . 1.84 35.59 -7.75
C5 FUC G . 2.44 36.14 -6.45
C6 FUC G . 1.51 35.87 -5.27
O2 FUC G . 4.07 37.64 -9.91
O3 FUC G . 2.07 35.67 -10.14
O4 FUC G . 0.52 36.06 -7.95
O5 FUC G . 2.76 37.53 -6.54
C1 NAG H . 49.66 -32.08 23.55
C2 NAG H . 51.13 -31.93 23.14
C3 NAG H . 51.77 -33.31 22.92
C4 NAG H . 51.50 -34.24 24.11
C5 NAG H . 49.99 -34.24 24.36
C6 NAG H . 49.57 -35.21 25.47
C7 NAG H . 51.58 -29.86 21.89
C8 NAG H . 51.30 -29.11 20.62
N2 NAG H . 51.24 -31.15 21.90
O3 NAG H . 53.15 -33.19 22.69
O4 NAG H . 51.93 -35.56 23.77
O5 NAG H . 49.60 -32.93 24.68
O6 NAG H . 48.14 -35.31 25.46
O7 NAG H . 52.10 -29.29 22.85
C1 NAG H . 53.10 -35.97 24.49
C2 NAG H . 53.19 -37.50 24.39
C3 NAG H . 54.50 -38.05 24.94
C4 NAG H . 55.67 -37.31 24.32
C5 NAG H . 55.47 -35.82 24.59
C6 NAG H . 56.68 -35.06 24.07
C7 NAG H . 51.04 -38.68 24.44
C8 NAG H . 49.93 -39.20 25.31
N2 NAG H . 52.06 -38.09 25.09
O3 NAG H . 54.59 -39.42 24.64
O4 NAG H . 56.90 -37.73 24.88
O5 NAG H . 54.28 -35.38 23.99
O6 NAG H . 56.45 -33.67 24.19
O7 NAG H . 51.00 -38.79 23.22
C2 P4C I . -7.27 5.18 -29.54
C3 P4C I . -5.78 5.40 -29.75
O4 P4C I . -5.04 4.66 -28.77
C5 P4C I . -3.82 4.12 -29.29
C6 P4C I . -3.27 3.11 -28.30
O7 P4C I . -3.23 3.71 -27.00
C8 P4C I . -2.70 2.81 -26.03
C9 P4C I . -2.75 3.46 -24.65
O10 P4C I . -4.10 3.50 -24.21
C11 P4C I . -4.21 3.65 -22.78
C12 P4C I . -5.66 3.72 -22.32
O13 P4C I . -6.37 4.66 -23.12
C14 P4C I . -7.74 4.80 -22.74
C15 P4C I . -8.20 4.90 -22.68
O16 P4C I . -9.35 5.71 -22.38
C17 P4C I . -10.59 4.89 -21.90
C18 P4C I . -11.75 5.01 -22.74
O19 P4C I . -13.12 4.79 -22.44
C ACT J . 8.73 27.29 -22.64
O ACT J . 9.93 27.39 -22.98
OXT ACT J . 8.32 28.14 -21.81
CH3 ACT J . 7.83 26.22 -23.18
CA CA K . 2.54 38.17 -20.69
O1 P4C L . -8.42 9.19 -32.45
C2 P4C L . -8.45 9.00 -31.23
C3 P4C L . -8.45 7.61 -30.57
O4 P4C L . -7.28 6.78 -30.85
C ACT M . -34.70 10.66 -52.17
O ACT M . -35.84 10.98 -51.76
OXT ACT M . -34.58 10.55 -53.41
CH3 ACT M . -33.54 10.40 -51.25
C ACT N . -23.07 16.30 -26.27
O ACT N . -23.12 15.09 -26.63
OXT ACT N . -23.49 17.18 -27.07
CH3 ACT N . -22.52 16.65 -24.92
CA CA O . -45.13 3.88 -48.54
CA CA P . 35.87 25.44 19.51
C3 P4C Q . 22.14 -4.13 27.88
O4 P4C Q . 21.12 -5.05 27.51
C5 P4C Q . 19.99 -4.41 26.65
C6 P4C Q . 18.67 -4.45 27.25
O7 P4C Q . 17.37 -4.42 26.67
C ACT R . 40.61 -24.84 39.58
O ACT R . 41.06 -25.60 38.70
OXT ACT R . 41.22 -24.86 40.67
CH3 ACT R . 39.41 -23.97 39.33
CA CA S . 37.87 -36.33 34.68
O1 P4C T . 21.60 -5.80 36.80
C2 P4C T . 22.61 -5.15 36.52
C3 P4C T . 22.72 -4.36 35.24
O4 P4C T . 24.07 -3.93 35.08
C5 P4C T . 24.23 -2.52 35.23
C6 P4C T . 25.71 -2.18 35.45
O7 P4C T . 26.45 -2.44 34.25
C8 P4C T . 27.68 -1.71 34.19
C9 P4C T . 28.51 -2.19 33.00
O10 P4C T . 27.71 -2.46 31.86
C11 P4C T . 28.34 -2.04 30.65
C12 P4C T . 28.03 -2.97 29.47
O13 P4C T . 26.67 -3.36 29.47
C14 P4C T . 26.16 -3.68 28.16
C15 P4C T . 27.26 -4.32 27.31
O16 P4C T . 26.69 -5.10 26.25
C17 P4C T . 27.66 -5.53 25.30
C ACT U . -11.36 -12.88 37.64
O ACT U . -12.13 -13.00 36.66
OXT ACT U . -10.27 -12.30 37.42
CH3 ACT U . -11.74 -13.39 38.99
C SC2 V . 13.17 -16.78 22.94
CB SC2 V . 15.23 -15.91 21.89
CT SC2 V . 15.67 -19.17 23.15
CA SC2 V . 14.64 -16.98 22.81
N SC2 V . 15.02 -18.32 22.37
OXT SC2 V . 12.42 -17.79 23.06
O SC2 V . 12.74 -15.60 22.94
OT SC2 V . 15.27 -19.88 23.93
CM SC2 V . 17.05 -18.78 23.64
SG SC2 V . 14.87 -16.26 20.15
CA CA W . -19.39 -8.09 28.44
#